data_6C70
#
_entry.id   6C70
#
_cell.length_a   1.000
_cell.length_b   1.000
_cell.length_c   1.000
_cell.angle_alpha   90.000
_cell.angle_beta   90.000
_cell.angle_gamma   90.000
#
_symmetry.space_group_name_H-M   'P 1'
#
_entity_poly.entity_id   1
_entity_poly.type   'polypeptide(L)'
_entity_poly.pdbx_seq_one_letter_code
;GPGRAKFKHQGLVADLLPNIRVMQGVGHFMFNYYSEGKKFPHRIYCIVTLLLLLLQYGMMAVNLMMESDDVDDLTANTIT
MLFFLHPIVKMIYFPVRSKIFYKTLAIWNNPNSHPLFAESNARFHALAITKMRRLLFCVAGATIFSVISWTGITFIEDSV
KRITDPETNETTIIPIPRLMIRTFYPFNAMSGAGHVFALIYQFYYLVISMAVSNSLDVLFCSWLLFACEQLQHLKAIMKP
LMELSATLDTVVPNSGELFKAGSADHLRESQGVQPSGNGDNVLDVDLRGIYSNRQDFTATFRPTAGTTFNGGVGPNGLTK
KQEMLVRSAIKYWVERHKHVVRLVTAVGDAYGVALLLHMLTTTITLTLLAYQATKVNGVNVYAATVIGYLLYTLGQVFLF
CIFGNRLIEESSSVMEAAYSCHWYDGSEEAKTFVQIVCQQCQKAMSISGAKFFTVSLDLFASVLGAVVTYFMVLVQLK
;
_entity_poly.pdbx_strand_id   A,B,C,D
#
# COMPACT_ATOMS: atom_id res chain seq x y z
N PHE A 7 -41.87 19.61 14.71
CA PHE A 7 -42.81 18.57 15.10
C PHE A 7 -42.50 17.30 14.33
N LYS A 8 -43.05 17.18 13.14
CA LYS A 8 -42.67 16.14 12.20
C LYS A 8 -41.38 16.52 11.50
N HIS A 9 -40.72 15.53 10.93
CA HIS A 9 -39.38 15.70 10.39
C HIS A 9 -39.36 15.20 8.95
N GLN A 10 -38.72 15.97 8.07
CA GLN A 10 -38.95 15.86 6.64
C GLN A 10 -38.15 14.75 5.98
N GLY A 11 -37.59 13.82 6.74
CA GLY A 11 -36.65 12.92 6.11
C GLY A 11 -35.78 12.13 7.05
N LEU A 12 -34.46 12.26 6.86
CA LEU A 12 -33.48 11.47 7.59
C LEU A 12 -33.52 11.74 9.09
N VAL A 13 -33.93 12.94 9.48
CA VAL A 13 -34.11 13.24 10.90
C VAL A 13 -35.22 12.38 11.48
N ALA A 14 -36.28 12.17 10.71
CA ALA A 14 -37.33 11.25 11.12
C ALA A 14 -36.89 9.79 11.11
N ASP A 15 -35.70 9.49 10.58
CA ASP A 15 -35.17 8.14 10.64
C ASP A 15 -34.32 7.90 11.86
N LEU A 16 -33.55 8.89 12.31
CA LEU A 16 -32.71 8.71 13.48
C LEU A 16 -33.35 9.26 14.74
N LEU A 17 -34.68 9.23 14.82
CA LEU A 17 -35.36 9.78 15.99
C LEU A 17 -35.02 9.13 17.33
N PRO A 18 -34.78 7.81 17.46
CA PRO A 18 -34.18 7.36 18.72
C PRO A 18 -32.77 7.86 18.91
N ASN A 19 -32.00 7.95 17.84
CA ASN A 19 -30.61 8.32 17.98
C ASN A 19 -30.42 9.79 18.25
N ILE A 20 -31.43 10.61 17.98
CA ILE A 20 -31.30 12.03 18.24
C ILE A 20 -31.78 12.38 19.65
N ARG A 21 -32.87 11.77 20.10
CA ARG A 21 -33.40 12.04 21.44
C ARG A 21 -32.41 11.63 22.50
N VAL A 22 -31.71 10.51 22.29
CA VAL A 22 -30.65 10.10 23.20
C VAL A 22 -29.52 11.10 23.18
N MET A 23 -29.21 11.63 22.00
CA MET A 23 -28.12 12.58 21.86
C MET A 23 -28.46 13.90 22.54
N GLN A 24 -29.69 14.36 22.40
CA GLN A 24 -30.12 15.55 23.12
C GLN A 24 -30.33 15.24 24.59
N GLY A 25 -30.76 14.03 24.90
CA GLY A 25 -30.99 13.67 26.30
C GLY A 25 -29.70 13.53 27.07
N VAL A 26 -28.64 13.05 26.42
CA VAL A 26 -27.39 12.86 27.14
C VAL A 26 -26.66 14.19 27.30
N GLY A 27 -26.89 15.15 26.42
CA GLY A 27 -26.31 16.45 26.64
C GLY A 27 -25.52 17.05 25.51
N HIS A 28 -25.52 16.46 24.32
CA HIS A 28 -24.94 17.16 23.17
C HIS A 28 -25.74 18.41 22.87
N PHE A 29 -25.04 19.45 22.42
CA PHE A 29 -25.69 20.75 22.26
C PHE A 29 -26.41 20.74 20.91
N MET A 30 -27.50 19.97 20.87
CA MET A 30 -28.24 19.70 19.64
C MET A 30 -29.62 20.33 19.82
N PHE A 31 -29.81 21.49 19.23
CA PHE A 31 -30.88 22.38 19.64
C PHE A 31 -31.85 22.67 18.50
N ASN A 32 -32.13 21.69 17.65
CA ASN A 32 -32.85 22.06 16.44
C ASN A 32 -33.89 21.02 16.02
N TYR A 33 -34.19 20.03 16.84
CA TYR A 33 -35.10 19.00 16.35
C TYR A 33 -36.22 18.73 17.33
N TYR A 34 -36.74 19.79 17.93
CA TYR A 34 -37.87 19.72 18.84
C TYR A 34 -38.47 21.11 18.92
N SER A 35 -39.37 21.31 19.88
CA SER A 35 -40.11 22.55 19.95
C SER A 35 -39.24 23.67 20.49
N GLU A 36 -39.48 24.88 19.97
CA GLU A 36 -38.76 26.05 20.47
C GLU A 36 -39.19 26.39 21.88
N GLY A 37 -40.39 25.95 22.27
CA GLY A 37 -40.84 26.04 23.64
C GLY A 37 -40.35 24.92 24.53
N LYS A 38 -39.22 24.30 24.17
CA LYS A 38 -38.50 23.42 25.05
C LYS A 38 -37.00 23.70 25.07
N LYS A 39 -36.51 24.67 24.31
CA LYS A 39 -35.07 24.80 24.14
C LYS A 39 -34.41 25.39 25.38
N PHE A 40 -34.95 26.48 25.89
CA PHE A 40 -34.34 27.20 27.00
C PHE A 40 -34.23 26.39 28.31
N PRO A 41 -35.20 25.54 28.71
CA PRO A 41 -34.89 24.62 29.80
C PRO A 41 -33.91 23.54 29.42
N HIS A 42 -33.73 23.29 28.13
CA HIS A 42 -32.80 22.24 27.70
C HIS A 42 -31.41 22.80 27.49
N ARG A 43 -31.29 24.06 27.09
CA ARG A 43 -29.97 24.65 26.89
C ARG A 43 -29.26 24.86 28.21
N ILE A 44 -30.01 25.05 29.29
CA ILE A 44 -29.38 25.15 30.61
C ILE A 44 -28.93 23.78 31.07
N TYR A 45 -29.70 22.74 30.73
CA TYR A 45 -29.33 21.37 31.05
C TYR A 45 -28.03 20.97 30.38
N CYS A 46 -27.82 21.43 29.15
CA CYS A 46 -26.62 21.06 28.43
C CYS A 46 -25.38 21.75 29.00
N ILE A 47 -25.54 22.98 29.50
CA ILE A 47 -24.41 23.69 30.07
C ILE A 47 -24.00 23.10 31.40
N VAL A 48 -24.97 22.71 32.22
CA VAL A 48 -24.62 22.21 33.54
C VAL A 48 -24.04 20.81 33.49
N THR A 49 -24.40 20.00 32.50
CA THR A 49 -23.80 18.68 32.36
C THR A 49 -22.34 18.78 32.01
N LEU A 50 -22.01 19.66 31.05
CA LEU A 50 -20.62 19.91 30.70
C LEU A 50 -19.85 20.47 31.88
N LEU A 51 -20.51 21.28 32.70
CA LEU A 51 -19.88 21.73 33.93
C LEU A 51 -19.67 20.58 34.89
N LEU A 52 -20.63 19.65 34.93
CA LEU A 52 -20.44 18.45 35.73
C LEU A 52 -19.42 17.52 35.11
N LEU A 53 -19.28 17.56 33.78
CA LEU A 53 -18.20 16.84 33.14
C LEU A 53 -16.85 17.46 33.48
N LEU A 54 -16.73 18.76 33.29
CA LEU A 54 -15.44 19.41 33.42
C LEU A 54 -14.98 19.52 34.87
N LEU A 55 -15.90 19.47 35.83
CA LEU A 55 -15.49 19.40 37.23
C LEU A 55 -14.80 18.08 37.54
N GLN A 56 -15.50 16.97 37.27
CA GLN A 56 -14.97 15.65 37.56
C GLN A 56 -13.72 15.35 36.77
N TYR A 57 -13.70 15.74 35.49
CA TYR A 57 -12.50 15.57 34.69
C TYR A 57 -11.38 16.49 35.17
N GLY A 58 -11.74 17.66 35.69
CA GLY A 58 -10.74 18.54 36.24
C GLY A 58 -10.15 18.03 37.53
N MET A 59 -10.93 17.29 38.31
CA MET A 59 -10.41 16.69 39.53
C MET A 59 -9.58 15.44 39.26
N MET A 60 -9.47 15.00 38.02
CA MET A 60 -8.60 13.88 37.74
C MET A 60 -7.17 14.33 37.54
N ALA A 61 -6.98 15.56 37.08
CA ALA A 61 -5.64 16.09 36.90
C ALA A 61 -4.96 16.29 38.24
N VAL A 62 -5.72 16.73 39.25
CA VAL A 62 -5.14 16.91 40.58
C VAL A 62 -4.88 15.56 41.23
N ASN A 63 -5.59 14.51 40.81
CA ASN A 63 -5.10 13.17 41.11
C ASN A 63 -3.81 12.92 40.36
N LEU A 64 -3.82 13.20 39.05
CA LEU A 64 -2.70 12.86 38.18
C LEU A 64 -1.45 13.65 38.53
N MET A 65 -1.60 14.95 38.75
CA MET A 65 -0.44 15.78 39.01
C MET A 65 0.14 15.51 40.39
N MET A 66 -0.71 15.25 41.38
CA MET A 66 -0.18 15.00 42.71
C MET A 66 0.35 13.58 42.84
N GLU A 67 -0.26 12.62 42.15
CA GLU A 67 0.31 11.28 42.07
C GLU A 67 1.17 11.13 40.83
N SER A 68 2.17 11.98 40.70
CA SER A 68 3.11 11.92 39.60
C SER A 68 4.43 11.26 39.98
N ASP A 69 4.59 10.90 41.25
CA ASP A 69 5.87 10.34 41.67
C ASP A 69 5.93 8.85 41.33
N ASP A 70 4.78 8.18 41.31
CA ASP A 70 4.72 6.81 40.88
C ASP A 70 4.62 6.75 39.35
N VAL A 71 5.44 5.91 38.73
CA VAL A 71 5.39 5.77 37.29
C VAL A 71 4.19 4.93 36.87
N ASP A 72 3.86 3.90 37.65
CA ASP A 72 2.70 3.08 37.32
C ASP A 72 1.41 3.84 37.55
N ASP A 73 1.29 4.53 38.69
CA ASP A 73 0.12 5.37 38.92
C ASP A 73 0.12 6.62 38.06
N LEU A 74 1.25 7.00 37.49
CA LEU A 74 1.20 7.97 36.40
C LEU A 74 0.44 7.39 35.22
N THR A 75 0.91 6.25 34.71
CA THR A 75 0.34 5.68 33.50
C THR A 75 -1.06 5.16 33.72
N ALA A 76 -1.39 4.70 34.92
CA ALA A 76 -2.73 4.24 35.21
C ALA A 76 -3.72 5.39 35.15
N ASN A 77 -3.40 6.48 35.84
CA ASN A 77 -4.25 7.66 35.77
C ASN A 77 -4.14 8.39 34.44
N THR A 78 -3.06 8.15 33.69
CA THR A 78 -2.94 8.77 32.37
C THR A 78 -3.96 8.21 31.41
N ILE A 79 -4.15 6.88 31.44
CA ILE A 79 -5.09 6.24 30.55
C ILE A 79 -6.50 6.67 30.87
N THR A 80 -6.86 6.64 32.16
CA THR A 80 -8.20 7.01 32.60
C THR A 80 -8.52 8.45 32.27
N MET A 81 -7.53 9.32 32.30
CA MET A 81 -7.78 10.68 31.86
C MET A 81 -7.85 10.75 30.34
N LEU A 82 -7.01 9.97 29.65
CA LEU A 82 -7.11 9.87 28.20
C LEU A 82 -8.33 9.08 27.75
N PHE A 83 -8.82 8.17 28.60
CA PHE A 83 -10.06 7.48 28.28
C PHE A 83 -11.21 8.45 28.22
N PHE A 84 -11.37 9.25 29.27
CA PHE A 84 -12.44 10.22 29.32
C PHE A 84 -12.09 11.50 28.60
N LEU A 85 -11.00 11.53 27.86
CA LEU A 85 -10.73 12.66 26.99
C LEU A 85 -11.55 12.57 25.70
N HIS A 86 -12.01 11.38 25.30
CA HIS A 86 -12.94 11.31 24.18
C HIS A 86 -14.25 12.04 24.44
N PRO A 87 -15.03 11.74 25.49
CA PRO A 87 -16.35 12.37 25.57
C PRO A 87 -16.32 13.82 25.99
N ILE A 88 -15.14 14.40 26.18
CA ILE A 88 -15.02 15.84 26.27
C ILE A 88 -14.89 16.45 24.91
N VAL A 89 -14.08 15.85 24.04
CA VAL A 89 -13.82 16.41 22.73
C VAL A 89 -15.05 16.30 21.85
N LYS A 90 -15.71 15.14 21.88
CA LYS A 90 -16.94 14.96 21.12
C LYS A 90 -18.07 15.81 21.68
N MET A 91 -18.03 16.09 22.97
CA MET A 91 -18.98 17.02 23.59
C MET A 91 -18.83 18.41 23.02
N ILE A 92 -17.60 18.79 22.69
CA ILE A 92 -17.30 20.12 22.20
C ILE A 92 -17.13 20.13 20.68
N TYR A 93 -16.90 18.96 20.07
CA TYR A 93 -16.86 18.92 18.60
C TYR A 93 -18.22 19.21 18.00
N PHE A 94 -19.28 18.75 18.64
CA PHE A 94 -20.62 18.93 18.11
C PHE A 94 -21.06 20.40 18.01
N PRO A 95 -20.88 21.28 19.02
CA PRO A 95 -21.37 22.65 18.83
C PRO A 95 -20.43 23.48 17.99
N VAL A 96 -19.16 23.11 17.99
CA VAL A 96 -18.19 23.87 17.20
C VAL A 96 -18.38 23.56 15.72
N ARG A 97 -18.23 22.30 15.36
CA ARG A 97 -18.49 21.87 14.00
C ARG A 97 -19.97 21.45 13.99
N SER A 98 -20.84 22.46 13.91
CA SER A 98 -22.25 22.24 14.15
C SER A 98 -23.10 22.33 12.89
N LYS A 99 -22.88 23.34 12.07
CA LYS A 99 -23.74 23.60 10.92
C LYS A 99 -23.64 22.51 9.89
N ILE A 100 -22.50 21.82 9.82
CA ILE A 100 -22.36 20.76 8.85
C ILE A 100 -23.12 19.53 9.31
N PHE A 101 -23.22 19.32 10.62
CA PHE A 101 -24.06 18.24 11.15
C PHE A 101 -25.52 18.46 10.79
N TYR A 102 -26.02 19.69 10.91
CA TYR A 102 -27.39 19.92 10.52
C TYR A 102 -27.56 19.88 9.01
N LYS A 103 -26.48 20.14 8.27
CA LYS A 103 -26.53 20.03 6.83
C LYS A 103 -26.67 18.57 6.40
N THR A 104 -25.94 17.67 7.05
CA THR A 104 -26.02 16.26 6.71
C THR A 104 -27.38 15.69 7.09
N LEU A 105 -27.90 16.07 8.25
CA LEU A 105 -29.19 15.57 8.67
C LEU A 105 -30.32 16.12 7.83
N ALA A 106 -30.11 17.28 7.21
CA ALA A 106 -31.08 17.83 6.29
C ALA A 106 -30.71 17.59 4.85
N ILE A 107 -29.78 16.68 4.58
CA ILE A 107 -29.39 16.46 3.19
C ILE A 107 -30.42 15.59 2.49
N TRP A 108 -31.28 14.90 3.24
CA TRP A 108 -32.17 13.92 2.66
C TRP A 108 -33.60 14.44 2.53
N ASN A 109 -33.85 15.69 2.93
CA ASN A 109 -35.23 16.14 3.04
C ASN A 109 -35.91 16.42 1.70
N ASN A 110 -35.21 16.24 0.59
CA ASN A 110 -35.85 16.16 -0.73
C ASN A 110 -35.20 15.01 -1.49
N PRO A 111 -35.62 13.78 -1.24
CA PRO A 111 -35.04 12.65 -1.94
C PRO A 111 -35.59 12.56 -3.36
N ASN A 112 -34.90 11.78 -4.17
CA ASN A 112 -35.36 11.53 -5.52
C ASN A 112 -36.29 10.33 -5.53
N SER A 113 -37.27 10.35 -6.42
CA SER A 113 -38.27 9.29 -6.44
C SER A 113 -38.74 9.03 -7.87
N HIS A 114 -38.94 7.75 -8.18
CA HIS A 114 -39.42 7.32 -9.47
C HIS A 114 -40.74 6.58 -9.29
N PRO A 115 -41.74 6.83 -10.14
CA PRO A 115 -43.13 6.51 -9.79
C PRO A 115 -43.46 5.05 -9.59
N LEU A 116 -43.25 4.18 -10.57
CA LEU A 116 -43.71 2.80 -10.36
C LEU A 116 -42.63 1.94 -9.73
N PHE A 117 -41.41 2.46 -9.63
CA PHE A 117 -40.28 1.67 -9.16
C PHE A 117 -39.74 2.15 -7.83
N ALA A 118 -40.57 2.84 -7.05
CA ALA A 118 -40.26 3.09 -5.65
C ALA A 118 -40.67 1.92 -4.77
N GLU A 119 -41.15 0.83 -5.36
CA GLU A 119 -41.47 -0.38 -4.61
C GLU A 119 -40.25 -0.98 -3.95
N SER A 120 -39.05 -0.72 -4.47
CA SER A 120 -37.82 -1.09 -3.80
C SER A 120 -37.22 0.06 -3.00
N ASN A 121 -37.81 1.24 -3.04
CA ASN A 121 -37.32 2.31 -2.19
C ASN A 121 -37.72 2.06 -0.75
N ALA A 122 -39.02 1.89 -0.51
CA ALA A 122 -39.51 1.69 0.84
C ALA A 122 -39.14 0.33 1.38
N ARG A 123 -38.79 -0.63 0.51
CA ARG A 123 -38.28 -1.90 0.99
C ARG A 123 -36.93 -1.74 1.66
N PHE A 124 -36.10 -0.82 1.17
CA PHE A 124 -34.82 -0.54 1.78
C PHE A 124 -34.84 0.70 2.65
N HIS A 125 -35.87 1.54 2.54
CA HIS A 125 -35.98 2.67 3.45
C HIS A 125 -36.23 2.19 4.86
N ALA A 126 -37.29 1.41 5.07
CA ALA A 126 -37.57 0.88 6.39
C ALA A 126 -36.58 -0.19 6.81
N LEU A 127 -35.87 -0.81 5.86
CA LEU A 127 -34.82 -1.74 6.23
C LEU A 127 -33.66 -1.02 6.89
N ALA A 128 -33.39 0.22 6.47
CA ALA A 128 -32.37 1.00 7.14
C ALA A 128 -32.78 1.34 8.56
N ILE A 129 -34.02 1.81 8.72
CA ILE A 129 -34.52 2.35 9.98
C ILE A 129 -34.54 1.28 11.07
N THR A 130 -34.75 0.02 10.69
CA THR A 130 -34.56 -1.07 11.65
C THR A 130 -33.12 -1.15 12.11
N LYS A 131 -32.20 -1.33 11.15
CA LYS A 131 -30.80 -1.54 11.48
C LYS A 131 -30.15 -0.28 12.05
N MET A 132 -30.68 0.89 11.73
CA MET A 132 -30.21 2.09 12.39
C MET A 132 -30.71 2.14 13.82
N ARG A 133 -31.91 1.64 14.08
CA ARG A 133 -32.37 1.52 15.46
C ARG A 133 -31.83 0.26 16.11
N ARG A 134 -31.50 -0.76 15.32
CA ARG A 134 -30.91 -1.96 15.89
C ARG A 134 -29.50 -1.70 16.37
N LEU A 135 -28.77 -0.83 15.66
CA LEU A 135 -27.41 -0.51 16.05
C LEU A 135 -27.37 0.26 17.36
N LEU A 136 -28.28 1.23 17.50
CA LEU A 136 -28.36 2.00 18.73
C LEU A 136 -28.72 1.13 19.91
N PHE A 137 -29.56 0.12 19.70
CA PHE A 137 -29.92 -0.76 20.80
C PHE A 137 -28.78 -1.70 21.12
N CYS A 138 -27.88 -1.92 20.17
CA CYS A 138 -26.70 -2.74 20.46
C CYS A 138 -25.61 -1.93 21.14
N VAL A 139 -25.30 -0.75 20.61
CA VAL A 139 -24.12 -0.02 21.07
C VAL A 139 -24.35 0.58 22.43
N ALA A 140 -25.42 1.38 22.56
CA ALA A 140 -25.70 2.05 23.82
C ALA A 140 -26.06 1.06 24.93
N GLY A 141 -26.62 -0.09 24.56
CA GLY A 141 -26.78 -1.15 25.53
C GLY A 141 -25.47 -1.75 25.96
N ALA A 142 -24.50 -1.85 25.03
CA ALA A 142 -23.20 -2.37 25.39
C ALA A 142 -22.43 -1.39 26.28
N THR A 143 -22.70 -0.09 26.13
CA THR A 143 -22.09 0.89 27.02
C THR A 143 -22.66 0.77 28.42
N ILE A 144 -23.98 0.59 28.52
CA ILE A 144 -24.61 0.37 29.81
C ILE A 144 -24.10 -0.92 30.45
N PHE A 145 -23.83 -1.93 29.61
CA PHE A 145 -23.09 -3.09 30.09
C PHE A 145 -21.70 -2.69 30.56
N SER A 146 -21.03 -1.85 29.79
CA SER A 146 -19.71 -1.43 30.21
C SER A 146 -19.76 -0.40 31.32
N VAL A 147 -20.90 0.25 31.54
CA VAL A 147 -21.09 1.04 32.74
C VAL A 147 -21.09 0.13 33.97
N ILE A 148 -21.89 -0.93 33.91
CA ILE A 148 -21.91 -1.93 34.98
C ILE A 148 -20.57 -2.64 35.08
N SER A 149 -19.88 -2.82 33.96
CA SER A 149 -18.61 -3.53 33.95
C SER A 149 -17.47 -2.72 34.54
N TRP A 150 -17.66 -1.44 34.86
CA TRP A 150 -16.69 -0.75 35.68
C TRP A 150 -17.17 -0.55 37.10
N THR A 151 -18.48 -0.69 37.36
CA THR A 151 -18.97 -0.63 38.74
C THR A 151 -18.70 -1.92 39.48
N GLY A 152 -18.93 -3.06 38.83
CA GLY A 152 -18.75 -4.34 39.49
C GLY A 152 -17.30 -4.62 39.83
N ILE A 153 -16.37 -4.09 39.04
CA ILE A 153 -14.97 -4.28 39.34
C ILE A 153 -14.53 -3.37 40.46
N THR A 154 -15.25 -2.27 40.68
CA THR A 154 -14.92 -1.36 41.77
C THR A 154 -15.13 -2.03 43.13
N PHE A 155 -16.23 -2.74 43.28
CA PHE A 155 -16.60 -3.28 44.57
C PHE A 155 -15.90 -4.60 44.90
N ILE A 156 -15.01 -5.09 44.05
CA ILE A 156 -14.39 -6.37 44.30
C ILE A 156 -12.89 -6.23 44.55
N GLU A 157 -12.43 -5.04 44.91
CA GLU A 157 -11.02 -4.84 45.17
C GLU A 157 -10.85 -3.66 46.11
N ASP A 158 -9.79 -3.71 46.91
CA ASP A 158 -9.38 -2.57 47.70
C ASP A 158 -7.87 -2.63 47.91
N SER A 159 -7.31 -1.49 48.29
CA SER A 159 -5.86 -1.36 48.47
C SER A 159 -5.51 -0.28 49.48
N PRO A 175 -3.97 2.28 52.21
CA PRO A 175 -5.41 2.25 51.97
C PRO A 175 -5.84 3.22 50.88
N ILE A 176 -6.85 2.87 50.12
CA ILE A 176 -7.34 3.70 49.02
C ILE A 176 -8.80 4.05 49.30
N PRO A 177 -9.33 5.14 48.75
CA PRO A 177 -10.77 5.38 48.85
C PRO A 177 -11.53 4.53 47.85
N ARG A 178 -12.63 3.93 48.31
CA ARG A 178 -13.42 3.07 47.45
C ARG A 178 -14.17 3.94 46.44
N LEU A 179 -13.59 4.10 45.27
CA LEU A 179 -14.11 5.03 44.27
C LEU A 179 -14.24 4.33 42.94
N MET A 180 -15.18 4.81 42.14
CA MET A 180 -15.34 4.30 40.79
C MET A 180 -14.17 4.72 39.92
N ILE A 181 -13.82 6.00 39.97
CA ILE A 181 -12.66 6.55 39.29
C ILE A 181 -11.79 7.20 40.32
N ARG A 182 -10.51 6.85 40.34
CA ARG A 182 -9.60 7.41 41.34
C ARG A 182 -9.36 8.88 41.07
N THR A 183 -9.81 9.73 41.99
CA THR A 183 -9.58 11.17 41.89
C THR A 183 -9.67 11.84 43.26
N PHE A 184 -8.95 12.94 43.37
CA PHE A 184 -8.91 13.75 44.57
C PHE A 184 -10.24 14.45 44.79
N TYR A 185 -10.56 14.73 46.05
CA TYR A 185 -11.70 15.55 46.38
C TYR A 185 -11.34 16.51 47.50
N PRO A 186 -11.97 17.68 47.54
CA PRO A 186 -11.75 18.58 48.68
C PRO A 186 -12.28 18.02 49.97
N PHE A 187 -13.33 17.21 49.90
CA PHE A 187 -13.78 16.42 51.03
C PHE A 187 -13.13 15.05 50.95
N ASN A 188 -13.48 14.21 51.92
CA ASN A 188 -12.86 12.90 52.01
C ASN A 188 -13.79 11.79 51.55
N ALA A 189 -13.18 10.69 51.09
CA ALA A 189 -13.92 9.51 50.69
C ALA A 189 -13.49 8.26 51.43
N MET A 190 -12.19 8.08 51.68
CA MET A 190 -11.73 6.92 52.43
C MET A 190 -12.09 7.03 53.90
N SER A 191 -12.33 8.24 54.39
CA SER A 191 -12.78 8.44 55.76
C SER A 191 -14.18 9.02 55.87
N GLY A 192 -14.62 9.85 54.93
CA GLY A 192 -16.00 10.30 54.94
C GLY A 192 -16.91 9.25 54.34
N ALA A 193 -17.79 8.70 55.17
CA ALA A 193 -18.78 7.72 54.72
C ALA A 193 -19.87 8.35 53.87
N GLY A 194 -19.93 9.67 53.78
CA GLY A 194 -20.76 10.37 52.84
C GLY A 194 -20.23 10.40 51.42
N HIS A 195 -19.25 9.56 51.09
CA HIS A 195 -18.74 9.43 49.73
C HIS A 195 -19.68 8.67 48.81
N VAL A 196 -20.83 8.23 49.33
CA VAL A 196 -21.88 7.67 48.48
C VAL A 196 -22.39 8.75 47.54
N PHE A 197 -22.33 10.02 47.96
CA PHE A 197 -22.57 11.12 47.04
C PHE A 197 -21.54 11.14 45.92
N ALA A 198 -20.29 10.79 46.21
CA ALA A 198 -19.28 10.81 45.17
C ALA A 198 -19.46 9.67 44.19
N LEU A 199 -19.85 8.49 44.70
CA LEU A 199 -20.03 7.35 43.82
C LEU A 199 -21.21 7.54 42.90
N ILE A 200 -22.32 8.07 43.42
CA ILE A 200 -23.45 8.39 42.56
C ILE A 200 -23.10 9.52 41.61
N TYR A 201 -22.20 10.42 42.03
CA TYR A 201 -21.72 11.42 41.09
C TYR A 201 -20.85 10.79 40.01
N GLN A 202 -19.97 9.87 40.39
CA GLN A 202 -19.13 9.23 39.39
C GLN A 202 -19.90 8.25 38.53
N PHE A 203 -20.90 7.58 39.10
CA PHE A 203 -21.76 6.71 38.30
C PHE A 203 -22.53 7.51 37.28
N TYR A 204 -22.98 8.70 37.65
CA TYR A 204 -23.60 9.59 36.68
C TYR A 204 -22.57 10.06 35.68
N TYR A 205 -21.37 10.38 36.13
CA TYR A 205 -20.31 10.82 35.25
C TYR A 205 -19.94 9.74 34.26
N LEU A 206 -19.75 8.52 34.75
CA LEU A 206 -19.35 7.44 33.88
C LEU A 206 -20.47 7.01 32.96
N VAL A 207 -21.72 7.14 33.38
CA VAL A 207 -22.79 6.79 32.45
C VAL A 207 -23.03 7.93 31.48
N ILE A 208 -22.68 9.15 31.82
CA ILE A 208 -22.92 10.20 30.85
C ILE A 208 -21.77 10.30 29.88
N SER A 209 -20.54 9.97 30.32
CA SER A 209 -19.39 10.09 29.43
C SER A 209 -19.42 8.99 28.39
N MET A 210 -19.64 7.76 28.83
CA MET A 210 -19.65 6.64 27.92
C MET A 210 -20.89 6.60 27.06
N ALA A 211 -21.86 7.46 27.32
CA ALA A 211 -22.96 7.59 26.37
C ALA A 211 -22.76 8.77 25.43
N VAL A 212 -22.30 9.91 25.94
CA VAL A 212 -22.21 11.11 25.11
C VAL A 212 -21.11 10.99 24.08
N SER A 213 -20.12 10.12 24.31
CA SER A 213 -19.20 9.74 23.24
C SER A 213 -19.86 8.77 22.29
N ASN A 214 -20.45 7.72 22.83
CA ASN A 214 -21.03 6.67 22.03
C ASN A 214 -22.35 7.08 21.39
N SER A 215 -22.95 8.19 21.82
CA SER A 215 -24.09 8.69 21.08
C SER A 215 -23.64 9.30 19.77
N LEU A 216 -22.61 10.13 19.81
CA LEU A 216 -22.18 10.83 18.60
C LEU A 216 -21.50 9.89 17.63
N ASP A 217 -20.82 8.87 18.13
CA ASP A 217 -20.18 7.88 17.26
C ASP A 217 -21.22 7.12 16.46
N VAL A 218 -22.33 6.76 17.09
CA VAL A 218 -23.40 6.04 16.40
C VAL A 218 -24.07 6.92 15.36
N LEU A 219 -24.16 8.23 15.62
CA LEU A 219 -24.71 9.17 14.64
C LEU A 219 -23.91 9.17 13.34
N PHE A 220 -22.58 9.19 13.46
CA PHE A 220 -21.73 8.91 12.32
C PHE A 220 -21.99 7.52 11.80
N CYS A 221 -22.06 6.56 12.69
CA CYS A 221 -22.04 5.18 12.24
C CYS A 221 -23.42 4.71 11.81
N SER A 222 -24.46 5.52 12.02
CA SER A 222 -25.76 5.25 11.43
C SER A 222 -25.96 5.94 10.11
N TRP A 223 -25.24 7.04 9.88
CA TRP A 223 -25.23 7.67 8.56
C TRP A 223 -24.69 6.72 7.50
N LEU A 224 -23.56 6.09 7.78
CA LEU A 224 -22.98 5.15 6.84
C LEU A 224 -23.85 3.93 6.67
N LEU A 225 -24.56 3.55 7.72
CA LEU A 225 -25.51 2.46 7.60
C LEU A 225 -26.70 2.89 6.76
N PHE A 226 -27.04 4.17 6.77
CA PHE A 226 -28.11 4.62 5.90
C PHE A 226 -27.69 4.56 4.45
N ALA A 227 -26.52 5.09 4.13
CA ALA A 227 -26.06 5.08 2.76
C ALA A 227 -25.71 3.69 2.27
N CYS A 228 -25.33 2.78 3.16
CA CYS A 228 -25.04 1.41 2.74
C CYS A 228 -26.30 0.73 2.25
N GLU A 229 -27.36 0.74 3.06
CA GLU A 229 -28.63 0.25 2.57
C GLU A 229 -29.26 1.15 1.52
N GLN A 230 -28.80 2.39 1.40
CA GLN A 230 -29.28 3.16 0.28
C GLN A 230 -28.58 2.71 -1.00
N LEU A 231 -27.31 2.34 -0.90
CA LEU A 231 -26.65 1.71 -2.03
C LEU A 231 -27.20 0.32 -2.29
N GLN A 232 -27.55 -0.41 -1.23
CA GLN A 232 -28.10 -1.75 -1.40
C GLN A 232 -29.44 -1.69 -2.10
N HIS A 233 -30.21 -0.63 -1.85
CA HIS A 233 -31.34 -0.29 -2.71
C HIS A 233 -30.91 -0.08 -4.14
N LEU A 234 -29.89 0.74 -4.32
CA LEU A 234 -29.43 1.12 -5.64
C LEU A 234 -28.74 -0.02 -6.37
N LYS A 235 -28.35 -1.08 -5.67
CA LYS A 235 -28.00 -2.32 -6.35
C LYS A 235 -29.21 -2.89 -7.06
N ALA A 236 -30.28 -3.13 -6.31
CA ALA A 236 -31.38 -3.95 -6.76
C ALA A 236 -32.28 -3.26 -7.76
N ILE A 237 -32.06 -1.98 -8.05
CA ILE A 237 -32.79 -1.37 -9.15
C ILE A 237 -32.23 -1.86 -10.47
N MET A 238 -30.97 -2.26 -10.48
CA MET A 238 -30.21 -2.40 -11.72
C MET A 238 -30.73 -3.52 -12.61
N LYS A 239 -31.25 -4.58 -12.02
CA LYS A 239 -31.84 -5.63 -12.85
C LYS A 239 -33.22 -5.20 -13.37
N PRO A 240 -34.15 -4.66 -12.58
CA PRO A 240 -35.38 -4.16 -13.22
C PRO A 240 -35.21 -2.93 -14.07
N LEU A 241 -34.16 -2.15 -13.84
CA LEU A 241 -33.90 -1.03 -14.75
C LEU A 241 -33.51 -1.54 -16.12
N MET A 242 -32.65 -2.54 -16.16
CA MET A 242 -32.10 -2.97 -17.43
C MET A 242 -33.11 -3.76 -18.25
N GLU A 243 -34.11 -4.35 -17.60
CA GLU A 243 -35.17 -4.99 -18.35
C GLU A 243 -36.06 -3.99 -19.06
N LEU A 244 -36.02 -2.72 -18.66
CA LEU A 244 -36.82 -1.72 -19.34
C LEU A 244 -36.24 -1.42 -20.72
N SER A 245 -34.94 -1.46 -20.86
CA SER A 245 -34.30 -1.04 -22.10
C SER A 245 -34.16 -2.17 -23.10
N ALA A 246 -34.62 -3.37 -22.76
CA ALA A 246 -34.47 -4.49 -23.66
C ALA A 246 -35.50 -4.44 -24.78
N THR A 247 -35.55 -5.50 -25.58
CA THR A 247 -36.51 -5.59 -26.67
C THR A 247 -37.34 -6.86 -26.57
N GLY A 317 -35.55 -0.86 -32.01
CA GLY A 317 -36.82 -1.52 -31.80
C GLY A 317 -37.49 -1.13 -30.50
N LEU A 318 -37.34 0.15 -30.15
CA LEU A 318 -37.93 0.69 -28.93
C LEU A 318 -38.75 1.92 -29.28
N THR A 319 -39.91 2.06 -28.64
CA THR A 319 -40.69 3.24 -28.88
C THR A 319 -40.10 4.40 -28.09
N LYS A 320 -40.59 5.59 -28.39
CA LYS A 320 -40.11 6.78 -27.70
C LYS A 320 -40.54 6.79 -26.25
N LYS A 321 -41.71 6.19 -25.96
CA LYS A 321 -42.16 6.10 -24.58
C LYS A 321 -41.29 5.17 -23.75
N GLN A 322 -40.57 4.24 -24.39
CA GLN A 322 -39.56 3.48 -23.66
C GLN A 322 -38.32 4.31 -23.42
N GLU A 323 -37.83 4.98 -24.47
CA GLU A 323 -36.63 5.79 -24.32
C GLU A 323 -36.86 7.00 -23.45
N MET A 324 -38.10 7.48 -23.37
CA MET A 324 -38.41 8.46 -22.35
C MET A 324 -38.43 7.81 -20.98
N LEU A 325 -38.89 6.57 -20.89
CA LEU A 325 -38.99 5.95 -19.59
C LEU A 325 -37.64 5.44 -19.13
N VAL A 326 -36.80 4.95 -20.04
CA VAL A 326 -35.52 4.45 -19.57
C VAL A 326 -34.61 5.60 -19.23
N ARG A 327 -34.76 6.76 -19.88
CA ARG A 327 -33.97 7.91 -19.49
C ARG A 327 -34.43 8.44 -18.14
N SER A 328 -35.73 8.39 -17.90
CA SER A 328 -36.22 8.76 -16.58
C SER A 328 -35.90 7.70 -15.55
N ALA A 329 -35.61 6.48 -15.98
CA ALA A 329 -35.11 5.48 -15.04
C ALA A 329 -33.65 5.73 -14.70
N ILE A 330 -32.85 6.10 -15.70
CA ILE A 330 -31.46 6.46 -15.44
C ILE A 330 -31.38 7.71 -14.61
N LYS A 331 -32.23 8.70 -14.91
CA LYS A 331 -32.23 9.96 -14.17
C LYS A 331 -32.55 9.75 -12.71
N TYR A 332 -33.41 8.80 -12.39
CA TYR A 332 -33.57 8.45 -10.99
C TYR A 332 -32.32 7.81 -10.43
N TRP A 333 -31.71 6.91 -11.19
CA TRP A 333 -30.63 6.09 -10.64
C TRP A 333 -29.40 6.93 -10.37
N VAL A 334 -29.03 7.79 -11.30
CA VAL A 334 -27.81 8.56 -11.14
C VAL A 334 -28.00 9.64 -10.10
N GLU A 335 -29.14 10.33 -10.14
CA GLU A 335 -29.40 11.37 -9.15
C GLU A 335 -29.61 10.81 -7.76
N ARG A 336 -30.01 9.56 -7.64
CA ARG A 336 -29.91 8.91 -6.35
C ARG A 336 -28.46 8.67 -5.99
N HIS A 337 -27.68 8.21 -6.97
CA HIS A 337 -26.29 7.88 -6.70
C HIS A 337 -25.45 9.12 -6.53
N LYS A 338 -25.77 10.20 -7.24
CA LYS A 338 -25.19 11.49 -6.94
C LYS A 338 -25.53 11.93 -5.53
N HIS A 339 -26.73 11.58 -5.07
CA HIS A 339 -27.18 12.06 -3.77
C HIS A 339 -26.54 11.31 -2.63
N VAL A 340 -26.27 10.02 -2.82
CA VAL A 340 -25.58 9.27 -1.78
C VAL A 340 -24.13 9.74 -1.66
N VAL A 341 -23.50 10.01 -2.81
CA VAL A 341 -22.17 10.62 -2.82
C VAL A 341 -22.22 11.98 -2.13
N ARG A 342 -23.30 12.73 -2.33
CA ARG A 342 -23.48 14.00 -1.66
C ARG A 342 -23.61 13.83 -0.16
N LEU A 343 -24.14 12.69 0.28
CA LEU A 343 -24.21 12.43 1.71
C LEU A 343 -22.85 12.02 2.25
N VAL A 344 -22.19 11.09 1.57
CA VAL A 344 -20.99 10.46 2.11
C VAL A 344 -19.81 11.43 2.07
N THR A 345 -19.76 12.29 1.06
CA THR A 345 -18.78 13.36 1.11
C THR A 345 -19.12 14.42 2.14
N ALA A 346 -20.35 14.44 2.63
CA ALA A 346 -20.66 15.34 3.72
C ALA A 346 -20.43 14.70 5.09
N VAL A 347 -20.73 13.41 5.24
CA VAL A 347 -20.45 12.78 6.54
C VAL A 347 -18.97 12.53 6.72
N GLY A 348 -18.20 12.57 5.64
CA GLY A 348 -16.76 12.65 5.78
C GLY A 348 -16.27 14.05 6.03
N ASP A 349 -17.10 15.04 5.73
CA ASP A 349 -16.76 16.42 6.02
C ASP A 349 -17.26 16.85 7.39
N ALA A 350 -18.39 16.32 7.82
CA ALA A 350 -18.91 16.66 9.14
C ALA A 350 -18.09 15.98 10.23
N TYR A 351 -18.06 14.66 10.22
CA TYR A 351 -17.48 13.91 11.31
C TYR A 351 -15.99 13.69 11.13
N GLY A 352 -15.43 14.09 9.99
CA GLY A 352 -14.11 13.63 9.59
C GLY A 352 -12.98 14.10 10.48
N VAL A 353 -13.07 15.32 10.99
CA VAL A 353 -11.99 15.84 11.82
C VAL A 353 -12.05 15.23 13.21
N ALA A 354 -13.25 15.04 13.75
CA ALA A 354 -13.38 14.41 15.05
C ALA A 354 -12.99 12.95 15.02
N LEU A 355 -13.09 12.32 13.86
CA LEU A 355 -12.64 10.95 13.74
C LEU A 355 -11.13 10.87 13.86
N LEU A 356 -10.44 11.90 13.40
CA LEU A 356 -9.00 11.97 13.60
C LEU A 356 -8.67 12.14 15.07
N LEU A 357 -9.33 13.09 15.73
CA LEU A 357 -9.08 13.34 17.15
C LEU A 357 -9.44 12.15 18.01
N HIS A 358 -10.44 11.39 17.60
CA HIS A 358 -10.72 10.13 18.26
C HIS A 358 -9.59 9.13 18.04
N MET A 359 -9.13 9.02 16.80
CA MET A 359 -8.13 8.02 16.50
C MET A 359 -6.76 8.44 16.97
N LEU A 360 -6.52 9.75 17.06
CA LEU A 360 -5.26 10.24 17.60
C LEU A 360 -5.20 10.01 19.11
N THR A 361 -6.34 10.00 19.78
CA THR A 361 -6.34 9.78 21.22
C THR A 361 -6.10 8.32 21.54
N THR A 362 -6.74 7.41 20.81
CA THR A 362 -6.58 5.99 21.08
C THR A 362 -5.17 5.50 20.80
N THR A 363 -4.48 6.13 19.85
CA THR A 363 -3.11 5.73 19.58
C THR A 363 -2.20 6.09 20.73
N ILE A 364 -2.43 7.24 21.36
CA ILE A 364 -1.72 7.57 22.58
C ILE A 364 -2.17 6.66 23.71
N THR A 365 -3.44 6.23 23.66
CA THR A 365 -3.96 5.37 24.71
C THR A 365 -3.39 3.97 24.58
N LEU A 366 -3.35 3.43 23.36
CA LEU A 366 -2.90 2.06 23.17
C LEU A 366 -1.40 1.92 23.37
N THR A 367 -0.62 2.97 23.24
CA THR A 367 0.78 2.86 23.59
C THR A 367 1.02 3.02 25.09
N LEU A 368 -0.04 3.09 25.88
CA LEU A 368 0.04 3.00 27.32
C LEU A 368 -0.62 1.76 27.86
N LEU A 369 -1.69 1.29 27.20
CA LEU A 369 -2.26 -0.02 27.50
C LEU A 369 -1.25 -1.12 27.33
N ALA A 370 -0.41 -1.01 26.29
CA ALA A 370 0.60 -2.04 26.05
C ALA A 370 1.65 -2.05 27.14
N TYR A 371 1.91 -0.90 27.78
CA TYR A 371 2.76 -0.94 28.95
C TYR A 371 2.04 -1.56 30.13
N GLN A 372 0.74 -1.28 30.27
CA GLN A 372 -0.01 -1.91 31.34
C GLN A 372 -0.21 -3.38 31.05
N ALA A 373 -0.27 -3.77 29.77
CA ALA A 373 -0.43 -5.17 29.42
C ALA A 373 0.81 -5.99 29.71
N THR A 374 1.97 -5.34 29.89
CA THR A 374 3.15 -6.07 30.30
C THR A 374 3.02 -6.59 31.72
N LYS A 375 2.62 -5.73 32.65
CA LYS A 375 2.67 -6.10 34.06
C LYS A 375 1.41 -6.80 34.53
N VAL A 376 0.99 -7.81 33.77
CA VAL A 376 -0.13 -8.66 34.13
C VAL A 376 0.46 -10.01 34.50
N ASN A 377 0.51 -10.29 35.78
CA ASN A 377 1.13 -11.50 36.30
C ASN A 377 0.14 -12.65 36.44
N GLY A 378 -1.12 -12.44 36.10
CA GLY A 378 -2.12 -13.48 36.23
C GLY A 378 -3.50 -12.88 36.19
N VAL A 379 -4.49 -13.78 36.20
CA VAL A 379 -5.89 -13.36 36.12
C VAL A 379 -6.27 -12.72 37.44
N ASN A 380 -6.46 -11.40 37.43
CA ASN A 380 -6.69 -10.66 38.65
C ASN A 380 -7.79 -9.64 38.46
N VAL A 381 -7.92 -8.74 39.42
CA VAL A 381 -8.72 -7.55 39.20
C VAL A 381 -8.00 -6.64 38.21
N TYR A 382 -6.66 -6.60 38.28
CA TYR A 382 -5.86 -5.74 37.43
C TYR A 382 -5.98 -6.10 35.96
N ALA A 383 -6.05 -7.40 35.65
CA ALA A 383 -6.16 -7.82 34.27
C ALA A 383 -7.48 -7.39 33.66
N ALA A 384 -8.54 -7.37 34.45
CA ALA A 384 -9.82 -6.92 33.94
C ALA A 384 -9.92 -5.40 33.84
N THR A 385 -8.88 -4.67 34.21
CA THR A 385 -8.80 -3.26 33.91
C THR A 385 -7.98 -2.97 32.66
N VAL A 386 -6.92 -3.74 32.44
CA VAL A 386 -6.16 -3.60 31.21
C VAL A 386 -6.97 -4.11 30.04
N ILE A 387 -7.53 -5.31 30.16
CA ILE A 387 -8.43 -5.82 29.15
C ILE A 387 -9.71 -5.00 29.13
N GLY A 388 -10.12 -4.48 30.29
CA GLY A 388 -11.35 -3.70 30.35
C GLY A 388 -11.30 -2.38 29.62
N TYR A 389 -10.10 -1.89 29.33
CA TYR A 389 -9.98 -0.73 28.46
C TYR A 389 -9.70 -1.15 27.03
N LEU A 390 -8.79 -2.11 26.88
CA LEU A 390 -8.33 -2.49 25.55
C LEU A 390 -9.42 -3.18 24.75
N LEU A 391 -10.33 -3.87 25.42
CA LEU A 391 -11.47 -4.43 24.71
C LEU A 391 -12.47 -3.35 24.35
N TYR A 392 -12.42 -2.22 25.03
CA TYR A 392 -13.31 -1.11 24.75
C TYR A 392 -12.66 -0.05 23.88
N THR A 393 -11.36 0.18 24.03
CA THR A 393 -10.72 1.22 23.24
C THR A 393 -10.45 0.72 21.83
N LEU A 394 -10.15 -0.56 21.67
CA LEU A 394 -10.26 -1.16 20.34
C LEU A 394 -11.70 -1.20 19.88
N GLY A 395 -12.64 -1.32 20.82
CA GLY A 395 -14.03 -1.43 20.46
C GLY A 395 -14.60 -0.15 19.87
N GLN A 396 -14.06 1.00 20.27
CA GLN A 396 -14.45 2.24 19.63
C GLN A 396 -13.92 2.30 18.21
N VAL A 397 -12.68 1.86 18.01
CA VAL A 397 -12.10 1.82 16.67
C VAL A 397 -12.80 0.80 15.81
N PHE A 398 -13.12 -0.36 16.38
CA PHE A 398 -13.80 -1.41 15.65
C PHE A 398 -15.21 -1.03 15.27
N LEU A 399 -15.82 -0.10 15.99
CA LEU A 399 -17.17 0.31 15.65
C LEU A 399 -17.18 1.18 14.41
N PHE A 400 -16.17 2.02 14.23
CA PHE A 400 -16.02 2.80 13.01
C PHE A 400 -15.63 1.91 11.85
N CYS A 401 -14.64 1.06 12.06
CA CYS A 401 -14.01 0.31 11.01
C CYS A 401 -14.87 -0.81 10.47
N ILE A 402 -15.97 -1.17 11.12
CA ILE A 402 -16.90 -2.08 10.49
C ILE A 402 -17.73 -1.35 9.45
N PHE A 403 -18.47 -0.34 9.88
CA PHE A 403 -19.34 0.36 8.95
C PHE A 403 -18.58 1.38 8.12
N GLY A 404 -17.30 1.56 8.37
CA GLY A 404 -16.45 2.22 7.39
C GLY A 404 -16.11 1.23 6.30
N ASN A 405 -15.78 -0.01 6.68
CA ASN A 405 -15.51 -1.05 5.71
C ASN A 405 -16.76 -1.41 4.94
N ARG A 406 -17.90 -1.46 5.62
CA ARG A 406 -19.13 -1.85 4.97
C ARG A 406 -19.55 -0.82 3.94
N LEU A 407 -19.14 0.42 4.12
CA LEU A 407 -19.31 1.41 3.07
C LEU A 407 -18.48 1.07 1.85
N ILE A 408 -17.20 0.77 2.05
CA ILE A 408 -16.30 0.50 0.93
C ILE A 408 -16.63 -0.83 0.28
N GLU A 409 -17.01 -1.81 1.09
CA GLU A 409 -17.46 -3.09 0.54
C GLU A 409 -18.75 -2.93 -0.24
N GLU A 410 -19.61 -2.01 0.17
CA GLU A 410 -20.85 -1.82 -0.55
C GLU A 410 -20.63 -0.99 -1.81
N SER A 411 -19.77 0.02 -1.73
CA SER A 411 -19.63 0.95 -2.83
C SER A 411 -18.94 0.31 -4.02
N SER A 412 -17.93 -0.52 -3.77
CA SER A 412 -17.32 -1.27 -4.86
C SER A 412 -18.26 -2.33 -5.40
N SER A 413 -19.18 -2.81 -4.58
CA SER A 413 -20.09 -3.86 -4.99
C SER A 413 -21.13 -3.39 -5.97
N VAL A 414 -21.29 -2.08 -6.17
CA VAL A 414 -22.23 -1.62 -7.18
C VAL A 414 -21.72 -1.97 -8.56
N MET A 415 -20.40 -1.93 -8.74
CA MET A 415 -19.78 -2.32 -10.00
C MET A 415 -20.03 -3.78 -10.31
N GLU A 416 -19.97 -4.64 -9.31
CA GLU A 416 -20.34 -6.03 -9.51
C GLU A 416 -21.83 -6.17 -9.77
N ALA A 417 -22.65 -5.34 -9.14
CA ALA A 417 -24.08 -5.46 -9.35
C ALA A 417 -24.55 -4.78 -10.61
N ALA A 418 -23.82 -3.78 -11.09
CA ALA A 418 -24.13 -3.23 -12.40
C ALA A 418 -23.79 -4.20 -13.51
N TYR A 419 -22.89 -5.12 -13.23
CA TYR A 419 -22.57 -6.18 -14.18
C TYR A 419 -23.68 -7.21 -14.23
N SER A 420 -24.17 -7.62 -13.07
CA SER A 420 -25.13 -8.71 -13.00
C SER A 420 -26.55 -8.22 -13.22
N CYS A 421 -26.72 -7.44 -14.26
CA CYS A 421 -28.00 -7.21 -14.91
C CYS A 421 -27.81 -7.62 -16.35
N HIS A 422 -28.89 -7.78 -17.09
CA HIS A 422 -28.74 -8.23 -18.46
C HIS A 422 -28.45 -7.02 -19.36
N TRP A 423 -27.26 -6.47 -19.19
CA TRP A 423 -26.86 -5.35 -20.02
C TRP A 423 -26.51 -5.77 -21.43
N TYR A 424 -26.29 -7.05 -21.66
CA TYR A 424 -25.89 -7.49 -22.98
C TYR A 424 -27.04 -7.49 -23.97
N ASP A 425 -28.27 -7.29 -23.51
CA ASP A 425 -29.36 -7.02 -24.43
C ASP A 425 -30.15 -5.80 -24.00
N GLY A 426 -29.48 -4.86 -23.34
CA GLY A 426 -30.07 -3.57 -23.08
C GLY A 426 -29.98 -2.69 -24.30
N SER A 427 -30.53 -1.48 -24.17
CA SER A 427 -30.38 -0.52 -25.25
C SER A 427 -28.98 0.08 -25.22
N GLU A 428 -28.64 0.79 -26.27
CA GLU A 428 -27.32 1.41 -26.34
C GLU A 428 -27.17 2.52 -25.31
N GLU A 429 -28.23 3.29 -25.05
CA GLU A 429 -28.18 4.26 -23.97
C GLU A 429 -28.11 3.59 -22.62
N ALA A 430 -28.54 2.33 -22.54
CA ALA A 430 -28.39 1.59 -21.29
C ALA A 430 -27.01 0.99 -21.16
N LYS A 431 -26.41 0.58 -22.28
CA LYS A 431 -25.07 0.03 -22.20
C LYS A 431 -24.05 1.11 -21.88
N THR A 432 -24.23 2.31 -22.43
CA THR A 432 -23.33 3.40 -22.10
C THR A 432 -23.56 3.93 -20.70
N PHE A 433 -24.70 3.61 -20.10
CA PHE A 433 -24.91 3.84 -18.71
C PHE A 433 -24.04 2.98 -17.82
N VAL A 434 -23.94 1.69 -18.10
CA VAL A 434 -23.19 0.76 -17.28
C VAL A 434 -21.69 1.02 -17.37
N GLN A 435 -21.21 1.44 -18.55
CA GLN A 435 -19.79 1.72 -18.72
C GLN A 435 -19.37 2.90 -17.86
N ILE A 436 -20.27 3.85 -17.63
CA ILE A 436 -19.93 4.99 -16.79
C ILE A 436 -20.02 4.62 -15.33
N VAL A 437 -21.02 3.82 -14.96
CA VAL A 437 -21.24 3.46 -13.56
C VAL A 437 -20.09 2.62 -13.03
N CYS A 438 -19.66 1.63 -13.80
CA CYS A 438 -18.52 0.84 -13.38
C CYS A 438 -17.21 1.61 -13.39
N GLN A 439 -17.16 2.78 -14.02
CA GLN A 439 -16.00 3.64 -13.87
C GLN A 439 -16.02 4.47 -12.61
N GLN A 440 -17.17 4.55 -11.94
CA GLN A 440 -17.21 5.34 -10.72
C GLN A 440 -17.71 4.57 -9.52
N CYS A 441 -18.04 3.31 -9.69
CA CYS A 441 -18.14 2.44 -8.56
C CYS A 441 -16.84 1.70 -8.35
N GLN A 442 -15.81 2.10 -9.07
CA GLN A 442 -14.51 1.47 -9.05
C GLN A 442 -13.58 2.16 -8.07
N LYS A 443 -13.70 3.47 -7.95
CA LYS A 443 -13.05 4.20 -6.87
C LYS A 443 -14.07 4.35 -5.76
N ALA A 444 -13.95 3.50 -4.74
CA ALA A 444 -15.00 3.32 -3.76
C ALA A 444 -15.13 4.54 -2.85
N MET A 445 -16.32 4.69 -2.28
CA MET A 445 -16.56 5.77 -1.33
C MET A 445 -15.98 5.39 0.01
N SER A 446 -15.03 6.18 0.49
CA SER A 446 -14.40 5.94 1.76
C SER A 446 -14.50 7.18 2.63
N ILE A 447 -14.54 6.97 3.94
CA ILE A 447 -14.62 8.06 4.90
C ILE A 447 -13.20 8.44 5.28
N SER A 448 -12.75 9.58 4.79
CA SER A 448 -11.41 10.05 5.06
C SER A 448 -11.35 10.62 6.47
N GLY A 449 -10.50 10.06 7.30
CA GLY A 449 -10.38 10.54 8.66
C GLY A 449 -9.51 11.78 8.70
N ALA A 450 -10.10 12.92 8.33
CA ALA A 450 -9.41 14.19 8.09
C ALA A 450 -8.29 14.02 7.08
N LYS A 451 -8.58 13.26 6.03
CA LYS A 451 -7.79 13.05 4.82
C LYS A 451 -6.48 12.30 5.06
N PHE A 452 -6.14 11.96 6.30
CA PHE A 452 -4.98 11.09 6.53
C PHE A 452 -5.30 9.68 6.09
N PHE A 453 -6.26 9.06 6.75
CA PHE A 453 -6.55 7.65 6.59
C PHE A 453 -8.02 7.46 6.26
N THR A 454 -8.31 6.41 5.51
CA THR A 454 -9.67 6.01 5.29
C THR A 454 -10.06 5.02 6.38
N VAL A 455 -11.32 5.07 6.79
CA VAL A 455 -11.73 4.18 7.85
C VAL A 455 -12.08 2.86 7.22
N SER A 456 -11.07 2.05 6.98
CA SER A 456 -11.28 0.72 6.46
C SER A 456 -11.22 -0.24 7.63
N LEU A 457 -11.50 -1.49 7.36
CA LEU A 457 -11.22 -2.49 8.38
C LEU A 457 -9.75 -2.87 8.36
N ASP A 458 -9.06 -2.56 7.27
CA ASP A 458 -7.61 -2.70 7.22
C ASP A 458 -6.93 -1.68 8.14
N LEU A 459 -7.59 -0.55 8.40
CA LEU A 459 -7.15 0.36 9.46
C LEU A 459 -7.17 -0.31 10.82
N PHE A 460 -8.29 -0.94 11.15
CA PHE A 460 -8.37 -1.72 12.39
C PHE A 460 -7.41 -2.88 12.39
N ALA A 461 -7.15 -3.47 11.22
CA ALA A 461 -6.10 -4.47 11.15
C ALA A 461 -4.73 -3.85 11.37
N SER A 462 -4.56 -2.59 11.00
CA SER A 462 -3.28 -1.94 11.22
C SER A 462 -3.10 -1.51 12.66
N VAL A 463 -4.17 -1.02 13.29
CA VAL A 463 -4.07 -0.56 14.66
C VAL A 463 -3.85 -1.73 15.60
N LEU A 464 -4.62 -2.80 15.41
CA LEU A 464 -4.45 -4.01 16.20
C LEU A 464 -3.08 -4.63 16.00
N GLY A 465 -2.56 -4.59 14.77
CA GLY A 465 -1.23 -5.08 14.53
C GLY A 465 -0.16 -4.19 15.12
N ALA A 466 -0.43 -2.89 15.22
CA ALA A 466 0.55 -1.97 15.78
C ALA A 466 0.66 -2.11 17.29
N VAL A 467 -0.41 -2.54 17.96
CA VAL A 467 -0.36 -2.72 19.40
C VAL A 467 0.49 -3.92 19.77
N VAL A 468 0.15 -5.08 19.19
CA VAL A 468 0.84 -6.32 19.43
C VAL A 468 2.31 -6.23 19.05
N THR A 469 2.63 -5.52 17.96
CA THR A 469 4.01 -5.26 17.61
C THR A 469 4.69 -4.42 18.68
N TYR A 470 4.03 -3.36 19.14
CA TYR A 470 4.61 -2.58 20.22
C TYR A 470 4.62 -3.36 21.53
N PHE A 471 3.61 -4.21 21.74
CA PHE A 471 3.58 -5.04 22.93
C PHE A 471 4.70 -6.06 22.94
N MET A 472 4.77 -6.89 21.90
CA MET A 472 5.75 -7.96 21.90
C MET A 472 7.15 -7.49 21.57
N VAL A 473 7.33 -6.20 21.31
CA VAL A 473 8.64 -5.58 21.49
C VAL A 473 8.86 -5.19 22.93
N LEU A 474 7.85 -4.59 23.55
CA LEU A 474 7.98 -4.15 24.93
C LEU A 474 8.06 -5.31 25.91
N VAL A 475 7.54 -6.47 25.53
CA VAL A 475 7.74 -7.68 26.32
C VAL A 475 9.22 -8.05 26.34
N GLN A 476 9.84 -8.09 25.17
CA GLN A 476 11.24 -8.47 25.11
C GLN A 476 12.16 -7.37 25.60
N LEU A 477 11.68 -6.14 25.72
CA LEU A 477 12.43 -5.08 26.35
C LEU A 477 12.07 -4.92 27.82
N LYS A 478 11.48 -5.95 28.42
CA LYS A 478 11.26 -5.96 29.85
C LYS A 478 11.99 -7.17 30.42
N PHE B 7 8.71 44.01 -18.54
CA PHE B 7 7.85 44.99 -17.91
C PHE B 7 6.56 44.32 -17.45
N LYS B 8 5.60 44.20 -18.34
CA LYS B 8 4.41 43.39 -18.10
C LYS B 8 4.74 41.94 -18.37
N HIS B 9 3.90 41.05 -17.83
CA HIS B 9 4.18 39.63 -17.84
C HIS B 9 2.99 38.89 -18.41
N GLN B 10 3.26 37.93 -19.27
CA GLN B 10 2.27 37.42 -20.21
C GLN B 10 1.35 36.36 -19.61
N GLY B 11 1.30 36.23 -18.29
CA GLY B 11 0.58 35.10 -17.76
C GLY B 11 0.85 34.79 -16.30
N LEU B 12 1.29 33.56 -16.06
CA LEU B 12 1.46 33.04 -14.71
C LEU B 12 2.51 33.81 -13.93
N VAL B 13 3.49 34.39 -14.63
CA VAL B 13 4.47 35.25 -13.97
C VAL B 13 3.79 36.49 -13.41
N ALA B 14 2.82 37.03 -14.14
CA ALA B 14 2.02 38.12 -13.63
C ALA B 14 1.09 37.70 -12.50
N ASP B 15 0.97 36.41 -12.22
CA ASP B 15 0.19 35.96 -11.08
C ASP B 15 1.02 35.81 -9.82
N LEU B 16 2.28 35.38 -9.93
CA LEU B 16 3.11 35.23 -8.75
C LEU B 16 4.02 36.42 -8.53
N LEU B 17 3.60 37.61 -8.92
CA LEU B 17 4.44 38.79 -8.78
C LEU B 17 4.86 39.13 -7.35
N PRO B 18 4.05 38.96 -6.29
CA PRO B 18 4.65 39.06 -4.97
C PRO B 18 5.60 37.93 -4.67
N ASN B 19 5.32 36.74 -5.17
CA ASN B 19 6.15 35.61 -4.82
C ASN B 19 7.46 35.61 -5.58
N ILE B 20 7.55 36.36 -6.66
CA ILE B 20 8.80 36.41 -7.41
C ILE B 20 9.72 37.51 -6.89
N ARG B 21 9.15 38.69 -6.58
CA ARG B 21 9.95 39.80 -6.09
C ARG B 21 10.61 39.46 -4.76
N VAL B 22 9.89 38.73 -3.91
CA VAL B 22 10.48 38.25 -2.66
C VAL B 22 11.61 37.28 -2.95
N MET B 23 11.41 36.43 -3.96
CA MET B 23 12.41 35.43 -4.31
C MET B 23 13.66 36.08 -4.88
N GLN B 24 13.49 37.09 -5.72
CA GLN B 24 14.64 37.85 -6.19
C GLN B 24 15.20 38.74 -5.11
N GLY B 25 14.33 39.27 -4.24
CA GLY B 25 14.79 40.13 -3.18
C GLY B 25 15.59 39.39 -2.13
N VAL B 26 15.22 38.14 -1.85
CA VAL B 26 15.92 37.40 -0.82
C VAL B 26 17.24 36.88 -1.35
N GLY B 27 17.37 36.66 -2.65
CA GLY B 27 18.66 36.29 -3.18
C GLY B 27 18.72 35.05 -4.03
N HIS B 28 17.59 34.46 -4.42
CA HIS B 28 17.65 33.41 -5.42
C HIS B 28 18.12 33.96 -6.75
N PHE B 29 18.87 33.15 -7.49
CA PHE B 29 19.52 33.67 -8.70
C PHE B 29 18.47 33.64 -9.82
N MET B 30 17.51 34.54 -9.72
CA MET B 30 16.35 34.58 -10.59
C MET B 30 16.44 35.88 -11.38
N PHE B 31 16.88 35.78 -12.62
CA PHE B 31 17.40 36.92 -13.33
C PHE B 31 16.63 37.22 -14.61
N ASN B 32 15.31 37.02 -14.59
CA ASN B 32 14.63 37.05 -15.88
C ASN B 32 13.27 37.73 -15.82
N TYR B 33 12.91 38.39 -14.74
CA TYR B 33 11.55 38.91 -14.67
C TYR B 33 11.54 40.36 -14.25
N TYR B 34 12.48 41.13 -14.77
CA TYR B 34 12.57 42.55 -14.52
C TYR B 34 13.43 43.15 -15.62
N SER B 35 13.82 44.40 -15.45
CA SER B 35 14.53 45.10 -16.50
C SER B 35 15.97 44.64 -16.60
N GLU B 36 16.48 44.61 -17.83
CA GLU B 36 17.87 44.25 -18.05
C GLU B 36 18.79 45.33 -17.51
N GLY B 37 18.29 46.56 -17.38
CA GLY B 37 19.00 47.63 -16.72
C GLY B 37 18.86 47.63 -15.21
N LYS B 38 18.58 46.45 -14.64
CA LYS B 38 18.69 46.24 -13.21
C LYS B 38 19.42 44.96 -12.85
N LYS B 39 19.86 44.17 -13.83
CA LYS B 39 20.35 42.83 -13.52
C LYS B 39 21.74 42.87 -12.89
N PHE B 40 22.65 43.62 -13.48
CA PHE B 40 24.04 43.65 -13.01
C PHE B 40 24.23 44.19 -11.59
N PRO B 41 23.51 45.21 -11.10
CA PRO B 41 23.56 45.47 -9.66
C PRO B 41 22.88 44.40 -8.83
N HIS B 42 22.01 43.60 -9.44
CA HIS B 42 21.32 42.57 -8.69
C HIS B 42 22.09 41.26 -8.70
N ARG B 43 22.82 40.99 -9.78
CA ARG B 43 23.60 39.75 -9.84
C ARG B 43 24.77 39.78 -8.88
N ILE B 44 25.28 40.98 -8.56
CA ILE B 44 26.33 41.07 -7.56
C ILE B 44 25.74 40.89 -6.17
N TYR B 45 24.51 41.37 -5.96
CA TYR B 45 23.81 41.18 -4.70
C TYR B 45 23.57 39.71 -4.41
N CYS B 46 23.28 38.94 -5.45
CA CYS B 46 23.00 37.53 -5.23
C CYS B 46 24.26 36.74 -4.90
N ILE B 47 25.40 37.15 -5.46
CA ILE B 47 26.65 36.45 -5.17
C ILE B 47 27.12 36.75 -3.76
N VAL B 48 26.98 38.00 -3.30
CA VAL B 48 27.50 38.33 -1.99
C VAL B 48 26.64 37.78 -0.87
N THR B 49 25.34 37.58 -1.10
CA THR B 49 24.49 36.97 -0.08
C THR B 49 24.86 35.51 0.13
N LEU B 50 25.06 34.78 -0.96
CA LEU B 50 25.53 33.41 -0.87
C LEU B 50 26.89 33.33 -0.21
N LEU B 51 27.74 34.32 -0.46
CA LEU B 51 29.01 34.39 0.25
C LEU B 51 28.78 34.66 1.73
N LEU B 52 27.79 35.50 2.05
CA LEU B 52 27.44 35.70 3.45
C LEU B 52 26.74 34.48 4.02
N LEU B 53 26.06 33.71 3.18
CA LEU B 53 25.52 32.44 3.65
C LEU B 53 26.63 31.45 3.92
N LEU B 54 27.52 31.27 2.96
CA LEU B 54 28.53 30.23 3.05
C LEU B 54 29.60 30.54 4.08
N LEU B 55 29.81 31.82 4.42
CA LEU B 55 30.71 32.15 5.52
C LEU B 55 30.15 31.68 6.85
N GLN B 56 28.95 32.13 7.18
CA GLN B 56 28.32 31.79 8.45
C GLN B 56 28.07 30.30 8.57
N TYR B 57 27.62 29.67 7.50
CA TYR B 57 27.44 28.23 7.51
C TYR B 57 28.78 27.51 7.60
N GLY B 58 29.82 28.10 7.02
CA GLY B 58 31.14 27.51 7.14
C GLY B 58 31.71 27.63 8.53
N MET B 59 31.34 28.67 9.25
CA MET B 59 31.79 28.81 10.63
C MET B 59 31.01 27.94 11.59
N MET B 60 30.00 27.22 11.11
CA MET B 60 29.31 26.30 12.01
C MET B 60 30.01 24.97 12.08
N ALA B 61 30.73 24.60 11.02
CA ALA B 61 31.47 23.37 11.01
C ALA B 61 32.63 23.44 11.99
N VAL B 62 33.28 24.60 12.08
CA VAL B 62 34.38 24.75 13.02
C VAL B 62 33.85 24.83 14.45
N ASN B 63 32.59 25.22 14.63
CA ASN B 63 31.94 24.90 15.90
C ASN B 63 31.76 23.40 16.03
N LEU B 64 31.22 22.78 15.00
CA LEU B 64 30.85 21.37 15.06
C LEU B 64 32.06 20.48 15.19
N MET B 65 33.10 20.74 14.40
CA MET B 65 34.26 19.86 14.42
C MET B 65 35.06 20.04 15.70
N MET B 66 35.14 21.27 16.22
CA MET B 66 35.92 21.46 17.44
C MET B 66 35.12 21.04 18.67
N GLU B 67 33.81 21.21 18.65
CA GLU B 67 32.97 20.64 19.71
C GLU B 67 32.43 19.28 19.30
N SER B 68 33.34 18.36 19.01
CA SER B 68 32.98 16.99 18.66
C SER B 68 33.17 16.04 19.82
N ASP B 69 33.68 16.50 20.94
CA ASP B 69 33.96 15.58 22.04
C ASP B 69 32.69 15.35 22.85
N ASP B 70 31.79 16.33 22.88
CA ASP B 70 30.49 16.13 23.51
C ASP B 70 29.54 15.47 22.52
N VAL B 71 28.84 14.43 22.98
CA VAL B 71 27.88 13.76 22.12
C VAL B 71 26.60 14.59 21.99
N ASP B 72 26.18 15.24 23.07
CA ASP B 72 24.99 16.06 23.01
C ASP B 72 25.24 17.32 22.18
N ASP B 73 26.37 17.99 22.41
CA ASP B 73 26.70 19.14 21.59
C ASP B 73 27.14 18.74 20.18
N LEU B 74 27.49 17.48 19.96
CA LEU B 74 27.55 17.00 18.58
C LEU B 74 26.17 17.08 17.94
N THR B 75 25.20 16.40 18.55
CA THR B 75 23.88 16.28 17.93
C THR B 75 23.13 17.60 17.94
N ALA B 76 23.39 18.47 18.92
CA ALA B 76 22.75 19.78 18.93
C ALA B 76 23.22 20.63 17.77
N ASN B 77 24.54 20.71 17.59
CA ASN B 77 25.07 21.43 16.45
C ASN B 77 24.87 20.69 15.15
N THR B 78 24.63 19.38 15.19
CA THR B 78 24.38 18.64 13.97
C THR B 78 23.04 19.05 13.36
N ILE B 79 22.03 19.19 14.21
CA ILE B 79 20.70 19.56 13.73
C ILE B 79 20.72 20.96 13.16
N THR B 80 21.33 21.91 13.89
CA THR B 80 21.39 23.30 13.45
C THR B 80 22.15 23.43 12.15
N MET B 81 23.16 22.61 11.93
CA MET B 81 23.82 22.63 10.63
C MET B 81 22.96 21.94 9.58
N LEU B 82 22.27 20.86 9.96
CA LEU B 82 21.33 20.24 9.04
C LEU B 82 20.07 21.06 8.86
N PHE B 83 19.72 21.88 9.84
CA PHE B 83 18.59 22.79 9.67
C PHE B 83 18.88 23.78 8.56
N PHE B 84 20.02 24.45 8.66
CA PHE B 84 20.40 25.42 7.65
C PHE B 84 21.05 24.79 6.45
N LEU B 85 21.01 23.47 6.33
CA LEU B 85 21.43 22.83 5.11
C LEU B 85 20.35 22.91 4.03
N HIS B 86 19.07 23.10 4.42
CA HIS B 86 18.04 23.34 3.41
C HIS B 86 18.28 24.62 2.63
N PRO B 87 18.41 25.82 3.23
CA PRO B 87 18.47 27.02 2.39
C PRO B 87 19.78 27.22 1.70
N ILE B 88 20.74 26.31 1.85
CA ILE B 88 21.90 26.28 0.97
C ILE B 88 21.59 25.50 -0.28
N VAL B 89 20.92 24.36 -0.14
CA VAL B 89 20.67 23.49 -1.29
C VAL B 89 19.65 24.13 -2.21
N LYS B 90 18.59 24.70 -1.64
CA LYS B 90 17.60 25.38 -2.44
C LYS B 90 18.16 26.65 -3.06
N MET B 91 19.13 27.27 -2.39
CA MET B 91 19.84 28.41 -2.94
C MET B 91 20.59 28.03 -4.20
N ILE B 92 21.11 26.81 -4.24
CA ILE B 92 21.91 26.33 -5.35
C ILE B 92 21.08 25.44 -6.28
N TYR B 93 19.95 24.90 -5.81
CA TYR B 93 19.08 24.16 -6.72
C TYR B 93 18.48 25.04 -7.79
N PHE B 94 18.14 26.28 -7.45
CA PHE B 94 17.50 27.19 -8.38
C PHE B 94 18.38 27.53 -9.59
N PRO B 95 19.68 27.90 -9.46
CA PRO B 95 20.41 28.25 -10.68
C PRO B 95 20.86 27.04 -11.45
N VAL B 96 21.03 25.93 -10.76
CA VAL B 96 21.46 24.71 -11.44
C VAL B 96 20.32 24.14 -12.26
N ARG B 97 19.22 23.80 -11.59
CA ARG B 97 18.02 23.36 -12.27
C ARG B 97 17.21 24.62 -12.52
N SER B 98 17.60 25.36 -13.55
CA SER B 98 17.09 26.71 -13.76
C SER B 98 16.13 26.83 -14.92
N LYS B 99 16.49 26.26 -16.07
CA LYS B 99 15.71 26.45 -17.29
C LYS B 99 14.33 25.83 -17.19
N ILE B 100 14.18 24.79 -16.37
CA ILE B 100 12.88 24.16 -16.22
C ILE B 100 11.98 25.03 -15.37
N PHE B 101 12.55 25.76 -14.40
CA PHE B 101 11.78 26.74 -13.64
C PHE B 101 11.23 27.83 -14.53
N TYR B 102 12.04 28.34 -15.46
CA TYR B 102 11.50 29.35 -16.36
C TYR B 102 10.55 28.75 -17.37
N LYS B 103 10.68 27.45 -17.63
CA LYS B 103 9.73 26.78 -18.52
C LYS B 103 8.37 26.65 -17.87
N THR B 104 8.34 26.34 -16.57
CA THR B 104 7.07 26.22 -15.87
C THR B 104 6.39 27.57 -15.73
N LEU B 105 7.17 28.60 -15.42
CA LEU B 105 6.59 29.92 -15.25
C LEU B 105 6.13 30.49 -16.57
N ALA B 106 6.70 30.04 -17.67
CA ALA B 106 6.24 30.44 -18.99
C ALA B 106 5.35 29.39 -19.63
N ILE B 107 4.85 28.44 -18.86
CA ILE B 107 4.01 27.42 -19.48
C ILE B 107 2.60 27.94 -19.71
N TRP B 108 2.23 29.04 -19.07
CA TRP B 108 0.86 29.52 -19.10
C TRP B 108 0.69 30.70 -20.04
N ASN B 109 1.74 31.14 -20.71
CA ASN B 109 1.67 32.41 -21.43
C ASN B 109 0.87 32.34 -22.72
N ASN B 110 0.32 31.19 -23.08
CA ASN B 110 -0.71 31.08 -24.10
C ASN B 110 -1.76 30.13 -23.59
N PRO B 111 -2.68 30.59 -22.75
CA PRO B 111 -3.73 29.72 -22.24
C PRO B 111 -4.80 29.51 -23.29
N ASN B 112 -5.61 28.49 -23.04
CA ASN B 112 -6.74 28.22 -23.91
C ASN B 112 -7.94 29.00 -23.44
N SER B 113 -8.80 29.42 -24.38
CA SER B 113 -9.93 30.24 -24.02
C SER B 113 -11.11 29.95 -24.93
N HIS B 114 -12.31 29.95 -24.35
CA HIS B 114 -13.54 29.71 -25.06
C HIS B 114 -14.43 30.94 -24.91
N PRO B 115 -15.09 31.39 -26.00
CA PRO B 115 -15.60 32.77 -26.04
C PRO B 115 -16.68 33.13 -25.04
N LEU B 116 -17.82 32.46 -25.01
CA LEU B 116 -18.87 32.93 -24.12
C LEU B 116 -18.76 32.29 -22.74
N PHE B 117 -17.90 31.28 -22.59
CA PHE B 117 -17.83 30.51 -21.36
C PHE B 117 -16.51 30.71 -20.63
N ALA B 118 -15.84 31.83 -20.88
CA ALA B 118 -14.74 32.26 -20.04
C ALA B 118 -15.23 33.02 -18.82
N GLU B 119 -16.54 33.13 -18.63
CA GLU B 119 -17.11 33.75 -17.45
C GLU B 119 -16.75 33.01 -16.18
N SER B 120 -16.45 31.72 -16.28
CA SER B 120 -15.91 30.96 -15.16
C SER B 120 -14.39 30.86 -15.20
N ASN B 121 -13.74 31.37 -16.23
CA ASN B 121 -12.29 31.39 -16.23
C ASN B 121 -11.78 32.44 -15.27
N ALA B 122 -12.21 33.68 -15.46
CA ALA B 122 -11.75 34.77 -14.62
C ALA B 122 -12.32 34.69 -13.21
N ARG B 123 -13.40 33.95 -13.01
CA ARG B 123 -13.88 33.71 -11.66
C ARG B 123 -12.92 32.86 -10.86
N PHE B 124 -12.24 31.93 -11.51
CA PHE B 124 -11.22 31.12 -10.84
C PHE B 124 -9.81 31.59 -11.14
N HIS B 125 -9.62 32.45 -12.12
CA HIS B 125 -8.29 33.01 -12.34
C HIS B 125 -7.91 33.91 -11.18
N ALA B 126 -8.73 34.92 -10.90
CA ALA B 126 -8.46 35.80 -9.78
C ALA B 126 -8.66 35.13 -8.45
N LEU B 127 -9.43 34.04 -8.40
CA LEU B 127 -9.53 33.28 -7.16
C LEU B 127 -8.22 32.62 -6.80
N ALA B 128 -7.46 32.19 -7.81
CA ALA B 128 -6.13 31.65 -7.55
C ALA B 128 -5.21 32.73 -7.00
N ILE B 129 -5.20 33.89 -7.65
CA ILE B 129 -4.25 34.96 -7.37
C ILE B 129 -4.41 35.49 -5.95
N THR B 130 -5.63 35.46 -5.42
CA THR B 130 -5.81 35.75 -4.00
C THR B 130 -5.10 34.70 -3.14
N LYS B 131 -5.47 33.44 -3.31
CA LYS B 131 -4.94 32.39 -2.46
C LYS B 131 -3.48 32.12 -2.71
N MET B 132 -2.98 32.44 -3.90
CA MET B 132 -1.54 32.39 -4.11
C MET B 132 -0.85 33.52 -3.39
N ARG B 133 -1.48 34.69 -3.32
CA ARG B 133 -0.93 35.77 -2.50
C ARG B 133 -1.30 35.60 -1.04
N ARG B 134 -2.40 34.90 -0.75
CA ARG B 134 -2.75 34.66 0.64
C ARG B 134 -1.79 33.65 1.27
N LEU B 135 -1.32 32.69 0.49
CA LEU B 135 -0.38 31.70 1.01
C LEU B 135 0.96 32.33 1.34
N LEU B 136 1.45 33.21 0.47
CA LEU B 136 2.70 33.90 0.71
C LEU B 136 2.62 34.78 1.94
N PHE B 137 1.48 35.39 2.18
CA PHE B 137 1.33 36.22 3.37
C PHE B 137 1.21 35.37 4.61
N CYS B 138 0.81 34.10 4.46
CA CYS B 138 0.78 33.22 5.61
C CYS B 138 2.14 32.62 5.89
N VAL B 139 2.82 32.11 4.87
CA VAL B 139 4.03 31.32 5.09
C VAL B 139 5.19 32.21 5.49
N ALA B 140 5.47 33.22 4.66
CA ALA B 140 6.61 34.11 4.93
C ALA B 140 6.40 34.93 6.18
N GLY B 141 5.14 35.22 6.51
CA GLY B 141 4.87 35.81 7.80
C GLY B 141 5.12 34.87 8.96
N ALA B 142 4.84 33.58 8.75
CA ALA B 142 5.12 32.61 9.81
C ALA B 142 6.63 32.40 9.98
N THR B 143 7.40 32.58 8.92
CA THR B 143 8.84 32.51 9.05
C THR B 143 9.38 33.69 9.84
N ILE B 144 8.86 34.88 9.56
CA ILE B 144 9.21 36.07 10.33
C ILE B 144 8.81 35.91 11.78
N PHE B 145 7.67 35.24 12.02
CA PHE B 145 7.36 34.82 13.37
C PHE B 145 8.39 33.85 13.90
N SER B 146 8.81 32.90 13.06
CA SER B 146 9.81 31.96 13.53
C SER B 146 11.20 32.58 13.54
N VAL B 147 11.41 33.69 12.83
CA VAL B 147 12.62 34.46 13.02
C VAL B 147 12.66 35.05 14.42
N ILE B 148 11.57 35.70 14.82
CA ILE B 148 11.45 36.22 16.18
C ILE B 148 11.45 35.09 17.20
N SER B 149 10.89 33.93 16.82
CA SER B 149 10.81 32.82 17.75
C SER B 149 12.14 32.13 17.99
N TRP B 150 13.20 32.48 17.27
CA TRP B 150 14.52 32.05 17.68
C TRP B 150 15.34 33.17 18.30
N THR B 151 14.93 34.44 18.10
CA THR B 151 15.59 35.54 18.78
C THR B 151 15.16 35.65 20.23
N GLY B 152 13.87 35.51 20.49
CA GLY B 152 13.38 35.65 21.85
C GLY B 152 13.87 34.55 22.77
N ILE B 153 14.11 33.37 22.22
CA ILE B 153 14.63 32.29 23.05
C ILE B 153 16.12 32.48 23.31
N THR B 154 16.80 33.23 22.46
CA THR B 154 18.22 33.51 22.67
C THR B 154 18.44 34.34 23.92
N PHE B 155 17.62 35.35 24.11
CA PHE B 155 17.85 36.30 25.18
C PHE B 155 17.30 35.84 26.52
N ILE B 156 16.75 34.63 26.62
CA ILE B 156 16.17 34.19 27.88
C ILE B 156 16.93 33.02 28.47
N GLU B 157 18.18 32.82 28.06
CA GLU B 157 18.96 31.72 28.60
C GLU B 157 20.44 32.05 28.47
N ASP B 158 21.24 31.53 29.40
CA ASP B 158 22.68 31.58 29.29
C ASP B 158 23.27 30.38 29.99
N SER B 159 24.53 30.08 29.67
CA SER B 159 25.23 28.92 30.21
C SER B 159 26.73 29.14 30.25
N PRO B 175 30.73 29.20 30.85
CA PRO B 175 30.07 30.34 30.20
C PRO B 175 30.01 30.18 28.69
N ILE B 176 28.96 30.67 28.07
CA ILE B 176 28.76 30.57 26.63
C ILE B 176 28.68 31.99 26.06
N PRO B 177 28.99 32.21 24.78
CA PRO B 177 28.72 33.51 24.18
C PRO B 177 27.26 33.66 23.84
N ARG B 178 26.71 34.83 24.14
CA ARG B 178 25.30 35.08 23.88
C ARG B 178 25.10 35.25 22.38
N LEU B 179 24.74 34.17 21.72
CA LEU B 179 24.66 34.15 20.27
C LEU B 179 23.33 33.59 19.83
N MET B 180 22.90 34.03 18.65
CA MET B 180 21.68 33.50 18.05
C MET B 180 21.90 32.05 17.64
N ILE B 181 22.98 31.80 16.92
CA ILE B 181 23.38 30.46 16.52
C ILE B 181 24.78 30.23 17.06
N ARG B 182 24.97 29.12 17.75
CA ARG B 182 26.26 28.82 18.35
C ARG B 182 27.30 28.51 17.27
N THR B 183 28.29 29.38 17.14
CA THR B 183 29.37 29.16 16.18
C THR B 183 30.63 29.92 16.58
N PHE B 184 31.75 29.37 16.17
CA PHE B 184 33.06 29.95 16.42
C PHE B 184 33.25 31.21 15.61
N TYR B 185 34.08 32.12 16.13
CA TYR B 185 34.48 33.30 15.39
C TYR B 185 35.96 33.55 15.60
N PRO B 186 36.63 34.15 14.61
CA PRO B 186 38.03 34.53 14.82
C PRO B 186 38.18 35.62 15.85
N PHE B 187 37.19 36.48 15.98
CA PHE B 187 37.11 37.41 17.08
C PHE B 187 36.27 36.79 18.18
N ASN B 188 36.10 37.54 19.26
CA ASN B 188 35.40 37.03 20.42
C ASN B 188 33.98 37.59 20.54
N ALA B 189 33.12 36.82 21.19
CA ALA B 189 31.76 37.24 21.48
C ALA B 189 31.41 37.20 22.95
N MET B 190 31.88 36.20 23.69
CA MET B 190 31.61 36.13 25.12
C MET B 190 32.41 37.18 25.87
N SER B 191 33.52 37.65 25.29
CA SER B 191 34.31 38.72 25.89
C SER B 191 34.31 40.00 25.07
N GLY B 192 34.22 39.94 23.75
CA GLY B 192 34.09 41.15 22.96
C GLY B 192 32.66 41.63 22.97
N ALA B 193 32.42 42.79 23.56
CA ALA B 193 31.10 43.41 23.58
C ALA B 193 30.69 43.96 22.22
N GLY B 194 31.60 43.99 21.25
CA GLY B 194 31.28 44.26 19.86
C GLY B 194 30.66 43.10 19.11
N HIS B 195 30.18 42.07 19.82
CA HIS B 195 29.48 40.96 19.20
C HIS B 195 28.06 41.31 18.79
N VAL B 196 27.64 42.54 19.02
CA VAL B 196 26.38 43.02 18.47
C VAL B 196 26.45 43.03 16.94
N PHE B 197 27.64 43.22 16.39
CA PHE B 197 27.84 42.99 14.97
C PHE B 197 27.56 41.54 14.59
N ALA B 198 27.91 40.59 15.45
CA ALA B 198 27.67 39.19 15.13
C ALA B 198 26.20 38.85 15.20
N LEU B 199 25.49 39.42 16.18
CA LEU B 199 24.08 39.12 16.32
C LEU B 199 23.26 39.70 15.17
N ILE B 200 23.58 40.92 14.76
CA ILE B 200 22.93 41.50 13.59
C ILE B 200 23.34 40.74 12.34
N TYR B 201 24.55 40.19 12.31
CA TYR B 201 24.92 39.32 11.21
C TYR B 201 24.13 38.02 11.24
N GLN B 202 23.96 37.43 12.41
CA GLN B 202 23.22 36.19 12.49
C GLN B 202 21.72 36.42 12.32
N PHE B 203 21.21 37.56 12.80
CA PHE B 203 19.81 37.89 12.56
C PHE B 203 19.54 38.07 11.08
N TYR B 204 20.48 38.68 10.36
CA TYR B 204 20.35 38.74 8.92
C TYR B 204 20.48 37.37 8.30
N TYR B 205 21.39 36.55 8.82
CA TYR B 205 21.56 35.19 8.32
C TYR B 205 20.32 34.37 8.54
N LEU B 206 19.78 34.43 9.75
CA LEU B 206 18.61 33.63 10.05
C LEU B 206 17.37 34.14 9.34
N VAL B 207 17.28 35.44 9.09
CA VAL B 207 16.12 35.90 8.35
C VAL B 207 16.31 35.66 6.87
N ILE B 208 17.53 35.55 6.39
CA ILE B 208 17.65 35.30 4.95
C ILE B 208 17.57 33.81 4.67
N SER B 209 18.01 32.96 5.61
CA SER B 209 17.97 31.53 5.36
C SER B 209 16.54 31.02 5.42
N MET B 210 15.82 31.40 6.46
CA MET B 210 14.45 30.93 6.62
C MET B 210 13.50 31.60 5.65
N ALA B 211 13.95 32.59 4.89
CA ALA B 211 13.12 33.08 3.80
C ALA B 211 13.52 32.46 2.47
N VAL B 212 14.82 32.33 2.20
CA VAL B 212 15.25 31.87 0.88
C VAL B 212 14.94 30.39 0.69
N SER B 213 14.77 29.64 1.76
CA SER B 213 14.20 28.31 1.65
C SER B 213 12.70 28.38 1.46
N ASN B 214 12.03 29.15 2.31
CA ASN B 214 10.59 29.24 2.29
C ASN B 214 10.07 30.08 1.14
N SER B 215 10.92 30.83 0.45
CA SER B 215 10.48 31.47 -0.77
C SER B 215 10.32 30.44 -1.88
N LEU B 216 11.32 29.58 -2.04
CA LEU B 216 11.28 28.63 -3.14
C LEU B 216 10.25 27.53 -2.91
N ASP B 217 10.02 27.17 -1.63
CA ASP B 217 9.00 26.18 -1.33
C ASP B 217 7.62 26.67 -1.70
N VAL B 218 7.34 27.94 -1.44
CA VAL B 218 6.04 28.51 -1.77
C VAL B 218 5.86 28.60 -3.28
N LEU B 219 6.94 28.84 -4.02
CA LEU B 219 6.88 28.84 -5.49
C LEU B 219 6.41 27.51 -6.04
N PHE B 220 6.95 26.41 -5.51
CA PHE B 220 6.37 25.10 -5.76
C PHE B 220 4.95 25.04 -5.26
N CYS B 221 4.74 25.52 -4.05
CA CYS B 221 3.46 25.26 -3.41
C CYS B 221 2.40 26.24 -3.86
N SER B 222 2.75 27.26 -4.64
CA SER B 222 1.76 28.11 -5.29
C SER B 222 1.43 27.63 -6.69
N TRP B 223 2.36 26.92 -7.33
CA TRP B 223 2.06 26.27 -8.60
C TRP B 223 0.94 25.26 -8.46
N LEU B 224 1.03 24.40 -7.44
CA LEU B 224 -0.01 23.42 -7.22
C LEU B 224 -1.31 24.07 -6.82
N LEU B 225 -1.22 25.19 -6.13
CA LEU B 225 -2.43 25.94 -5.81
C LEU B 225 -3.01 26.57 -7.06
N PHE B 226 -2.17 26.89 -8.05
CA PHE B 226 -2.72 27.41 -9.29
C PHE B 226 -3.47 26.32 -10.04
N ALA B 227 -2.85 25.16 -10.19
CA ALA B 227 -3.50 24.08 -10.91
C ALA B 227 -4.68 23.51 -10.17
N CYS B 228 -4.71 23.60 -8.84
CA CYS B 228 -5.86 23.12 -8.09
C CYS B 228 -7.09 23.96 -8.39
N GLU B 229 -6.97 25.27 -8.26
CA GLU B 229 -8.05 26.14 -8.68
C GLU B 229 -8.21 26.18 -10.19
N GLN B 230 -7.21 25.75 -10.95
CA GLN B 230 -7.47 25.62 -12.37
C GLN B 230 -8.29 24.38 -12.64
N LEU B 231 -8.07 23.31 -11.87
CA LEU B 231 -8.96 22.17 -11.95
C LEU B 231 -10.33 22.49 -11.38
N GLN B 232 -10.38 23.31 -10.32
CA GLN B 232 -11.65 23.68 -9.73
C GLN B 232 -12.48 24.51 -10.69
N HIS B 233 -11.81 25.30 -11.53
CA HIS B 233 -12.45 25.87 -12.70
C HIS B 233 -12.97 24.79 -13.61
N LEU B 234 -12.13 23.84 -13.93
CA LEU B 234 -12.45 22.80 -14.88
C LEU B 234 -13.48 21.81 -14.34
N LYS B 235 -13.72 21.81 -13.03
CA LYS B 235 -14.91 21.14 -12.51
C LYS B 235 -16.15 21.83 -13.01
N ALA B 236 -16.26 23.12 -12.74
CA ALA B 236 -17.51 23.85 -12.88
C ALA B 236 -17.89 24.16 -14.30
N ILE B 237 -17.04 23.84 -15.27
CA ILE B 237 -17.48 23.94 -16.66
C ILE B 237 -18.42 22.80 -16.99
N MET B 238 -18.28 21.69 -16.27
CA MET B 238 -18.84 20.41 -16.72
C MET B 238 -20.36 20.42 -16.73
N LYS B 239 -20.99 21.13 -15.80
CA LYS B 239 -22.44 21.22 -15.85
C LYS B 239 -22.91 22.16 -16.96
N PRO B 240 -22.36 23.37 -17.15
CA PRO B 240 -22.80 24.15 -18.34
C PRO B 240 -22.32 23.59 -19.65
N LEU B 241 -21.25 22.81 -19.66
CA LEU B 241 -20.86 22.16 -20.91
C LEU B 241 -21.89 21.13 -21.32
N MET B 242 -22.37 20.35 -20.37
CA MET B 242 -23.23 19.24 -20.71
C MET B 242 -24.63 19.69 -21.07
N GLU B 243 -25.04 20.87 -20.59
CA GLU B 243 -26.32 21.41 -21.02
C GLU B 243 -26.29 21.86 -22.47
N LEU B 244 -25.11 22.05 -23.06
CA LEU B 244 -25.04 22.41 -24.46
C LEU B 244 -25.42 21.25 -25.36
N SER B 245 -25.07 20.04 -24.96
CA SER B 245 -25.27 18.89 -25.81
C SER B 245 -26.64 18.24 -25.65
N ALA B 246 -27.49 18.79 -24.79
CA ALA B 246 -28.79 18.19 -24.56
C ALA B 246 -29.75 18.54 -25.69
N THR B 247 -31.00 18.17 -25.50
CA THR B 247 -32.03 18.47 -26.49
C THR B 247 -33.20 19.22 -25.87
N GLY B 317 -31.32 15.08 -32.80
CA GLY B 317 -32.12 16.28 -32.67
C GLY B 317 -31.31 17.51 -32.34
N LEU B 318 -30.10 17.58 -32.91
CA LEU B 318 -29.21 18.70 -32.69
C LEU B 318 -28.78 19.27 -34.04
N THR B 319 -28.72 20.59 -34.11
CA THR B 319 -28.24 21.18 -35.35
C THR B 319 -26.73 21.08 -35.41
N LYS B 320 -26.18 21.37 -36.59
CA LYS B 320 -24.74 21.32 -36.77
C LYS B 320 -24.05 22.42 -35.99
N LYS B 321 -24.72 23.56 -35.80
CA LYS B 321 -24.15 24.64 -35.01
C LYS B 321 -24.06 24.26 -33.54
N GLN B 322 -24.86 23.30 -33.07
CA GLN B 322 -24.65 22.78 -31.73
C GLN B 322 -23.47 21.82 -31.70
N GLU B 323 -23.41 20.90 -32.66
CA GLU B 323 -22.31 19.94 -32.68
C GLU B 323 -21.00 20.59 -33.01
N MET B 324 -21.03 21.72 -33.73
CA MET B 324 -19.82 22.52 -33.84
C MET B 324 -19.50 23.19 -32.52
N LEU B 325 -20.54 23.61 -31.80
CA LEU B 325 -20.27 24.32 -30.56
C LEU B 325 -19.90 23.37 -29.44
N VAL B 326 -20.52 22.18 -29.40
CA VAL B 326 -20.18 21.30 -28.31
C VAL B 326 -18.80 20.70 -28.55
N ARG B 327 -18.38 20.52 -29.80
CA ARG B 327 -17.03 20.05 -30.04
C ARG B 327 -16.02 21.12 -29.69
N SER B 328 -16.35 22.38 -29.96
CA SER B 328 -15.49 23.45 -29.53
C SER B 328 -15.57 23.66 -28.02
N ALA B 329 -16.62 23.17 -27.38
CA ALA B 329 -16.64 23.19 -25.92
C ALA B 329 -15.75 22.09 -25.36
N ILE B 330 -15.79 20.91 -25.97
CA ILE B 330 -14.90 19.83 -25.56
C ILE B 330 -13.46 20.19 -25.83
N LYS B 331 -13.19 20.81 -26.99
CA LYS B 331 -11.84 21.20 -27.36
C LYS B 331 -11.25 22.19 -26.38
N TYR B 332 -12.07 23.08 -25.83
CA TYR B 332 -11.57 23.91 -24.75
C TYR B 332 -11.29 23.08 -23.52
N TRP B 333 -12.18 22.15 -23.18
CA TRP B 333 -12.09 21.47 -21.90
C TRP B 333 -10.90 20.55 -21.85
N VAL B 334 -10.67 19.78 -22.91
CA VAL B 334 -9.59 18.82 -22.89
C VAL B 334 -8.26 19.52 -23.01
N GLU B 335 -8.16 20.50 -23.90
CA GLU B 335 -6.91 21.23 -24.06
C GLU B 335 -6.59 22.09 -22.86
N ARG B 336 -7.59 22.48 -22.06
CA ARG B 336 -7.28 23.01 -20.76
C ARG B 336 -6.74 21.92 -19.86
N HIS B 337 -7.39 20.76 -19.90
CA HIS B 337 -7.00 19.67 -19.01
C HIS B 337 -5.69 19.05 -19.44
N LYS B 338 -5.42 18.99 -20.75
CA LYS B 338 -4.08 18.66 -21.21
C LYS B 338 -3.06 19.66 -20.72
N HIS B 339 -3.47 20.93 -20.60
CA HIS B 339 -2.51 21.97 -20.25
C HIS B 339 -2.19 21.96 -18.77
N VAL B 340 -3.15 21.61 -17.93
CA VAL B 340 -2.87 21.50 -16.51
C VAL B 340 -1.95 20.32 -16.25
N VAL B 341 -2.19 19.20 -16.94
CA VAL B 341 -1.30 18.06 -16.90
C VAL B 341 0.09 18.46 -17.37
N ARG B 342 0.15 19.31 -18.39
CA ARG B 342 1.42 19.82 -18.88
C ARG B 342 2.11 20.69 -17.84
N LEU B 343 1.36 21.33 -16.97
CA LEU B 343 1.96 22.10 -15.90
C LEU B 343 2.44 21.18 -14.78
N VAL B 344 1.59 20.24 -14.37
CA VAL B 344 1.85 19.46 -13.17
C VAL B 344 2.94 18.43 -13.44
N THR B 345 3.01 17.90 -14.65
CA THR B 345 4.17 17.09 -15.00
C THR B 345 5.43 17.91 -15.16
N ALA B 346 5.31 19.23 -15.29
CA ALA B 346 6.50 20.05 -15.30
C ALA B 346 6.90 20.51 -13.90
N VAL B 347 5.93 20.83 -13.03
CA VAL B 347 6.31 21.21 -11.69
C VAL B 347 6.74 20.01 -10.87
N GLY B 348 6.42 18.80 -11.32
CA GLY B 348 7.05 17.62 -10.77
C GLY B 348 8.40 17.35 -11.37
N ASP B 349 8.67 17.94 -12.53
CA ASP B 349 9.97 17.82 -13.16
C ASP B 349 10.91 18.93 -12.74
N ALA B 350 10.38 20.13 -12.51
CA ALA B 350 11.22 21.22 -12.06
C ALA B 350 11.62 21.03 -10.61
N TYR B 351 10.66 20.98 -9.72
CA TYR B 351 10.95 21.00 -8.29
C TYR B 351 11.19 19.61 -7.73
N GLY B 352 11.01 18.58 -8.55
CA GLY B 352 10.90 17.22 -8.04
C GLY B 352 12.15 16.68 -7.38
N VAL B 353 13.31 17.03 -7.90
CA VAL B 353 14.55 16.52 -7.33
C VAL B 353 14.89 17.24 -6.04
N ALA B 354 14.64 18.55 -5.99
CA ALA B 354 14.89 19.29 -4.75
C ALA B 354 13.93 18.91 -3.66
N LEU B 355 12.76 18.41 -4.02
CA LEU B 355 11.83 17.94 -3.01
C LEU B 355 12.36 16.68 -2.34
N LEU B 356 13.10 15.88 -3.10
CA LEU B 356 13.76 14.72 -2.51
C LEU B 356 14.85 15.16 -1.55
N LEU B 357 15.71 16.08 -1.99
CA LEU B 357 16.81 16.56 -1.15
C LEU B 357 16.30 17.28 0.08
N HIS B 358 15.16 17.93 -0.03
CA HIS B 358 14.52 18.48 1.16
C HIS B 358 14.04 17.37 2.07
N MET B 359 13.39 16.36 1.51
CA MET B 359 12.82 15.32 2.35
C MET B 359 13.89 14.37 2.85
N LEU B 360 14.98 14.22 2.11
CA LEU B 360 16.09 13.40 2.58
C LEU B 360 16.81 14.09 3.73
N THR B 361 16.80 15.41 3.77
CA THR B 361 17.47 16.12 4.84
C THR B 361 16.67 16.04 6.13
N THR B 362 15.35 16.21 6.05
CA THR B 362 14.51 16.19 7.24
C THR B 362 14.47 14.81 7.88
N THR B 363 14.64 13.76 7.09
CA THR B 363 14.65 12.42 7.65
C THR B 363 15.90 12.20 8.49
N ILE B 364 17.04 12.74 8.03
CA ILE B 364 18.23 12.72 8.85
C ILE B 364 18.05 13.66 10.04
N THR B 365 17.28 14.73 9.85
CA THR B 365 17.06 15.68 10.93
C THR B 365 16.15 15.09 12.00
N LEU B 366 15.06 14.46 11.58
CA LEU B 366 14.11 13.93 12.54
C LEU B 366 14.63 12.74 13.30
N THR B 367 15.60 12.01 12.76
CA THR B 367 16.21 10.96 13.57
C THR B 367 17.27 11.49 14.51
N LEU B 368 17.41 12.81 14.61
CA LEU B 368 18.21 13.45 15.63
C LEU B 368 17.37 14.26 16.59
N LEU B 369 16.28 14.87 16.10
CA LEU B 369 15.30 15.48 16.98
C LEU B 369 14.73 14.49 17.96
N ALA B 370 14.49 13.25 17.51
CA ALA B 370 13.95 12.24 18.40
C ALA B 370 14.94 11.87 19.49
N TYR B 371 16.24 11.97 19.22
CA TYR B 371 17.19 11.81 20.30
C TYR B 371 17.17 13.01 21.24
N GLN B 372 17.01 14.21 20.67
CA GLN B 372 16.90 15.37 21.52
C GLN B 372 15.57 15.39 22.27
N ALA B 373 14.54 14.79 21.68
CA ALA B 373 13.25 14.74 22.34
C ALA B 373 13.22 13.78 23.52
N THR B 374 14.21 12.88 23.61
CA THR B 374 14.31 12.03 24.78
C THR B 374 14.71 12.85 26.00
N LYS B 375 15.74 13.67 25.89
CA LYS B 375 16.31 14.31 27.07
C LYS B 375 15.63 15.63 27.40
N VAL B 376 14.30 15.59 27.44
CA VAL B 376 13.50 16.72 27.86
C VAL B 376 12.91 16.38 29.21
N ASN B 377 13.48 16.96 30.25
CA ASN B 377 13.08 16.65 31.61
C ASN B 377 11.98 17.56 32.14
N GLY B 378 11.51 18.49 31.33
CA GLY B 378 10.46 19.40 31.76
C GLY B 378 10.41 20.59 30.84
N VAL B 379 9.42 21.44 31.10
CA VAL B 379 9.20 22.62 30.28
C VAL B 379 10.31 23.63 30.58
N ASN B 380 11.20 23.81 29.61
CA ASN B 380 12.39 24.63 29.82
C ASN B 380 12.64 25.51 28.62
N VAL B 381 13.82 26.11 28.59
CA VAL B 381 14.30 26.72 27.36
C VAL B 381 14.64 25.63 26.36
N TYR B 382 15.17 24.50 26.85
CA TYR B 382 15.59 23.41 26.00
C TYR B 382 14.43 22.78 25.25
N ALA B 383 13.27 22.65 25.91
CA ALA B 383 12.12 22.06 25.25
C ALA B 383 11.63 22.90 24.10
N ALA B 384 11.74 24.22 24.22
CA ALA B 384 11.33 25.10 23.13
C ALA B 384 12.36 25.16 22.01
N THR B 385 13.47 24.46 22.13
CA THR B 385 14.37 24.26 21.01
C THR B 385 14.14 22.95 20.30
N VAL B 386 13.81 21.89 21.04
CA VAL B 386 13.46 20.62 20.41
C VAL B 386 12.13 20.75 19.71
N ILE B 387 11.12 21.27 20.41
CA ILE B 387 9.85 21.55 19.77
C ILE B 387 10.00 22.67 18.76
N GLY B 388 10.91 23.61 19.01
CA GLY B 388 11.10 24.72 18.10
C GLY B 388 11.66 24.34 16.75
N TYR B 389 12.27 23.16 16.65
CA TYR B 389 12.67 22.66 15.35
C TYR B 389 11.63 21.69 14.81
N LEU B 390 11.13 20.82 15.67
CA LEU B 390 10.25 19.75 15.23
C LEU B 390 8.90 20.29 14.80
N LEU B 391 8.46 21.41 15.37
CA LEU B 391 7.25 22.03 14.89
C LEU B 391 7.49 22.75 13.58
N TYR B 392 8.74 23.06 13.27
CA TYR B 392 9.09 23.71 12.02
C TYR B 392 9.58 22.74 10.97
N THR B 393 10.30 21.69 11.38
CA THR B 393 10.81 20.76 10.39
C THR B 393 9.72 19.82 9.90
N LEU B 394 8.79 19.45 10.77
CA LEU B 394 7.55 18.88 10.28
C LEU B 394 6.75 19.92 9.50
N GLY B 395 6.89 21.19 9.86
CA GLY B 395 6.12 22.23 9.20
C GLY B 395 6.52 22.45 7.77
N GLN B 396 7.78 22.20 7.44
CA GLN B 396 8.19 22.25 6.04
C GLN B 396 7.60 21.09 5.26
N VAL B 397 7.58 19.90 5.87
CA VAL B 397 6.98 18.74 5.23
C VAL B 397 5.49 18.90 5.12
N PHE B 398 4.85 19.44 6.16
CA PHE B 398 3.41 19.65 6.16
C PHE B 398 2.99 20.70 5.14
N LEU B 399 3.88 21.61 4.78
CA LEU B 399 3.53 22.62 3.81
C LEU B 399 3.44 22.03 2.41
N PHE B 400 4.31 21.07 2.09
CA PHE B 400 4.22 20.36 0.82
C PHE B 400 3.03 19.42 0.80
N CYS B 401 2.87 18.65 1.87
CA CYS B 401 1.92 17.57 1.90
C CYS B 401 0.48 18.04 2.02
N ILE B 402 0.22 19.30 2.29
CA ILE B 402 -1.15 19.80 2.17
C ILE B 402 -1.49 20.01 0.71
N PHE B 403 -0.75 20.88 0.05
CA PHE B 403 -1.07 21.19 -1.33
C PHE B 403 -0.54 20.15 -2.30
N GLY B 404 0.18 19.16 -1.81
CA GLY B 404 0.39 17.96 -2.58
C GLY B 404 -0.85 17.10 -2.51
N ASN B 405 -1.42 16.98 -1.31
CA ASN B 405 -2.67 16.24 -1.14
C ASN B 405 -3.81 16.95 -1.84
N ARG B 406 -3.84 18.27 -1.76
CA ARG B 406 -4.94 19.02 -2.35
C ARG B 406 -4.92 18.90 -3.86
N LEU B 407 -3.75 18.65 -4.45
CA LEU B 407 -3.69 18.30 -5.86
C LEU B 407 -4.37 16.96 -6.13
N ILE B 408 -4.03 15.94 -5.33
CA ILE B 408 -4.57 14.61 -5.56
C ILE B 408 -6.04 14.56 -5.21
N GLU B 409 -6.43 15.26 -4.15
CA GLU B 409 -7.84 15.35 -3.80
C GLU B 409 -8.62 16.09 -4.87
N GLU B 410 -8.00 17.07 -5.53
CA GLU B 410 -8.71 17.79 -6.57
C GLU B 410 -8.76 16.99 -7.86
N SER B 411 -7.66 16.31 -8.19
CA SER B 411 -7.56 15.66 -9.48
C SER B 411 -8.49 14.45 -9.58
N SER B 412 -8.62 13.69 -8.49
CA SER B 412 -9.59 12.60 -8.49
C SER B 412 -11.01 13.13 -8.46
N SER B 413 -11.20 14.32 -7.92
CA SER B 413 -12.53 14.90 -7.79
C SER B 413 -13.11 15.32 -9.12
N VAL B 414 -12.32 15.39 -10.19
CA VAL B 414 -12.88 15.72 -11.49
C VAL B 414 -13.77 14.60 -11.96
N MET B 415 -13.39 13.36 -11.65
CA MET B 415 -14.19 12.20 -11.98
C MET B 415 -15.54 12.23 -11.28
N GLU B 416 -15.56 12.65 -10.03
CA GLU B 416 -16.84 12.85 -9.35
C GLU B 416 -17.60 14.02 -9.96
N ALA B 417 -16.91 15.05 -10.41
CA ALA B 417 -17.62 16.19 -10.96
C ALA B 417 -18.01 15.99 -12.40
N ALA B 418 -17.29 15.14 -13.13
CA ALA B 418 -17.75 14.78 -14.46
C ALA B 418 -18.99 13.92 -14.40
N TYR B 419 -19.21 13.25 -13.29
CA TYR B 419 -20.43 12.49 -13.08
C TYR B 419 -21.60 13.40 -12.80
N SER B 420 -21.40 14.39 -11.94
CA SER B 420 -22.48 15.25 -11.50
C SER B 420 -22.75 16.39 -12.48
N CYS B 421 -22.84 16.03 -13.74
CA CYS B 421 -23.48 16.83 -14.76
C CYS B 421 -24.55 15.95 -15.34
N HIS B 422 -25.47 16.52 -16.11
CA HIS B 422 -26.55 15.69 -16.64
C HIS B 422 -26.08 15.03 -17.93
N TRP B 423 -25.16 14.09 -17.78
CA TRP B 423 -24.67 13.35 -18.93
C TRP B 423 -25.68 12.35 -19.44
N TYR B 424 -26.68 12.02 -18.65
CA TYR B 424 -27.64 11.01 -19.07
C TYR B 424 -28.62 11.52 -20.11
N ASP B 425 -28.62 12.82 -20.39
CA ASP B 425 -29.33 13.32 -21.55
C ASP B 425 -28.44 14.23 -22.37
N GLY B 426 -27.14 14.00 -22.35
CA GLY B 426 -26.24 14.66 -23.26
C GLY B 426 -26.27 14.00 -24.61
N SER B 427 -25.49 14.57 -25.53
CA SER B 427 -25.36 13.93 -26.83
C SER B 427 -24.42 12.74 -26.70
N GLU B 428 -24.38 11.94 -27.77
CA GLU B 428 -23.51 10.77 -27.75
C GLU B 428 -22.05 11.16 -27.78
N GLU B 429 -21.70 12.23 -28.51
CA GLU B 429 -20.33 12.74 -28.45
C GLU B 429 -20.02 13.33 -27.09
N ALA B 430 -21.05 13.72 -26.35
CA ALA B 430 -20.82 14.19 -24.98
C ALA B 430 -20.72 13.04 -24.00
N LYS B 431 -21.45 11.96 -24.23
CA LYS B 431 -21.36 10.82 -23.34
C LYS B 431 -20.02 10.12 -23.50
N THR B 432 -19.52 10.02 -24.74
CA THR B 432 -18.21 9.42 -24.93
C THR B 432 -17.09 10.33 -24.46
N PHE B 433 -17.37 11.60 -24.27
CA PHE B 433 -16.46 12.48 -23.59
C PHE B 433 -16.28 12.14 -22.12
N VAL B 434 -17.36 11.90 -21.41
CA VAL B 434 -17.31 11.63 -19.99
C VAL B 434 -16.66 10.28 -19.69
N GLN B 435 -16.87 9.29 -20.56
CA GLN B 435 -16.27 7.98 -20.37
C GLN B 435 -14.74 8.07 -20.45
N ILE B 436 -14.23 8.98 -21.26
CA ILE B 436 -12.78 9.11 -21.37
C ILE B 436 -12.24 9.91 -20.20
N VAL B 437 -12.96 10.94 -19.78
CA VAL B 437 -12.49 11.81 -18.71
C VAL B 437 -12.41 11.07 -17.39
N CYS B 438 -13.44 10.28 -17.07
CA CYS B 438 -13.37 9.49 -15.86
C CYS B 438 -12.36 8.35 -15.93
N GLN B 439 -11.85 8.03 -17.11
CA GLN B 439 -10.73 7.10 -17.18
C GLN B 439 -9.40 7.77 -16.92
N GLN B 440 -9.34 9.09 -16.95
CA GLN B 440 -8.07 9.74 -16.69
C GLN B 440 -8.12 10.75 -15.59
N CYS B 441 -9.26 10.93 -14.97
CA CYS B 441 -9.28 11.57 -13.67
C CYS B 441 -9.26 10.53 -12.58
N GLN B 442 -9.02 9.28 -12.95
CA GLN B 442 -9.02 8.15 -12.06
C GLN B 442 -7.63 7.83 -11.56
N LYS B 443 -6.63 8.03 -12.41
CA LYS B 443 -5.24 8.00 -11.97
C LYS B 443 -4.84 9.44 -11.71
N ALA B 444 -4.83 9.82 -10.44
CA ALA B 444 -4.76 11.21 -10.04
C ALA B 444 -3.38 11.79 -10.32
N MET B 445 -3.35 13.11 -10.48
CA MET B 445 -2.09 13.81 -10.68
C MET B 445 -1.38 13.97 -9.35
N SER B 446 -0.20 13.39 -9.23
CA SER B 446 0.59 13.47 -8.02
C SER B 446 1.97 14.01 -8.33
N ILE B 447 2.56 14.68 -7.36
CA ILE B 447 3.88 15.24 -7.50
C ILE B 447 4.88 14.20 -7.01
N SER B 448 5.60 13.61 -7.94
CA SER B 448 6.56 12.57 -7.60
C SER B 448 7.82 13.23 -7.06
N GLY B 449 8.17 12.89 -5.83
CA GLY B 449 9.36 13.45 -5.23
C GLY B 449 10.60 12.75 -5.74
N ALA B 450 11.02 13.10 -6.96
CA ALA B 450 12.06 12.40 -7.72
C ALA B 450 11.74 10.92 -7.87
N LYS B 451 10.46 10.65 -8.14
CA LYS B 451 9.88 9.35 -8.50
C LYS B 451 9.92 8.32 -7.39
N PHE B 452 10.50 8.63 -6.22
CA PHE B 452 10.39 7.72 -5.09
C PHE B 452 8.98 7.75 -4.53
N PHE B 453 8.58 8.90 -4.02
CA PHE B 453 7.35 9.05 -3.27
C PHE B 453 6.52 10.16 -3.88
N THR B 454 5.21 10.02 -3.76
CA THR B 454 4.31 11.10 -4.11
C THR B 454 4.08 11.95 -2.88
N VAL B 455 3.92 13.25 -3.10
CA VAL B 455 3.74 14.12 -1.94
C VAL B 455 2.27 14.07 -1.59
N SER B 456 1.88 13.06 -0.85
CA SER B 456 0.52 12.98 -0.35
C SER B 456 0.52 13.48 1.07
N LEU B 457 -0.66 13.57 1.64
CA LEU B 457 -0.70 13.80 3.08
C LEU B 457 -0.50 12.50 3.84
N ASP B 458 -0.65 11.37 3.16
CA ASP B 458 -0.28 10.09 3.73
C ASP B 458 1.23 9.97 3.89
N LEU B 459 1.99 10.70 3.06
CA LEU B 459 3.43 10.85 3.28
C LEU B 459 3.70 11.52 4.62
N PHE B 460 3.04 12.65 4.87
CA PHE B 460 3.18 13.32 6.16
C PHE B 460 2.63 12.45 7.28
N ALA B 461 1.63 11.64 7.02
CA ALA B 461 1.20 10.68 8.01
C ALA B 461 2.25 9.60 8.22
N SER B 462 3.04 9.30 7.20
CA SER B 462 4.08 8.30 7.34
C SER B 462 5.29 8.87 8.06
N VAL B 463 5.65 10.11 7.76
CA VAL B 463 6.84 10.72 8.37
C VAL B 463 6.58 10.97 9.85
N LEU B 464 5.42 11.52 10.18
CA LEU B 464 5.04 11.74 11.56
C LEU B 464 4.94 10.43 12.33
N GLY B 465 4.44 9.38 11.69
CA GLY B 465 4.40 8.09 12.34
C GLY B 465 5.77 7.47 12.50
N ALA B 466 6.69 7.78 11.58
CA ALA B 466 8.02 7.22 11.68
C ALA B 466 8.84 7.86 12.79
N VAL B 467 8.53 9.11 13.14
CA VAL B 467 9.26 9.78 14.21
C VAL B 467 8.87 9.20 15.55
N VAL B 468 7.57 9.19 15.84
CA VAL B 468 7.03 8.68 17.10
C VAL B 468 7.38 7.22 17.29
N THR B 469 7.38 6.43 16.22
CA THR B 469 7.85 5.05 16.30
C THR B 469 9.32 5.00 16.67
N TYR B 470 10.14 5.83 16.03
CA TYR B 470 11.55 5.87 16.40
C TYR B 470 11.73 6.48 17.78
N PHE B 471 10.88 7.45 18.14
CA PHE B 471 10.97 8.05 19.46
C PHE B 471 10.59 7.06 20.54
N MET B 472 9.40 6.48 20.46
CA MET B 472 8.94 5.60 21.53
C MET B 472 9.59 4.23 21.49
N VAL B 473 10.45 3.96 20.51
CA VAL B 473 11.46 2.92 20.67
C VAL B 473 12.66 3.46 21.42
N LEU B 474 13.12 4.66 21.06
CA LEU B 474 14.29 5.23 21.70
C LEU B 474 14.02 5.62 23.15
N VAL B 475 12.76 5.86 23.50
CA VAL B 475 12.41 6.05 24.90
C VAL B 475 12.65 4.76 25.68
N GLN B 476 12.15 3.65 25.18
CA GLN B 476 12.33 2.40 25.89
C GLN B 476 13.74 1.85 25.78
N LEU B 477 14.55 2.37 24.86
CA LEU B 477 15.96 2.04 24.83
C LEU B 477 16.80 3.08 25.54
N LYS B 478 16.19 3.87 26.42
CA LYS B 478 16.93 4.76 27.27
C LYS B 478 16.63 4.39 28.72
N PHE C 7 24.57 -16.06 -38.67
CA PHE C 7 25.36 -14.98 -39.23
C PHE C 7 24.70 -13.65 -38.92
N LYS C 8 23.76 -13.25 -39.77
CA LYS C 8 22.90 -12.12 -39.47
C LYS C 8 21.77 -12.56 -38.55
N HIS C 9 21.16 -11.58 -37.91
CA HIS C 9 20.20 -11.84 -36.86
C HIS C 9 18.91 -11.10 -37.15
N GLN C 10 17.79 -11.78 -36.96
CA GLN C 10 16.53 -11.38 -37.57
C GLN C 10 15.79 -10.32 -36.79
N GLY C 11 16.43 -9.62 -35.87
CA GLY C 11 15.66 -8.75 -35.01
C GLY C 11 16.37 -8.28 -33.76
N LEU C 12 15.75 -8.55 -32.62
CA LEU C 12 16.22 -8.05 -31.33
C LEU C 12 17.61 -8.59 -30.98
N VAL C 13 17.96 -9.77 -31.48
CA VAL C 13 19.32 -10.27 -31.28
C VAL C 13 20.32 -9.39 -31.99
N ALA C 14 19.96 -8.90 -33.18
CA ALA C 14 20.80 -7.93 -33.86
C ALA C 14 20.82 -6.57 -33.18
N ASP C 15 19.99 -6.35 -32.16
CA ASP C 15 20.04 -5.11 -31.39
C ASP C 15 20.96 -5.22 -30.20
N LEU C 16 21.01 -6.38 -29.52
CA LEU C 16 21.87 -6.53 -28.36
C LEU C 16 23.19 -7.20 -28.70
N LEU C 17 23.69 -7.00 -29.91
CA LEU C 17 24.94 -7.63 -30.31
C LEU C 17 26.16 -7.29 -29.48
N PRO C 18 26.38 -6.07 -28.97
CA PRO C 18 27.43 -5.93 -27.96
C PRO C 18 27.09 -6.65 -26.68
N ASN C 19 25.83 -6.67 -26.28
CA ASN C 19 25.48 -7.25 -25.00
C ASN C 19 25.48 -8.76 -25.03
N ILE C 20 25.45 -9.36 -26.21
CA ILE C 20 25.47 -10.81 -26.28
C ILE C 20 26.90 -11.33 -26.38
N ARG C 21 27.76 -10.65 -27.17
CA ARG C 21 29.14 -11.09 -27.32
C ARG C 21 29.89 -11.03 -26.00
N VAL C 22 29.60 -10.00 -25.20
CA VAL C 22 30.17 -9.91 -23.86
C VAL C 22 29.66 -11.04 -23.00
N MET C 23 28.39 -11.38 -23.14
CA MET C 23 27.80 -12.44 -22.35
C MET C 23 28.38 -13.80 -22.71
N GLN C 24 28.57 -14.05 -24.01
CA GLN C 24 29.25 -15.27 -24.42
C GLN C 24 30.73 -15.20 -24.12
N GLY C 25 31.31 -14.01 -24.22
CA GLY C 25 32.74 -13.88 -23.95
C GLY C 25 33.07 -14.07 -22.49
N VAL C 26 32.19 -13.63 -21.60
CA VAL C 26 32.49 -13.75 -20.18
C VAL C 26 32.25 -15.17 -19.70
N GLY C 27 31.37 -15.93 -20.36
CA GLY C 27 31.23 -17.31 -20.00
C GLY C 27 29.84 -17.81 -19.70
N HIS C 28 28.79 -17.02 -19.93
CA HIS C 28 27.45 -17.58 -19.86
C HIS C 28 27.26 -18.64 -20.93
N PHE C 29 26.48 -19.66 -20.60
CA PHE C 29 26.38 -20.81 -21.50
C PHE C 29 25.35 -20.45 -22.57
N MET C 30 25.75 -19.55 -23.46
CA MET C 30 24.86 -18.97 -24.46
C MET C 30 25.39 -19.41 -25.82
N PHE C 31 24.74 -20.41 -26.39
CA PHE C 31 25.36 -21.20 -27.45
C PHE C 31 24.56 -21.13 -28.74
N ASN C 32 23.98 -20.00 -29.07
CA ASN C 32 23.02 -20.03 -30.16
C ASN C 32 23.08 -18.81 -31.06
N TYR C 33 24.08 -17.94 -30.93
CA TYR C 33 24.04 -16.72 -31.72
C TYR C 33 25.34 -16.48 -32.43
N TYR C 34 25.94 -17.54 -32.94
CA TYR C 34 27.16 -17.47 -33.72
C TYR C 34 27.25 -18.76 -34.53
N SER C 35 28.41 -18.99 -35.13
CA SER C 35 28.56 -20.11 -36.04
C SER C 35 28.65 -21.42 -35.28
N GLU C 36 28.09 -22.47 -35.88
CA GLU C 36 28.18 -23.79 -35.29
C GLU C 36 29.62 -24.32 -35.34
N GLY C 37 30.41 -23.79 -36.26
CA GLY C 37 31.83 -24.06 -36.31
C GLY C 37 32.65 -23.19 -35.38
N LYS C 38 32.03 -22.69 -34.31
CA LYS C 38 32.74 -22.09 -33.20
C LYS C 38 32.25 -22.57 -31.85
N LYS C 39 31.25 -23.46 -31.80
CA LYS C 39 30.62 -23.75 -30.51
C LYS C 39 31.49 -24.65 -29.64
N PHE C 40 32.02 -25.72 -30.22
CA PHE C 40 32.78 -26.70 -29.45
C PHE C 40 34.07 -26.16 -28.82
N PRO C 41 34.86 -25.28 -29.45
CA PRO C 41 35.92 -24.60 -28.67
C PRO C 41 35.38 -23.63 -27.65
N HIS C 42 34.14 -23.18 -27.81
CA HIS C 42 33.56 -22.23 -26.87
C HIS C 42 32.86 -22.93 -25.72
N ARG C 43 32.28 -24.09 -25.97
CA ARG C 43 31.60 -24.82 -24.91
C ARG C 43 32.59 -25.37 -23.90
N ILE C 44 33.83 -25.63 -24.31
CA ILE C 44 34.85 -26.06 -23.37
C ILE C 44 35.31 -24.86 -22.55
N TYR C 45 35.36 -23.69 -23.18
CA TYR C 45 35.72 -22.45 -22.47
C TYR C 45 34.73 -22.14 -21.37
N CYS C 46 33.45 -22.40 -21.62
CA CYS C 46 32.44 -22.08 -20.63
C CYS C 46 32.50 -23.03 -19.45
N ILE C 47 32.85 -24.28 -19.68
CA ILE C 47 32.93 -25.25 -18.59
C ILE C 47 34.14 -24.96 -17.70
N VAL C 48 35.26 -24.58 -18.30
CA VAL C 48 36.46 -24.40 -17.49
C VAL C 48 36.41 -23.10 -16.69
N THR C 49 35.69 -22.08 -17.17
CA THR C 49 35.54 -20.86 -16.39
C THR C 49 34.72 -21.09 -15.14
N LEU C 50 33.61 -21.83 -15.28
CA LEU C 50 32.80 -22.20 -14.13
C LEU C 50 33.60 -23.08 -13.17
N LEU C 51 34.48 -23.92 -13.71
CA LEU C 51 35.38 -24.67 -12.85
C LEU C 51 36.36 -23.74 -12.15
N LEU C 52 36.82 -22.71 -12.85
CA LEU C 52 37.66 -21.71 -12.21
C LEU C 52 36.86 -20.84 -11.26
N LEU C 53 35.56 -20.66 -11.53
CA LEU C 53 34.72 -19.99 -10.56
C LEU C 53 34.53 -20.84 -9.32
N LEU C 54 34.14 -22.10 -9.51
CA LEU C 54 33.77 -22.95 -8.39
C LEU C 54 34.97 -23.38 -7.55
N LEU C 55 36.18 -23.36 -8.12
CA LEU C 55 37.38 -23.60 -7.32
C LEU C 55 37.61 -22.47 -6.34
N GLN C 56 37.72 -21.25 -6.85
CA GLN C 56 37.99 -20.08 -6.02
C GLN C 56 36.88 -19.83 -5.02
N TYR C 57 35.63 -19.98 -5.46
CA TYR C 57 34.52 -19.85 -4.53
C TYR C 57 34.50 -20.98 -3.52
N GLY C 58 34.95 -22.16 -3.92
CA GLY C 58 35.04 -23.27 -2.98
C GLY C 58 36.14 -23.08 -1.96
N MET C 59 37.20 -22.38 -2.33
CA MET C 59 38.26 -22.09 -1.37
C MET C 59 37.90 -20.96 -0.44
N MET C 60 36.76 -20.31 -0.61
CA MET C 60 36.36 -19.29 0.34
C MET C 60 35.66 -19.89 1.53
N ALA C 61 35.02 -21.04 1.34
CA ALA C 61 34.36 -21.71 2.45
C ALA C 61 35.37 -22.25 3.44
N VAL C 62 36.51 -22.75 2.94
CA VAL C 62 37.55 -23.23 3.84
C VAL C 62 38.25 -22.08 4.52
N ASN C 63 38.21 -20.88 3.93
CA ASN C 63 38.49 -19.71 4.74
C ASN C 63 37.41 -19.50 5.77
N LEU C 64 36.15 -19.55 5.34
CA LEU C 64 35.03 -19.22 6.19
C LEU C 64 34.85 -20.23 7.31
N MET C 65 34.95 -21.52 6.99
CA MET C 65 34.71 -22.54 8.00
C MET C 65 35.86 -22.60 8.99
N MET C 66 37.10 -22.40 8.52
CA MET C 66 38.21 -22.46 9.46
C MET C 66 38.34 -21.18 10.26
N GLU C 67 38.01 -20.03 9.67
CA GLU C 67 37.93 -18.80 10.45
C GLU C 67 36.50 -18.55 10.91
N SER C 68 35.95 -19.50 11.66
CA SER C 68 34.63 -19.38 12.23
C SER C 68 34.66 -18.99 13.70
N ASP C 69 35.83 -18.89 14.29
CA ASP C 69 35.89 -18.60 15.71
C ASP C 69 35.75 -17.11 15.96
N ASP C 70 36.18 -16.29 15.00
CA ASP C 70 35.96 -14.86 15.08
C ASP C 70 34.57 -14.52 14.55
N VAL C 71 33.82 -13.71 15.30
CA VAL C 71 32.50 -13.30 14.86
C VAL C 71 32.60 -12.25 13.77
N ASP C 72 33.56 -11.33 13.89
CA ASP C 72 33.72 -10.31 12.86
C ASP C 72 34.26 -10.91 11.57
N ASP C 73 35.27 -11.77 11.66
CA ASP C 73 35.76 -12.45 10.47
C ASP C 73 34.80 -13.52 9.97
N LEU C 74 33.85 -13.96 10.80
CA LEU C 74 32.72 -14.69 10.25
C LEU C 74 31.93 -13.81 9.32
N THR C 75 31.45 -12.67 9.82
CA THR C 75 30.56 -11.82 9.04
C THR C 75 31.27 -11.15 7.88
N ALA C 76 32.57 -10.88 8.02
CA ALA C 76 33.31 -10.29 6.92
C ALA C 76 33.44 -11.27 5.77
N ASN C 77 33.84 -12.50 6.06
CA ASN C 77 33.90 -13.51 5.01
C ASN C 77 32.52 -13.99 4.60
N THR C 78 31.50 -13.78 5.43
CA THR C 78 30.15 -14.17 5.04
C THR C 78 29.65 -13.30 3.91
N ILE C 79 29.90 -12.00 4.01
CA ILE C 79 29.43 -11.07 2.98
C ILE C 79 30.14 -11.35 1.67
N THR C 80 31.46 -11.50 1.72
CA THR C 80 32.26 -11.75 0.52
C THR C 80 31.87 -13.04 -0.16
N MET C 81 31.47 -14.04 0.62
CA MET C 81 30.97 -15.25 -0.01
C MET C 81 29.56 -15.04 -0.52
N LEU C 82 28.73 -14.27 0.21
CA LEU C 82 27.42 -13.91 -0.29
C LEU C 82 27.49 -12.89 -1.42
N PHE C 83 28.55 -12.09 -1.46
CA PHE C 83 28.73 -11.18 -2.58
C PHE C 83 28.92 -11.95 -3.86
N PHE C 84 29.85 -12.89 -3.85
CA PHE C 84 30.12 -13.69 -5.02
C PHE C 84 29.18 -14.87 -5.15
N LEU C 85 28.12 -14.91 -4.35
CA LEU C 85 27.07 -15.89 -4.57
C LEU C 85 26.14 -15.47 -5.69
N HIS C 86 26.06 -14.17 -6.01
CA HIS C 86 25.30 -13.77 -7.19
C HIS C 86 25.87 -14.33 -8.49
N PRO C 87 27.15 -14.12 -8.86
CA PRO C 87 27.57 -14.56 -10.19
C PRO C 87 27.77 -16.06 -10.31
N ILE C 88 27.52 -16.82 -9.27
CA ILE C 88 27.38 -18.26 -9.40
C ILE C 88 25.97 -18.62 -9.80
N VAL C 89 24.97 -17.99 -9.17
CA VAL C 89 23.59 -18.36 -9.42
C VAL C 89 23.16 -17.90 -10.81
N LYS C 90 23.56 -16.70 -11.20
CA LYS C 90 23.25 -16.21 -12.54
C LYS C 90 24.02 -16.99 -13.59
N MET C 91 25.20 -17.48 -13.23
CA MET C 91 25.96 -18.36 -14.11
C MET C 91 25.20 -19.64 -14.40
N ILE C 92 24.46 -20.13 -13.42
CA ILE C 92 23.73 -21.38 -13.53
C ILE C 92 22.25 -21.13 -13.83
N TYR C 93 21.74 -19.93 -13.56
CA TYR C 93 20.36 -19.64 -13.95
C TYR C 93 20.19 -19.61 -15.45
N PHE C 94 21.19 -19.13 -16.18
CA PHE C 94 21.09 -19.02 -17.63
C PHE C 94 20.95 -20.37 -18.33
N PRO C 95 21.74 -21.44 -18.04
CA PRO C 95 21.54 -22.66 -18.81
C PRO C 95 20.35 -23.46 -18.34
N VAL C 96 20.00 -23.28 -17.08
CA VAL C 96 18.85 -24.02 -16.54
C VAL C 96 17.56 -23.43 -17.09
N ARG C 97 17.33 -22.16 -16.82
CA ARG C 97 16.19 -21.45 -17.39
C ARG C 97 16.69 -20.84 -18.69
N SER C 98 16.77 -21.67 -19.71
CA SER C 98 17.47 -21.31 -20.93
C SER C 98 16.56 -21.04 -22.11
N LYS C 99 15.58 -21.93 -22.34
CA LYS C 99 14.75 -21.85 -23.53
C LYS C 99 13.88 -20.61 -23.53
N ILE C 100 13.54 -20.10 -22.35
CA ILE C 100 12.72 -18.90 -22.29
C ILE C 100 13.54 -17.68 -22.64
N PHE C 101 14.83 -17.69 -22.31
CA PHE C 101 15.73 -16.63 -22.74
C PHE C 101 15.84 -16.56 -24.26
N TYR C 102 15.95 -17.71 -24.92
CA TYR C 102 15.99 -17.67 -26.37
C TYR C 102 14.63 -17.35 -26.95
N LYS C 103 13.56 -17.62 -26.20
CA LYS C 103 12.23 -17.24 -26.65
C LYS C 103 12.05 -15.73 -26.63
N THR C 104 12.55 -15.07 -25.59
CA THR C 104 12.44 -13.62 -25.50
C THR C 104 13.29 -12.95 -26.55
N LEU C 105 14.50 -13.46 -26.78
CA LEU C 105 15.37 -12.85 -27.77
C LEU C 105 14.86 -13.08 -29.17
N ALA C 106 14.08 -14.13 -29.38
CA ALA C 106 13.45 -14.36 -30.66
C ALA C 106 12.00 -13.93 -30.69
N ILE C 107 11.57 -13.12 -29.72
CA ILE C 107 10.17 -12.72 -29.73
C ILE C 107 9.95 -11.61 -30.73
N TRP C 108 11.00 -10.94 -31.18
CA TRP C 108 10.87 -9.75 -32.00
C TRP C 108 11.14 -10.04 -33.47
N ASN C 109 11.44 -11.29 -33.84
CA ASN C 109 11.92 -11.55 -35.18
C ASN C 109 10.84 -11.48 -36.26
N ASN C 110 9.60 -11.21 -35.90
CA ASN C 110 8.57 -10.81 -36.86
C ASN C 110 7.81 -9.65 -36.26
N PRO C 111 8.32 -8.45 -36.34
CA PRO C 111 7.62 -7.29 -35.79
C PRO C 111 6.48 -6.88 -36.71
N ASN C 112 5.59 -6.06 -36.15
CA ASN C 112 4.49 -5.52 -36.93
C ASN C 112 4.94 -4.23 -37.57
N SER C 113 4.40 -3.94 -38.76
CA SER C 113 4.83 -2.76 -39.49
C SER C 113 3.68 -2.19 -40.30
N HIS C 114 3.61 -0.86 -40.34
CA HIS C 114 2.60 -0.14 -41.08
C HIS C 114 3.29 0.73 -42.13
N PRO C 115 2.76 0.77 -43.36
CA PRO C 115 3.59 1.22 -44.51
C PRO C 115 4.05 2.66 -44.47
N LEU C 116 3.18 3.66 -44.41
CA LEU C 116 3.69 5.03 -44.51
C LEU C 116 4.05 5.60 -43.14
N PHE C 117 3.70 4.91 -42.07
CA PHE C 117 3.87 5.43 -40.73
C PHE C 117 4.89 4.64 -39.91
N ALA C 118 5.80 3.96 -40.60
CA ALA C 118 6.99 3.42 -39.96
C ALA C 118 8.10 4.46 -39.86
N GLU C 119 7.83 5.68 -40.28
CA GLU C 119 8.79 6.77 -40.13
C GLU C 119 9.10 7.08 -38.67
N SER C 120 8.19 6.75 -37.76
CA SER C 120 8.47 6.81 -36.33
C SER C 120 8.89 5.47 -35.76
N ASN C 121 8.89 4.41 -36.55
CA ASN C 121 9.40 3.15 -36.04
C ASN C 121 10.91 3.19 -35.95
N ALA C 122 11.57 3.49 -37.07
CA ALA C 122 13.02 3.52 -37.09
C ALA C 122 13.58 4.70 -36.32
N ARG C 123 12.78 5.74 -36.07
CA ARG C 123 13.23 6.82 -35.21
C ARG C 123 13.40 6.35 -33.78
N PHE C 124 12.56 5.43 -33.33
CA PHE C 124 12.71 4.85 -32.00
C PHE C 124 13.36 3.50 -32.00
N HIS C 125 13.49 2.86 -33.16
CA HIS C 125 14.24 1.61 -33.21
C HIS C 125 15.70 1.85 -32.93
N ALA C 126 16.33 2.73 -33.72
CA ALA C 126 17.73 3.05 -33.50
C ALA C 126 17.93 3.88 -32.24
N LEU C 127 16.90 4.54 -31.75
CA LEU C 127 17.02 5.23 -30.47
C LEU C 127 17.19 4.25 -29.33
N ALA C 128 16.55 3.08 -29.42
CA ALA C 128 16.76 2.06 -28.41
C ALA C 128 18.19 1.53 -28.47
N ILE C 129 18.67 1.22 -29.68
CA ILE C 129 19.95 0.55 -29.88
C ILE C 129 21.11 1.40 -29.38
N THR C 130 20.98 2.72 -29.43
CA THR C 130 21.96 3.59 -28.78
C THR C 130 21.93 3.37 -27.27
N LYS C 131 20.77 3.59 -26.66
CA LYS C 131 20.67 3.53 -25.21
C LYS C 131 20.83 2.12 -24.68
N MET C 132 20.55 1.10 -25.49
CA MET C 132 20.87 -0.25 -25.08
C MET C 132 22.38 -0.48 -25.14
N ARG C 133 23.06 0.13 -26.10
CA ARG C 133 24.52 0.07 -26.10
C ARG C 133 25.12 1.11 -25.17
N ARG C 134 24.40 2.19 -24.90
CA ARG C 134 24.90 3.18 -23.95
C ARG C 134 24.86 2.64 -22.53
N LEU C 135 23.85 1.82 -22.22
CA LEU C 135 23.75 1.24 -20.89
C LEU C 135 24.87 0.25 -20.63
N LEU C 136 25.17 -0.58 -21.61
CA LEU C 136 26.26 -1.55 -21.48
C LEU C 136 27.59 -0.85 -21.31
N PHE C 137 27.79 0.28 -21.97
CA PHE C 137 29.04 1.00 -21.81
C PHE C 137 29.10 1.69 -20.47
N CYS C 138 27.95 1.95 -19.86
CA CYS C 138 27.94 2.53 -18.52
C CYS C 138 28.14 1.47 -17.45
N VAL C 139 27.40 0.36 -17.54
CA VAL C 139 27.36 -0.59 -16.43
C VAL C 139 28.64 -1.39 -16.37
N ALA C 140 29.01 -2.03 -17.49
CA ALA C 140 30.20 -2.88 -17.51
C ALA C 140 31.47 -2.06 -17.33
N GLY C 141 31.45 -0.80 -17.75
CA GLY C 141 32.54 0.09 -17.41
C GLY C 141 32.60 0.42 -15.94
N ALA C 142 31.44 0.54 -15.30
CA ALA C 142 31.42 0.79 -13.86
C ALA C 142 31.89 -0.43 -13.08
N THR C 143 31.67 -1.63 -13.62
CA THR C 143 32.19 -2.82 -12.97
C THR C 143 33.70 -2.88 -13.08
N ILE C 144 34.24 -2.53 -14.25
CA ILE C 144 35.69 -2.46 -14.42
C ILE C 144 36.27 -1.39 -13.51
N PHE C 145 35.53 -0.31 -13.31
CA PHE C 145 35.90 0.64 -12.25
C PHE C 145 35.84 -0.02 -10.90
N SER C 146 34.81 -0.81 -10.65
CA SER C 146 34.73 -1.48 -9.36
C SER C 146 35.66 -2.67 -9.28
N VAL C 147 36.14 -3.17 -10.42
CA VAL C 147 37.23 -4.12 -10.39
C VAL C 147 38.49 -3.47 -9.87
N ILE C 148 38.84 -2.30 -10.43
CA ILE C 148 39.97 -1.53 -9.94
C ILE C 148 39.73 -1.04 -8.52
N SER C 149 38.48 -0.77 -8.17
CA SER C 149 38.15 -0.25 -6.85
C SER C 149 38.25 -1.31 -5.75
N TRP C 150 38.45 -2.58 -6.09
CA TRP C 150 38.82 -3.53 -5.07
C TRP C 150 40.29 -3.92 -5.14
N THR C 151 40.96 -3.65 -6.27
CA THR C 151 42.40 -3.86 -6.35
C THR C 151 43.18 -2.78 -5.63
N GLY C 152 42.78 -1.53 -5.81
CA GLY C 152 43.50 -0.43 -5.20
C GLY C 152 43.41 -0.42 -3.70
N ILE C 153 42.30 -0.93 -3.16
CA ILE C 153 42.16 -0.98 -1.72
C ILE C 153 42.97 -2.14 -1.15
N THR C 154 43.25 -3.15 -1.97
CA THR C 154 44.06 -4.28 -1.52
C THR C 154 45.49 -3.84 -1.19
N PHE C 155 46.06 -3.02 -2.05
CA PHE C 155 47.47 -2.66 -1.91
C PHE C 155 47.72 -1.54 -0.92
N ILE C 156 46.70 -1.04 -0.23
CA ILE C 156 46.90 0.08 0.67
C ILE C 156 46.64 -0.32 2.12
N GLU C 157 46.68 -1.60 2.43
CA GLU C 157 46.45 -2.04 3.79
C GLU C 157 47.12 -3.38 4.00
N ASP C 158 47.55 -3.62 5.23
CA ASP C 158 48.03 -4.93 5.64
C ASP C 158 47.75 -5.13 7.12
N SER C 159 47.78 -6.39 7.55
CA SER C 159 47.48 -6.75 8.92
C SER C 159 48.18 -8.04 9.34
N PRO C 175 49.94 -11.23 11.09
CA PRO C 175 50.17 -10.95 9.68
C PRO C 175 49.16 -11.65 8.79
N ILE C 176 48.81 -11.02 7.68
CA ILE C 176 47.82 -11.57 6.74
C ILE C 176 48.50 -11.75 5.38
N PRO C 177 48.03 -12.64 4.52
CA PRO C 177 48.56 -12.68 3.15
C PRO C 177 47.96 -11.57 2.32
N ARG C 178 48.82 -10.92 1.53
CA ARG C 178 48.36 -9.82 0.70
C ARG C 178 47.56 -10.37 -0.46
N LEU C 179 46.24 -10.41 -0.29
CA LEU C 179 45.36 -11.05 -1.24
C LEU C 179 44.23 -10.12 -1.62
N MET C 180 43.72 -10.32 -2.84
CA MET C 180 42.56 -9.56 -3.28
C MET C 180 41.32 -9.98 -2.51
N ILE C 181 41.09 -11.28 -2.41
CA ILE C 181 40.02 -11.84 -1.63
C ILE C 181 40.64 -12.80 -0.63
N ARG C 182 40.29 -12.65 0.63
CA ARG C 182 40.87 -13.49 1.68
C ARG C 182 40.36 -14.92 1.55
N THR C 183 41.25 -15.84 1.23
CA THR C 183 40.92 -17.25 1.14
C THR C 183 42.14 -18.13 1.33
N PHE C 184 41.88 -19.33 1.82
CA PHE C 184 42.90 -20.34 2.07
C PHE C 184 43.43 -20.87 0.75
N TYR C 185 44.68 -21.32 0.76
CA TYR C 185 45.24 -22.02 -0.37
C TYR C 185 46.06 -23.20 0.12
N PRO C 186 46.17 -24.26 -0.69
CA PRO C 186 47.05 -25.37 -0.32
C PRO C 186 48.51 -24.98 -0.33
N PHE C 187 48.88 -24.04 -1.18
CA PHE C 187 50.17 -23.41 -1.13
C PHE C 187 50.07 -22.14 -0.29
N ASN C 188 51.19 -21.44 -0.16
CA ASN C 188 51.24 -20.28 0.70
C ASN C 188 51.25 -18.98 -0.10
N ALA C 189 50.76 -17.92 0.54
CA ALA C 189 50.77 -16.59 -0.05
C ALA C 189 51.48 -15.56 0.81
N MET C 190 51.33 -15.62 2.14
CA MET C 190 52.03 -14.69 3.00
C MET C 190 53.51 -15.00 3.08
N SER C 191 53.90 -16.24 2.77
CA SER C 191 55.30 -16.62 2.71
C SER C 191 55.77 -16.99 1.31
N GLY C 192 54.92 -17.57 0.47
CA GLY C 192 55.32 -17.82 -0.90
C GLY C 192 55.18 -16.56 -1.73
N ALA C 193 56.31 -16.04 -2.21
CA ALA C 193 56.32 -14.88 -3.08
C ALA C 193 55.79 -15.18 -4.47
N GLY C 194 55.57 -16.44 -4.81
CA GLY C 194 54.84 -16.84 -5.99
C GLY C 194 53.34 -16.70 -5.92
N HIS C 195 52.83 -15.95 -4.94
CA HIS C 195 51.40 -15.65 -4.83
C HIS C 195 50.94 -14.62 -5.83
N VAL C 196 51.84 -14.12 -6.68
CA VAL C 196 51.44 -13.28 -7.80
C VAL C 196 50.59 -14.09 -8.76
N PHE C 197 50.81 -15.40 -8.82
CA PHE C 197 49.88 -16.28 -9.52
C PHE C 197 48.50 -16.24 -8.90
N ALA C 198 48.42 -16.13 -7.57
CA ALA C 198 47.12 -16.12 -6.93
C ALA C 198 46.41 -14.80 -7.16
N LEU C 199 47.15 -13.69 -7.16
CA LEU C 199 46.52 -12.39 -7.36
C LEU C 199 46.01 -12.25 -8.78
N ILE C 200 46.78 -12.70 -9.77
CA ILE C 200 46.29 -12.70 -11.14
C ILE C 200 45.15 -13.68 -11.31
N TYR C 201 45.14 -14.76 -10.52
CA TYR C 201 43.98 -15.64 -10.51
C TYR C 201 42.78 -14.95 -9.90
N GLN C 202 42.96 -14.24 -8.79
CA GLN C 202 41.84 -13.58 -8.17
C GLN C 202 41.39 -12.36 -8.96
N PHE C 203 42.34 -11.65 -9.60
CA PHE C 203 41.96 -10.55 -10.47
C PHE C 203 41.14 -11.03 -11.65
N TYR C 204 41.49 -12.20 -12.18
CA TYR C 204 40.66 -12.80 -13.21
C TYR C 204 39.33 -13.23 -12.65
N TYR C 205 39.34 -13.79 -11.43
CA TYR C 205 38.11 -14.22 -10.78
C TYR C 205 37.21 -13.04 -10.52
N LEU C 206 37.76 -11.97 -9.97
CA LEU C 206 36.95 -10.81 -9.64
C LEU C 206 36.49 -10.07 -10.89
N VAL C 207 37.28 -10.10 -11.96
CA VAL C 207 36.78 -9.44 -13.16
C VAL C 207 35.80 -10.33 -13.89
N ILE C 208 35.86 -11.65 -13.69
CA ILE C 208 34.89 -12.46 -14.40
C ILE C 208 33.60 -12.54 -13.62
N SER C 209 33.66 -12.48 -12.28
CA SER C 209 32.45 -12.60 -11.49
C SER C 209 31.62 -11.34 -11.61
N MET C 210 32.26 -10.19 -11.45
CA MET C 210 31.54 -8.93 -11.51
C MET C 210 31.14 -8.56 -12.92
N ALA C 211 31.58 -9.31 -13.92
CA ALA C 211 31.01 -9.12 -15.25
C ALA C 211 29.93 -10.12 -15.56
N VAL C 212 30.13 -11.40 -15.20
CA VAL C 212 29.16 -12.43 -15.58
C VAL C 212 27.86 -12.28 -14.82
N SER C 213 27.87 -11.62 -13.67
CA SER C 213 26.62 -11.19 -13.05
C SER C 213 26.06 -9.98 -13.75
N ASN C 214 26.88 -8.97 -13.95
CA ASN C 214 26.44 -7.72 -14.54
C ASN C 214 26.21 -7.81 -16.03
N SER C 215 26.66 -8.89 -16.68
CA SER C 215 26.27 -9.08 -18.06
C SER C 215 24.81 -9.51 -18.15
N LEU C 216 24.43 -10.47 -17.31
CA LEU C 216 23.07 -11.00 -17.40
C LEU C 216 22.05 -10.01 -16.86
N ASP C 217 22.45 -9.19 -15.88
CA ASP C 217 21.54 -8.17 -15.37
C ASP C 217 21.21 -7.14 -16.42
N VAL C 218 22.20 -6.75 -17.22
CA VAL C 218 21.98 -5.77 -18.27
C VAL C 218 21.11 -6.35 -19.37
N LEU C 219 21.22 -7.65 -19.64
CA LEU C 219 20.35 -8.32 -20.61
C LEU C 219 18.88 -8.20 -20.23
N PHE C 220 18.57 -8.43 -18.97
CA PHE C 220 17.26 -8.07 -18.45
C PHE C 220 17.03 -6.59 -18.57
N CYS C 221 18.02 -5.80 -18.20
CA CYS C 221 17.75 -4.39 -18.04
C CYS C 221 17.84 -3.65 -19.38
N SER C 222 18.27 -4.33 -20.44
CA SER C 222 18.17 -3.77 -21.79
C SER C 222 16.90 -4.19 -22.49
N TRP C 223 16.32 -5.32 -22.09
CA TRP C 223 15.00 -5.70 -22.58
C TRP C 223 13.95 -4.67 -22.21
N LEU C 224 13.93 -4.26 -20.95
CA LEU C 224 12.98 -3.27 -20.50
C LEU C 224 13.25 -1.92 -21.13
N LEU C 225 14.52 -1.64 -21.42
CA LEU C 225 14.82 -0.42 -22.13
C LEU C 225 14.37 -0.52 -23.58
N PHE C 226 14.32 -1.73 -24.14
CA PHE C 226 13.79 -1.85 -25.49
C PHE C 226 12.30 -1.59 -25.50
N ALA C 227 11.57 -2.23 -24.59
CA ALA C 227 10.13 -2.04 -24.57
C ALA C 227 9.73 -0.64 -24.12
N CYS C 228 10.56 0.03 -23.32
CA CYS C 228 10.25 1.39 -22.92
C CYS C 228 10.27 2.34 -24.11
N GLU C 229 11.37 2.32 -24.87
CA GLU C 229 11.38 3.07 -26.11
C GLU C 229 10.47 2.47 -27.16
N GLN C 230 10.06 1.22 -27.03
CA GLN C 230 9.05 0.74 -27.94
C GLN C 230 7.70 1.30 -27.57
N LEU C 231 7.43 1.47 -26.27
CA LEU C 231 6.24 2.19 -25.88
C LEU C 231 6.35 3.66 -26.20
N GLN C 232 7.55 4.23 -26.08
CA GLN C 232 7.72 5.65 -26.39
C GLN C 232 7.49 5.90 -27.87
N HIS C 233 7.82 4.93 -28.71
CA HIS C 233 7.34 4.92 -30.09
C HIS C 233 5.83 4.90 -30.14
N LEU C 234 5.23 4.00 -29.40
CA LEU C 234 3.80 3.79 -29.42
C LEU C 234 3.04 4.93 -28.76
N LYS C 235 3.70 5.79 -28.00
CA LYS C 235 3.11 7.07 -27.63
C LYS C 235 2.90 7.92 -28.87
N ALA C 236 3.98 8.17 -29.60
CA ALA C 236 4.01 9.20 -30.62
C ALA C 236 3.27 8.84 -31.89
N ILE C 237 2.76 7.62 -32.00
CA ILE C 237 1.89 7.32 -33.13
C ILE C 237 0.53 7.95 -32.89
N MET C 238 0.16 8.18 -31.64
CA MET C 238 -1.21 8.42 -31.26
C MET C 238 -1.75 9.74 -31.80
N LYS C 239 -0.90 10.75 -31.90
CA LYS C 239 -1.36 11.98 -32.50
C LYS C 239 -1.47 11.86 -34.02
N PRO C 240 -0.51 11.32 -34.78
CA PRO C 240 -0.76 11.13 -36.22
C PRO C 240 -1.78 10.06 -36.52
N LEU C 241 -2.00 9.10 -35.62
CA LEU C 241 -3.07 8.14 -35.86
C LEU C 241 -4.41 8.83 -35.80
N MET C 242 -4.61 9.69 -34.81
CA MET C 242 -5.92 10.25 -34.59
C MET C 242 -6.26 11.30 -35.62
N GLU C 243 -5.27 11.91 -36.26
CA GLU C 243 -5.55 12.82 -37.36
C GLU C 243 -6.06 12.09 -38.59
N LEU C 244 -5.85 10.79 -38.67
CA LEU C 244 -6.38 10.05 -39.81
C LEU C 244 -7.89 9.91 -39.74
N SER C 245 -8.43 9.79 -38.54
CA SER C 245 -9.84 9.52 -38.38
C SER C 245 -10.69 10.78 -38.32
N ALA C 246 -10.08 11.95 -38.43
CA ALA C 246 -10.84 13.18 -38.34
C ALA C 246 -11.57 13.46 -39.65
N THR C 247 -12.16 14.66 -39.72
CA THR C 247 -12.87 15.06 -40.92
C THR C 247 -12.35 16.40 -41.43
N GLY C 317 -18.79 11.28 -42.47
CA GLY C 317 -18.11 12.07 -43.48
C GLY C 317 -16.73 11.54 -43.80
N LEU C 318 -16.60 10.21 -43.81
CA LEU C 318 -15.34 9.56 -44.11
C LEU C 318 -15.56 8.55 -45.21
N THR C 319 -14.61 8.46 -46.12
CA THR C 319 -14.72 7.45 -47.15
C THR C 319 -14.31 6.10 -46.59
N LYS C 320 -14.59 5.06 -47.37
CA LYS C 320 -14.25 3.72 -46.94
C LYS C 320 -12.74 3.51 -46.93
N LYS C 321 -12.03 4.21 -47.81
CA LYS C 321 -10.57 4.13 -47.82
C LYS C 321 -9.96 4.76 -46.59
N GLN C 322 -10.67 5.67 -45.93
CA GLN C 322 -10.21 6.14 -44.63
C GLN C 322 -10.49 5.12 -43.55
N GLU C 323 -11.71 4.57 -43.52
CA GLU C 323 -12.05 3.59 -42.50
C GLU C 323 -11.31 2.29 -42.70
N MET C 324 -10.90 1.98 -43.93
CA MET C 324 -9.97 0.89 -44.12
C MET C 324 -8.59 1.28 -43.61
N LEU C 325 -8.22 2.54 -43.78
CA LEU C 325 -6.88 2.92 -43.37
C LEU C 325 -6.81 3.14 -41.87
N VAL C 326 -7.87 3.68 -41.26
CA VAL C 326 -7.77 3.90 -39.83
C VAL C 326 -7.88 2.57 -39.09
N ARG C 327 -8.59 1.59 -39.64
CA ARG C 327 -8.62 0.29 -39.01
C ARG C 327 -7.27 -0.40 -39.15
N SER C 328 -6.62 -0.22 -40.30
CA SER C 328 -5.27 -0.74 -40.43
C SER C 328 -4.28 0.07 -39.62
N ALA C 329 -4.62 1.29 -39.24
CA ALA C 329 -3.77 2.02 -38.32
C ALA C 329 -3.94 1.51 -36.90
N ILE C 330 -5.19 1.21 -36.51
CA ILE C 330 -5.44 0.63 -35.20
C ILE C 330 -4.83 -0.75 -35.11
N LYS C 331 -4.96 -1.54 -36.19
CA LYS C 331 -4.43 -2.90 -36.22
C LYS C 331 -2.93 -2.91 -36.05
N TYR C 332 -2.24 -1.92 -36.58
CA TYR C 332 -0.82 -1.80 -36.26
C TYR C 332 -0.62 -1.46 -34.80
N TRP C 333 -1.42 -0.53 -34.27
CA TRP C 333 -1.14 0.01 -32.96
C TRP C 333 -1.39 -1.02 -31.87
N VAL C 334 -2.48 -1.76 -31.96
CA VAL C 334 -2.81 -2.70 -30.92
C VAL C 334 -1.90 -3.91 -31.00
N GLU C 335 -1.67 -4.42 -32.21
CA GLU C 335 -0.80 -5.56 -32.36
C GLU C 335 0.65 -5.24 -32.05
N ARG C 336 1.05 -3.98 -32.16
CA ARG C 336 2.32 -3.59 -31.56
C ARG C 336 2.21 -3.63 -30.05
N HIS C 337 1.11 -3.12 -29.51
CA HIS C 337 0.96 -3.04 -28.07
C HIS C 337 0.70 -4.40 -27.46
N LYS C 338 -0.01 -5.28 -28.19
CA LYS C 338 -0.06 -6.67 -27.78
C LYS C 338 1.31 -7.30 -27.79
N HIS C 339 2.17 -6.87 -28.70
CA HIS C 339 3.46 -7.51 -28.85
C HIS C 339 4.44 -7.07 -27.77
N VAL C 340 4.34 -5.82 -27.32
CA VAL C 340 5.18 -5.37 -26.23
C VAL C 340 4.78 -6.06 -24.94
N VAL C 341 3.47 -6.21 -24.72
CA VAL C 341 2.95 -6.99 -23.60
C VAL C 341 3.45 -8.43 -23.69
N ARG C 342 3.51 -8.96 -24.90
CA ARG C 342 4.04 -10.30 -25.13
C ARG C 342 5.52 -10.38 -24.78
N LEU C 343 6.24 -9.27 -24.93
CA LEU C 343 7.64 -9.27 -24.53
C LEU C 343 7.77 -9.15 -23.02
N VAL C 344 7.03 -8.23 -22.42
CA VAL C 344 7.24 -7.88 -21.03
C VAL C 344 6.70 -8.98 -20.12
N THR C 345 5.63 -9.64 -20.53
CA THR C 345 5.23 -10.84 -19.79
C THR C 345 6.17 -11.99 -20.01
N ALA C 346 7.03 -11.94 -21.02
CA ALA C 346 8.04 -12.96 -21.17
C ALA C 346 9.32 -12.62 -20.43
N VAL C 347 9.73 -11.35 -20.42
CA VAL C 347 10.93 -11.00 -19.67
C VAL C 347 10.66 -10.99 -18.18
N GLY C 348 9.40 -10.96 -17.78
CA GLY C 348 9.07 -11.26 -16.40
C GLY C 348 8.97 -12.73 -16.13
N ASP C 349 8.82 -13.54 -17.18
CA ASP C 349 8.82 -14.97 -17.05
C ASP C 349 10.21 -15.56 -17.19
N ALA C 350 11.04 -14.97 -18.04
CA ALA C 350 12.40 -15.45 -18.19
C ALA C 350 13.24 -15.11 -16.98
N TYR C 351 13.40 -13.83 -16.71
CA TYR C 351 14.34 -13.37 -15.70
C TYR C 351 13.72 -13.33 -14.31
N GLY C 352 12.41 -13.60 -14.21
CA GLY C 352 11.68 -13.27 -12.99
C GLY C 352 12.10 -14.05 -11.77
N VAL C 353 12.45 -15.32 -11.93
CA VAL C 353 12.82 -16.13 -10.78
C VAL C 353 14.23 -15.76 -10.31
N ALA C 354 15.14 -15.50 -11.24
CA ALA C 354 16.49 -15.10 -10.87
C ALA C 354 16.51 -13.73 -10.24
N LEU C 355 15.53 -12.89 -10.54
CA LEU C 355 15.45 -11.60 -9.90
C LEU C 355 15.10 -11.76 -8.44
N LEU C 356 14.32 -12.79 -8.12
CA LEU C 356 14.03 -13.09 -6.72
C LEU C 356 15.29 -13.56 -6.01
N LEU C 357 16.01 -14.51 -6.61
CA LEU C 357 17.22 -15.05 -6.02
C LEU C 357 18.30 -13.99 -5.87
N HIS C 358 18.33 -13.03 -6.79
CA HIS C 358 19.20 -11.89 -6.62
C HIS C 358 18.75 -11.04 -5.44
N MET C 359 17.46 -10.77 -5.35
CA MET C 359 16.98 -9.87 -4.31
C MET C 359 16.94 -10.57 -2.96
N LEU C 360 16.78 -11.90 -2.97
CA LEU C 360 16.83 -12.64 -1.71
C LEU C 360 18.24 -12.70 -1.17
N THR C 361 19.24 -12.65 -2.05
CA THR C 361 20.62 -12.68 -1.60
C THR C 361 21.03 -11.36 -0.99
N THR C 362 20.67 -10.25 -1.62
CA THR C 362 21.05 -8.93 -1.12
C THR C 362 20.39 -8.61 0.20
N THR C 363 19.20 -9.15 0.46
CA THR C 363 18.55 -8.91 1.73
C THR C 363 19.32 -9.60 2.86
N ILE C 364 19.83 -10.80 2.61
CA ILE C 364 20.71 -11.44 3.57
C ILE C 364 22.03 -10.69 3.63
N THR C 365 22.44 -10.09 2.52
CA THR C 365 23.70 -9.35 2.49
C THR C 365 23.57 -8.04 3.26
N LEU C 366 22.48 -7.31 3.04
CA LEU C 366 22.33 -6.01 3.68
C LEU C 366 22.06 -6.11 5.17
N THR C 367 21.55 -7.24 5.65
CA THR C 367 21.46 -7.39 7.10
C THR C 367 22.77 -7.84 7.73
N LEU C 368 23.84 -7.90 6.95
CA LEU C 368 25.19 -8.08 7.46
C LEU C 368 26.05 -6.86 7.24
N LEU C 369 25.83 -6.14 6.13
CA LEU C 369 26.46 -4.84 5.93
C LEU C 369 26.11 -3.89 7.04
N ALA C 370 24.87 -3.92 7.50
CA ALA C 370 24.44 -3.03 8.57
C ALA C 370 25.13 -3.36 9.87
N TYR C 371 25.50 -4.61 10.09
CA TYR C 371 26.34 -4.92 11.23
C TYR C 371 27.75 -4.42 11.02
N GLN C 372 28.26 -4.53 9.80
CA GLN C 372 29.58 -4.00 9.52
C GLN C 372 29.56 -2.49 9.53
N ALA C 373 28.43 -1.88 9.17
CA ALA C 373 28.33 -0.43 9.18
C ALA C 373 28.30 0.14 10.59
N THR C 374 28.04 -0.69 11.60
CA THR C 374 28.13 -0.21 12.97
C THR C 374 29.57 0.06 13.36
N LYS C 375 30.46 -0.89 13.09
CA LYS C 375 31.82 -0.78 13.63
C LYS C 375 32.74 -0.01 12.70
N VAL C 376 32.29 1.16 12.29
CA VAL C 376 33.10 2.09 11.50
C VAL C 376 33.42 3.26 12.41
N ASN C 377 34.65 3.30 12.89
CA ASN C 377 35.08 4.30 13.85
C ASN C 377 35.68 5.53 13.19
N GLY C 378 35.73 5.56 11.87
CA GLY C 378 36.30 6.70 11.17
C GLY C 378 36.63 6.32 9.74
N VAL C 379 37.05 7.32 8.99
CA VAL C 379 37.38 7.13 7.58
C VAL C 379 38.67 6.32 7.49
N ASN C 380 38.55 5.08 7.05
CA ASN C 380 39.68 4.17 7.06
C ASN C 380 39.72 3.37 5.77
N VAL C 381 40.55 2.34 5.76
CA VAL C 381 40.44 1.33 4.72
C VAL C 381 39.18 0.51 4.94
N TYR C 382 38.82 0.28 6.20
CA TYR C 382 37.65 -0.53 6.53
C TYR C 382 36.36 0.11 6.07
N ALA C 383 36.25 1.43 6.16
CA ALA C 383 35.03 2.10 5.74
C ALA C 383 34.82 1.98 4.24
N ALA C 384 35.90 1.97 3.47
CA ALA C 384 35.77 1.80 2.03
C ALA C 384 35.53 0.36 1.63
N THR C 385 35.45 -0.56 2.57
CA THR C 385 34.97 -1.91 2.29
C THR C 385 33.50 -2.07 2.64
N VAL C 386 33.05 -1.44 3.72
CA VAL C 386 31.62 -1.46 4.04
C VAL C 386 30.85 -0.64 3.03
N ILE C 387 31.30 0.58 2.78
CA ILE C 387 30.69 1.39 1.73
C ILE C 387 30.99 0.78 0.37
N GLY C 388 32.13 0.12 0.22
CA GLY C 388 32.49 -0.47 -1.06
C GLY C 388 31.62 -1.63 -1.47
N TYR C 389 30.90 -2.23 -0.53
CA TYR C 389 29.90 -3.22 -0.90
C TYR C 389 28.52 -2.61 -0.96
N LEU C 390 28.21 -1.76 0.01
CA LEU C 390 26.87 -1.22 0.14
C LEU C 390 26.55 -0.26 -0.98
N LEU C 391 27.56 0.43 -1.51
CA LEU C 391 27.31 1.26 -2.68
C LEU C 391 27.17 0.41 -3.93
N TYR C 392 27.64 -0.82 -3.89
CA TYR C 392 27.52 -1.73 -5.03
C TYR C 392 26.36 -2.69 -4.87
N THR C 393 26.06 -3.14 -3.65
CA THR C 393 24.98 -4.08 -3.47
C THR C 393 23.63 -3.40 -3.54
N LEU C 394 23.55 -2.15 -3.06
CA LEU C 394 22.41 -1.33 -3.43
C LEU C 394 22.45 -1.00 -4.91
N GLY C 395 23.64 -0.91 -5.49
CA GLY C 395 23.76 -0.55 -6.89
C GLY C 395 23.24 -1.60 -7.83
N GLN C 396 23.29 -2.87 -7.44
CA GLN C 396 22.65 -3.91 -8.23
C GLN C 396 21.14 -3.79 -8.15
N VAL C 397 20.62 -3.50 -6.96
CA VAL C 397 19.17 -3.32 -6.79
C VAL C 397 18.72 -2.06 -7.52
N PHE C 398 19.50 -1.00 -7.43
CA PHE C 398 19.17 0.26 -8.08
C PHE C 398 19.20 0.15 -9.59
N LEU C 399 19.96 -0.78 -10.13
CA LEU C 399 20.02 -0.94 -11.56
C LEU C 399 18.74 -1.56 -12.10
N PHE C 400 18.15 -2.49 -11.36
CA PHE C 400 16.86 -3.05 -11.73
C PHE C 400 15.75 -2.04 -11.53
N CYS C 401 15.75 -1.40 -10.38
CA CYS C 401 14.64 -0.56 -9.96
C CYS C 401 14.56 0.76 -10.71
N ILE C 402 15.57 1.13 -11.48
CA ILE C 402 15.39 2.27 -12.37
C ILE C 402 14.58 1.86 -13.58
N PHE C 403 15.09 0.90 -14.34
CA PHE C 403 14.40 0.50 -15.56
C PHE C 403 13.26 -0.45 -15.29
N GLY C 404 13.06 -0.84 -14.05
CA GLY C 404 11.80 -1.43 -13.66
C GLY C 404 10.78 -0.33 -13.47
N ASN C 405 11.19 0.76 -12.81
CA ASN C 405 10.31 1.92 -12.65
C ASN C 405 10.03 2.58 -13.98
N ARG C 406 11.05 2.67 -14.84
CA ARG C 406 10.88 3.34 -16.11
C ARG C 406 9.92 2.59 -17.00
N LEU C 407 9.80 1.28 -16.80
CA LEU C 407 8.74 0.53 -17.46
C LEU C 407 7.36 0.96 -16.96
N ILE C 408 7.20 1.03 -15.64
CA ILE C 408 5.88 1.36 -15.07
C ILE C 408 5.55 2.82 -15.33
N GLU C 409 6.55 3.69 -15.26
CA GLU C 409 6.33 5.10 -15.59
C GLU C 409 5.99 5.27 -17.07
N GLU C 410 6.54 4.42 -17.93
CA GLU C 410 6.22 4.53 -19.34
C GLU C 410 4.87 3.93 -19.66
N SER C 411 4.55 2.80 -19.02
CA SER C 411 3.34 2.06 -19.38
C SER C 411 2.09 2.80 -18.96
N SER C 412 2.11 3.43 -17.78
CA SER C 412 0.99 4.26 -17.39
C SER C 412 0.91 5.52 -18.23
N SER C 413 2.03 5.98 -18.75
CA SER C 413 2.06 7.20 -19.53
C SER C 413 1.41 7.07 -20.89
N VAL C 414 1.12 5.85 -21.34
CA VAL C 414 0.41 5.71 -22.60
C VAL C 414 -1.00 6.23 -22.45
N MET C 415 -1.60 6.04 -21.29
CA MET C 415 -2.93 6.55 -21.01
C MET C 415 -2.96 8.06 -21.05
N GLU C 416 -1.93 8.71 -20.53
CA GLU C 416 -1.82 10.16 -20.67
C GLU C 416 -1.58 10.55 -22.12
N ALA C 417 -0.84 9.74 -22.87
CA ALA C 417 -0.57 10.10 -24.24
C ALA C 417 -1.69 9.73 -25.18
N ALA C 418 -2.49 8.74 -24.82
CA ALA C 418 -3.69 8.47 -25.60
C ALA C 418 -4.72 9.57 -25.43
N TYR C 419 -4.64 10.30 -24.32
CA TYR C 419 -5.49 11.45 -24.10
C TYR C 419 -5.05 12.62 -24.95
N SER C 420 -3.76 12.89 -24.99
CA SER C 420 -3.25 14.07 -25.67
C SER C 420 -3.06 13.83 -27.16
N CYS C 421 -4.09 13.29 -27.78
CA CYS C 421 -4.32 13.35 -29.20
C CYS C 421 -5.67 13.98 -29.37
N HIS C 422 -6.01 14.42 -30.57
CA HIS C 422 -7.30 15.08 -30.73
C HIS C 422 -8.38 14.03 -30.96
N TRP C 423 -8.67 13.28 -29.90
CA TRP C 423 -9.72 12.28 -29.98
C TRP C 423 -11.10 12.89 -29.99
N TYR C 424 -11.23 14.14 -29.59
CA TYR C 424 -12.54 14.76 -29.53
C TYR C 424 -13.10 15.11 -30.90
N ASP C 425 -12.31 14.99 -31.95
CA ASP C 425 -12.86 15.05 -33.30
C ASP C 425 -12.36 13.89 -34.13
N GLY C 426 -12.07 12.77 -33.49
CA GLY C 426 -11.80 11.55 -34.22
C GLY C 426 -13.09 10.89 -34.66
N SER C 427 -12.94 9.78 -35.36
CA SER C 427 -14.12 9.01 -35.72
C SER C 427 -14.61 8.23 -34.51
N GLU C 428 -15.80 7.67 -34.65
CA GLU C 428 -16.35 6.90 -33.54
C GLU C 428 -15.58 5.61 -33.31
N GLU C 429 -15.09 4.97 -34.38
CA GLU C 429 -14.22 3.81 -34.21
C GLU C 429 -12.88 4.22 -33.60
N ALA C 430 -12.51 5.49 -33.76
CA ALA C 430 -11.30 5.96 -33.11
C ALA C 430 -11.54 6.34 -31.66
N LYS C 431 -12.72 6.85 -31.34
CA LYS C 431 -13.00 7.18 -29.95
C LYS C 431 -13.17 5.92 -29.11
N THR C 432 -13.78 4.88 -29.67
CA THR C 432 -13.88 3.62 -28.94
C THR C 432 -12.56 2.91 -28.85
N PHE C 433 -11.61 3.27 -29.68
CA PHE C 433 -10.25 2.82 -29.51
C PHE C 433 -9.59 3.38 -28.27
N VAL C 434 -9.73 4.68 -28.02
CA VAL C 434 -9.07 5.33 -26.90
C VAL C 434 -9.67 4.88 -25.57
N GLN C 435 -10.99 4.61 -25.54
CA GLN C 435 -11.63 4.16 -24.32
C GLN C 435 -11.09 2.80 -23.90
N ILE C 436 -10.72 1.96 -24.85
CA ILE C 436 -10.18 0.66 -24.50
C ILE C 436 -8.72 0.77 -24.09
N VAL C 437 -7.96 1.62 -24.77
CA VAL C 437 -6.54 1.76 -24.49
C VAL C 437 -6.30 2.32 -23.11
N CYS C 438 -7.05 3.35 -22.73
CA CYS C 438 -6.90 3.89 -21.40
C CYS C 438 -7.43 2.95 -20.32
N GLN C 439 -8.18 1.92 -20.68
CA GLN C 439 -8.52 0.90 -19.70
C GLN C 439 -7.43 -0.13 -19.53
N GLN C 440 -6.45 -0.18 -20.42
CA GLN C 440 -5.38 -1.14 -20.25
C GLN C 440 -4.01 -0.53 -20.22
N CYS C 441 -3.91 0.76 -20.34
CA CYS C 441 -2.69 1.43 -19.94
C CYS C 441 -2.81 1.93 -18.53
N GLN C 442 -3.86 1.52 -17.84
CA GLN C 442 -4.18 1.94 -16.49
C GLN C 442 -3.65 0.96 -15.47
N LYS C 443 -3.66 -0.32 -15.79
CA LYS C 443 -2.94 -1.31 -15.01
C LYS C 443 -1.59 -1.51 -15.67
N ALA C 444 -0.57 -0.88 -15.10
CA ALA C 444 0.71 -0.73 -15.76
C ALA C 444 1.45 -2.06 -15.85
N MET C 445 2.35 -2.14 -16.82
CA MET C 445 3.18 -3.32 -16.98
C MET C 445 4.31 -3.28 -15.98
N SER C 446 4.35 -4.26 -15.10
CA SER C 446 5.38 -4.35 -14.09
C SER C 446 6.07 -5.69 -14.16
N ILE C 447 7.34 -5.72 -13.77
CA ILE C 447 8.13 -6.93 -13.78
C ILE C 447 7.99 -7.57 -12.41
N SER C 448 7.25 -8.67 -12.36
CA SER C 448 7.02 -9.36 -11.11
C SER C 448 8.24 -10.18 -10.75
N GLY C 449 8.83 -9.89 -9.60
CA GLY C 449 10.01 -10.62 -9.18
C GLY C 449 9.62 -11.96 -8.59
N ALA C 450 9.31 -12.92 -9.47
CA ALA C 450 8.71 -14.21 -9.13
C ALA C 450 7.42 -14.03 -8.34
N LYS C 451 6.62 -13.07 -8.79
CA LYS C 451 5.26 -12.74 -8.35
C LYS C 451 5.17 -12.25 -6.91
N PHE C 452 6.27 -12.19 -6.16
CA PHE C 452 6.22 -11.55 -4.85
C PHE C 452 6.08 -10.04 -5.00
N PHE C 453 7.09 -9.42 -5.60
CA PHE C 453 7.21 -7.99 -5.65
C PHE C 453 7.39 -7.54 -7.09
N THR C 454 6.91 -6.34 -7.37
CA THR C 454 7.18 -5.71 -8.64
C THR C 454 8.45 -4.89 -8.50
N VAL C 455 9.23 -4.83 -9.57
CA VAL C 455 10.48 -4.10 -9.47
C VAL C 455 10.15 -2.65 -9.74
N SER C 456 9.70 -1.96 -8.71
CA SER C 456 9.46 -0.54 -8.80
C SER C 456 10.66 0.17 -8.22
N LEU C 457 10.66 1.48 -8.33
CA LEU C 457 11.64 2.23 -7.57
C LEU C 457 11.21 2.41 -6.13
N ASP C 458 9.92 2.19 -5.86
CA ASP C 458 9.44 2.12 -4.49
C ASP C 458 9.96 0.88 -3.78
N LEU C 459 10.27 -0.17 -4.54
CA LEU C 459 11.00 -1.31 -3.99
C LEU C 459 12.37 -0.89 -3.48
N PHE C 460 13.13 -0.17 -4.32
CA PHE C 460 14.41 0.36 -3.89
C PHE C 460 14.24 1.37 -2.76
N ALA C 461 13.14 2.10 -2.74
CA ALA C 461 12.87 2.94 -1.59
C ALA C 461 12.55 2.11 -0.36
N SER C 462 12.00 0.91 -0.55
CA SER C 462 11.71 0.06 0.59
C SER C 462 12.97 -0.63 1.10
N VAL C 463 13.83 -1.07 0.19
CA VAL C 463 15.04 -1.78 0.59
C VAL C 463 15.99 -0.83 1.29
N LEU C 464 16.20 0.34 0.72
CA LEU C 464 17.04 1.36 1.35
C LEU C 464 16.48 1.81 2.69
N GLY C 465 15.17 1.91 2.80
CA GLY C 465 14.57 2.24 4.08
C GLY C 465 14.67 1.12 5.08
N ALA C 466 14.70 -0.13 4.60
CA ALA C 466 14.80 -1.25 5.52
C ALA C 466 16.19 -1.40 6.09
N VAL C 467 17.22 -0.95 5.37
CA VAL C 467 18.58 -1.04 5.86
C VAL C 467 18.80 -0.06 6.99
N VAL C 468 18.52 1.22 6.73
CA VAL C 468 18.68 2.29 7.69
C VAL C 468 17.83 2.06 8.93
N THR C 469 16.62 1.52 8.77
CA THR C 469 15.83 1.13 9.92
C THR C 469 16.51 0.02 10.71
N TYR C 470 17.03 -0.99 10.03
CA TYR C 470 17.76 -2.03 10.74
C TYR C 470 19.07 -1.50 11.27
N PHE C 471 19.70 -0.57 10.56
CA PHE C 471 20.94 0.02 11.03
C PHE C 471 20.71 0.86 12.27
N MET C 472 19.83 1.85 12.20
CA MET C 472 19.64 2.76 13.32
C MET C 472 18.83 2.16 14.45
N VAL C 473 18.37 0.91 14.30
CA VAL C 473 18.04 0.10 15.46
C VAL C 473 19.28 -0.57 16.01
N LEU C 474 20.11 -1.14 15.12
CA LEU C 474 21.31 -1.83 15.56
C LEU C 474 22.34 -0.87 16.15
N VAL C 475 22.29 0.41 15.76
CA VAL C 475 23.13 1.40 16.42
C VAL C 475 22.72 1.55 17.88
N GLN C 476 21.43 1.72 18.13
CA GLN C 476 20.98 1.90 19.49
C GLN C 476 21.00 0.60 20.30
N LEU C 477 21.12 -0.55 19.63
CA LEU C 477 21.35 -1.79 20.33
C LEU C 477 22.82 -2.15 20.39
N LYS C 478 23.70 -1.18 20.21
CA LYS C 478 25.11 -1.39 20.42
C LYS C 478 25.57 -0.43 21.50
N PHE D 7 -25.88 -40.72 -5.37
CA PHE D 7 -25.14 -41.67 -6.17
C PHE D 7 -24.21 -40.92 -7.10
N LYS D 8 -24.74 -40.52 -8.25
CA LYS D 8 -24.03 -39.61 -9.14
C LYS D 8 -24.20 -38.19 -8.66
N HIS D 9 -23.32 -37.31 -9.11
CA HIS D 9 -23.22 -35.96 -8.60
C HIS D 9 -23.30 -34.98 -9.75
N GLN D 10 -24.07 -33.92 -9.58
CA GLN D 10 -24.57 -33.12 -10.68
C GLN D 10 -23.58 -32.07 -11.17
N GLY D 11 -22.31 -32.18 -10.82
CA GLY D 11 -21.43 -31.07 -11.12
C GLY D 11 -20.12 -31.07 -10.39
N LEU D 12 -19.87 -29.96 -9.68
CA LEU D 12 -18.59 -29.72 -9.03
C LEU D 12 -18.30 -30.76 -7.95
N VAL D 13 -19.33 -31.33 -7.34
CA VAL D 13 -19.14 -32.41 -6.39
C VAL D 13 -18.55 -33.63 -7.08
N ALA D 14 -19.00 -33.89 -8.31
CA ALA D 14 -18.39 -34.94 -9.11
C ALA D 14 -16.99 -34.61 -9.58
N ASP D 15 -16.52 -33.38 -9.37
CA ASP D 15 -15.15 -33.03 -9.69
C ASP D 15 -14.21 -33.23 -8.51
N LEU D 16 -14.66 -32.96 -7.29
CA LEU D 16 -13.79 -33.12 -6.12
C LEU D 16 -14.03 -34.45 -5.43
N LEU D 17 -14.41 -35.49 -6.16
CA LEU D 17 -14.69 -36.78 -5.54
C LEU D 17 -13.53 -37.42 -4.80
N PRO D 18 -12.26 -37.34 -5.21
CA PRO D 18 -11.21 -37.75 -4.28
C PRO D 18 -11.10 -36.83 -3.09
N ASN D 19 -11.32 -35.53 -3.27
CA ASN D 19 -11.12 -34.61 -2.19
C ASN D 19 -12.25 -34.65 -1.18
N ILE D 20 -13.40 -35.21 -1.54
CA ILE D 20 -14.50 -35.29 -0.61
C ILE D 20 -14.44 -36.58 0.19
N ARG D 21 -14.12 -37.70 -0.46
CA ARG D 21 -14.05 -38.99 0.23
C ARG D 21 -12.97 -38.98 1.31
N VAL D 22 -11.85 -38.32 1.03
CA VAL D 22 -10.81 -38.14 2.02
C VAL D 22 -11.32 -37.30 3.17
N MET D 23 -12.09 -36.27 2.85
CA MET D 23 -12.62 -35.38 3.87
C MET D 23 -13.62 -36.08 4.76
N GLN D 24 -14.49 -36.89 4.16
CA GLN D 24 -15.40 -37.70 4.96
C GLN D 24 -14.66 -38.84 5.63
N GLY D 25 -13.64 -39.38 4.98
CA GLY D 25 -12.91 -40.48 5.57
C GLY D 25 -12.08 -40.05 6.77
N VAL D 26 -11.54 -38.83 6.72
CA VAL D 26 -10.70 -38.39 7.82
C VAL D 26 -11.55 -37.96 9.00
N GLY D 27 -12.79 -37.54 8.78
CA GLY D 27 -13.65 -37.26 9.89
C GLY D 27 -14.32 -35.90 9.93
N HIS D 28 -14.24 -35.11 8.87
CA HIS D 28 -15.07 -33.91 8.81
C HIS D 28 -16.54 -34.28 8.77
N PHE D 29 -17.37 -33.46 9.41
CA PHE D 29 -18.78 -33.83 9.56
C PHE D 29 -19.49 -33.48 8.26
N MET D 30 -19.20 -34.24 7.22
CA MET D 30 -19.66 -33.97 5.86
C MET D 30 -20.59 -35.10 5.49
N PHE D 31 -21.89 -34.84 5.55
CA PHE D 31 -22.87 -35.90 5.63
C PHE D 31 -23.85 -35.86 4.47
N ASN D 32 -23.40 -35.50 3.27
CA ASN D 32 -24.39 -35.21 2.25
C ASN D 32 -24.00 -35.69 0.87
N TYR D 33 -22.94 -36.48 0.73
CA TYR D 33 -22.52 -36.81 -0.63
C TYR D 33 -22.30 -38.30 -0.78
N TYR D 34 -23.17 -39.08 -0.18
CA TYR D 34 -23.15 -40.53 -0.30
C TYR D 34 -24.54 -41.03 0.09
N SER D 35 -24.66 -42.34 0.28
CA SER D 35 -25.97 -42.93 0.50
C SER D 35 -26.46 -42.66 1.90
N GLU D 36 -27.77 -42.48 2.03
CA GLU D 36 -28.38 -42.28 3.34
C GLU D 36 -28.30 -43.56 4.17
N GLY D 37 -28.17 -44.70 3.50
CA GLY D 37 -27.91 -45.96 4.17
C GLY D 37 -26.44 -46.21 4.47
N LYS D 38 -25.67 -45.13 4.59
CA LYS D 38 -24.34 -45.18 5.16
C LYS D 38 -24.07 -44.10 6.19
N LYS D 39 -25.04 -43.22 6.46
CA LYS D 39 -24.73 -42.03 7.26
C LYS D 39 -24.58 -42.37 8.73
N PHE D 40 -25.52 -43.12 9.28
CA PHE D 40 -25.54 -43.42 10.71
C PHE D 40 -24.33 -44.22 11.21
N PRO D 41 -23.77 -45.20 10.48
CA PRO D 41 -22.47 -45.72 10.92
C PRO D 41 -21.33 -44.74 10.71
N HIS D 42 -21.52 -43.72 9.88
CA HIS D 42 -20.47 -42.76 9.63
C HIS D 42 -20.55 -41.59 10.58
N ARG D 43 -21.77 -41.23 11.01
CA ARG D 43 -21.92 -40.12 11.94
C ARG D 43 -21.39 -40.48 13.33
N ILE D 44 -21.41 -41.76 13.67
CA ILE D 44 -20.81 -42.18 14.93
C ILE D 44 -19.29 -42.17 14.82
N TYR D 45 -18.77 -42.51 13.64
CA TYR D 45 -17.33 -42.45 13.39
C TYR D 45 -16.80 -41.04 13.52
N CYS D 46 -17.58 -40.06 13.09
CA CYS D 46 -17.12 -38.69 13.15
C CYS D 46 -17.10 -38.16 14.57
N ILE D 47 -18.05 -38.60 15.40
CA ILE D 47 -18.09 -38.14 16.78
C ILE D 47 -16.95 -38.75 17.59
N VAL D 48 -16.64 -40.02 17.35
CA VAL D 48 -15.61 -40.65 18.17
C VAL D 48 -14.22 -40.19 17.79
N THR D 49 -13.99 -39.78 16.54
CA THR D 49 -12.68 -39.25 16.16
C THR D 49 -12.42 -37.93 16.83
N LEU D 50 -13.42 -37.04 16.84
CA LEU D 50 -13.30 -35.78 17.55
C LEU D 50 -13.12 -36.01 19.04
N LEU D 51 -13.73 -37.05 19.58
CA LEU D 51 -13.49 -37.41 20.97
C LEU D 51 -12.06 -37.91 21.13
N LEU D 52 -11.55 -38.64 20.15
CA LEU D 52 -10.15 -39.04 20.19
C LEU D 52 -9.23 -37.86 19.92
N LEU D 53 -9.71 -36.87 19.18
CA LEU D 53 -8.93 -35.64 19.04
C LEU D 53 -8.91 -34.87 20.35
N LEU D 54 -10.08 -34.64 20.94
CA LEU D 54 -10.17 -33.79 22.11
C LEU D 54 -9.58 -34.42 23.36
N LEU D 55 -9.49 -35.75 23.41
CA LEU D 55 -8.80 -36.40 24.52
C LEU D 55 -7.31 -36.09 24.47
N GLN D 56 -6.67 -36.42 23.35
CA GLN D 56 -5.24 -36.24 23.20
C GLN D 56 -4.85 -34.76 23.27
N TYR D 57 -5.65 -33.90 22.66
CA TYR D 57 -5.38 -32.47 22.76
C TYR D 57 -5.64 -31.97 24.17
N GLY D 58 -6.59 -32.58 24.87
CA GLY D 58 -6.83 -32.21 26.26
C GLY D 58 -5.72 -32.65 27.18
N MET D 59 -5.05 -33.75 26.85
CA MET D 59 -3.92 -34.19 27.65
C MET D 59 -2.66 -33.40 27.36
N MET D 60 -2.68 -32.48 26.40
CA MET D 60 -1.51 -31.65 26.18
C MET D 60 -1.50 -30.45 27.11
N ALA D 61 -2.68 -30.01 27.52
CA ALA D 61 -2.76 -28.91 28.46
C ALA D 61 -2.23 -29.30 29.82
N VAL D 62 -2.50 -30.54 30.24
CA VAL D 62 -1.98 -31.00 31.52
C VAL D 62 -0.48 -31.26 31.42
N ASN D 63 0.05 -31.50 30.23
CA ASN D 63 1.48 -31.33 30.06
C ASN D 63 1.86 -29.87 30.20
N LEU D 64 1.13 -29.00 29.49
CA LEU D 64 1.49 -27.59 29.43
C LEU D 64 1.34 -26.89 30.77
N MET D 65 0.23 -27.17 31.46
CA MET D 65 -0.01 -26.46 32.72
C MET D 65 0.91 -26.97 33.82
N MET D 66 1.22 -28.27 33.81
CA MET D 66 2.10 -28.78 34.87
C MET D 66 3.56 -28.48 34.56
N GLU D 67 3.93 -28.47 33.29
CA GLU D 67 5.26 -27.99 32.92
C GLU D 67 5.23 -26.52 32.54
N SER D 68 4.79 -25.69 33.47
CA SER D 68 4.75 -24.25 33.28
C SER D 68 5.89 -23.54 33.98
N ASP D 69 6.73 -24.27 34.71
CA ASP D 69 7.79 -23.61 35.45
C ASP D 69 8.98 -23.34 34.55
N ASP D 70 9.17 -24.17 33.53
CA ASP D 70 10.20 -23.93 32.53
C ASP D 70 9.66 -22.98 31.47
N VAL D 71 10.44 -21.95 31.14
CA VAL D 71 10.02 -21.02 30.10
C VAL D 71 10.20 -21.63 28.73
N ASP D 72 11.28 -22.39 28.53
CA ASP D 72 11.48 -23.03 27.24
C ASP D 72 10.48 -24.14 27.00
N ASP D 73 10.25 -24.98 27.99
CA ASP D 73 9.22 -26.01 27.87
C ASP D 73 7.81 -25.44 27.94
N LEU D 74 7.66 -24.21 28.42
CA LEU D 74 6.40 -23.51 28.16
C LEU D 74 6.22 -23.28 26.68
N THR D 75 7.20 -22.60 26.05
CA THR D 75 7.06 -22.19 24.66
C THR D 75 7.12 -23.38 23.72
N ALA D 76 7.86 -24.43 24.10
CA ALA D 76 7.90 -25.61 23.25
C ALA D 76 6.56 -26.31 23.21
N ASN D 77 5.96 -26.54 24.37
CA ASN D 77 4.63 -27.12 24.41
C ASN D 77 3.55 -26.13 23.97
N THR D 78 3.85 -24.83 24.00
CA THR D 78 2.86 -23.86 23.53
C THR D 78 2.67 -23.97 22.04
N ILE D 79 3.77 -24.11 21.30
CA ILE D 79 3.70 -24.22 19.84
C ILE D 79 2.97 -25.48 19.44
N THR D 80 3.35 -26.61 20.05
CA THR D 80 2.74 -27.90 19.73
C THR D 80 1.26 -27.91 20.03
N MET D 81 0.84 -27.19 21.07
CA MET D 81 -0.59 -27.09 21.30
C MET D 81 -1.22 -26.11 20.32
N LEU D 82 -0.51 -25.03 19.97
CA LEU D 82 -0.99 -24.13 18.94
C LEU D 82 -0.86 -24.72 17.55
N PHE D 83 0.06 -25.65 17.36
CA PHE D 83 0.15 -26.36 16.09
C PHE D 83 -1.11 -27.18 15.85
N PHE D 84 -1.47 -27.99 16.82
CA PHE D 84 -2.65 -28.82 16.71
C PHE D 84 -3.92 -28.08 17.08
N LEU D 85 -3.84 -26.76 17.26
CA LEU D 85 -5.05 -25.98 17.40
C LEU D 85 -5.72 -25.71 16.05
N HIS D 86 -4.98 -25.80 14.94
CA HIS D 86 -5.63 -25.72 13.63
C HIS D 86 -6.60 -26.86 13.39
N PRO D 87 -6.23 -28.14 13.47
CA PRO D 87 -7.19 -29.18 13.06
C PRO D 87 -8.28 -29.43 14.06
N ILE D 88 -8.32 -28.69 15.16
CA ILE D 88 -9.50 -28.67 16.00
C ILE D 88 -10.50 -27.64 15.48
N VAL D 89 -10.00 -26.47 15.11
CA VAL D 89 -10.89 -25.39 14.69
C VAL D 89 -11.52 -25.71 13.34
N LYS D 90 -10.72 -26.22 12.42
CA LYS D 90 -11.24 -26.61 11.11
C LYS D 90 -12.16 -27.81 11.23
N MET D 91 -11.92 -28.67 12.23
CA MET D 91 -12.81 -29.78 12.52
C MET D 91 -14.19 -29.28 12.93
N ILE D 92 -14.23 -28.15 13.62
CA ILE D 92 -15.47 -27.60 14.13
C ILE D 92 -15.96 -26.45 13.25
N TYR D 93 -15.10 -25.86 12.42
CA TYR D 93 -15.58 -24.85 11.48
C TYR D 93 -16.51 -25.45 10.44
N PHE D 94 -16.22 -26.67 10.00
CA PHE D 94 -17.02 -27.31 8.96
C PHE D 94 -18.47 -27.55 9.37
N PRO D 95 -18.81 -28.11 10.56
CA PRO D 95 -20.24 -28.34 10.82
C PRO D 95 -20.95 -27.08 11.24
N VAL D 96 -20.22 -26.13 11.80
CA VAL D 96 -20.84 -24.89 12.23
C VAL D 96 -21.17 -24.03 11.02
N ARG D 97 -20.15 -23.68 10.26
CA ARG D 97 -20.35 -22.97 9.00
C ARG D 97 -20.49 -24.03 7.94
N SER D 98 -21.67 -24.63 7.87
CA SER D 98 -21.87 -25.84 7.09
C SER D 98 -22.68 -25.61 5.82
N LYS D 99 -23.80 -24.90 5.92
CA LYS D 99 -24.72 -24.76 4.80
C LYS D 99 -24.10 -23.99 3.65
N ILE D 100 -23.17 -23.10 3.94
CA ILE D 100 -22.54 -22.34 2.88
C ILE D 100 -21.55 -23.22 2.12
N PHE D 101 -20.92 -24.18 2.80
CA PHE D 101 -20.08 -25.16 2.13
C PHE D 101 -20.88 -26.00 1.15
N TYR D 102 -22.07 -26.44 1.53
CA TYR D 102 -22.87 -27.19 0.59
C TYR D 102 -23.44 -26.30 -0.49
N LYS D 103 -23.57 -25.00 -0.21
CA LYS D 103 -24.01 -24.06 -1.23
C LYS D 103 -22.95 -23.87 -2.30
N THR D 104 -21.69 -23.78 -1.89
CA THR D 104 -20.61 -23.62 -2.85
C THR D 104 -20.42 -24.88 -3.68
N LEU D 105 -20.51 -26.04 -3.06
CA LEU D 105 -20.34 -27.28 -3.79
C LEU D 105 -21.51 -27.55 -4.73
N ALA D 106 -22.67 -26.98 -4.43
CA ALA D 106 -23.81 -27.07 -5.32
C ALA D 106 -24.00 -25.82 -6.15
N ILE D 107 -22.99 -24.95 -6.22
CA ILE D 107 -23.17 -23.74 -7.00
C ILE D 107 -23.01 -24.02 -8.49
N TRP D 108 -22.43 -25.15 -8.85
CA TRP D 108 -22.08 -25.43 -10.22
C TRP D 108 -23.05 -26.39 -10.88
N ASN D 109 -24.08 -26.85 -10.17
CA ASN D 109 -24.88 -27.94 -10.68
C ASN D 109 -25.83 -27.54 -11.80
N ASN D 110 -25.86 -26.28 -12.21
CA ASN D 110 -26.47 -25.86 -13.46
C ASN D 110 -25.53 -24.87 -14.13
N PRO D 111 -24.51 -25.36 -14.81
CA PRO D 111 -23.59 -24.45 -15.49
C PRO D 111 -24.19 -23.91 -16.77
N ASN D 112 -23.59 -22.85 -17.28
CA ASN D 112 -24.01 -22.28 -18.53
C ASN D 112 -23.28 -22.96 -19.67
N SER D 113 -23.94 -23.09 -20.81
CA SER D 113 -23.35 -23.80 -21.94
C SER D 113 -23.79 -23.20 -23.25
N HIS D 114 -22.87 -23.14 -24.20
CA HIS D 114 -23.12 -22.62 -25.53
C HIS D 114 -22.86 -23.72 -26.55
N PRO D 115 -23.71 -23.87 -27.56
CA PRO D 115 -23.77 -25.15 -28.31
C PRO D 115 -22.52 -25.53 -29.08
N LEU D 116 -22.05 -24.72 -30.03
CA LEU D 116 -20.94 -25.20 -30.84
C LEU D 116 -19.59 -24.83 -30.21
N PHE D 117 -19.60 -23.99 -29.18
CA PHE D 117 -18.37 -23.47 -28.61
C PHE D 117 -18.13 -23.96 -27.19
N ALA D 118 -18.72 -25.10 -26.84
CA ALA D 118 -18.33 -25.82 -25.64
C ALA D 118 -17.14 -26.72 -25.88
N GLU D 119 -16.55 -26.68 -27.08
CA GLU D 119 -15.34 -27.43 -27.37
C GLU D 119 -14.16 -26.97 -26.53
N SER D 120 -14.18 -25.73 -26.05
CA SER D 120 -13.22 -25.27 -25.07
C SER D 120 -13.72 -25.36 -23.65
N ASN D 121 -14.96 -25.77 -23.43
CA ASN D 121 -15.42 -25.98 -22.07
C ASN D 121 -14.82 -27.25 -21.50
N ALA D 122 -15.02 -28.37 -22.19
CA ALA D 122 -14.51 -29.64 -21.71
C ALA D 122 -13.01 -29.73 -21.81
N ARG D 123 -12.38 -28.90 -22.63
CA ARG D 123 -10.93 -28.83 -22.65
C ARG D 123 -10.38 -28.29 -21.34
N PHE D 124 -11.08 -27.34 -20.73
CA PHE D 124 -10.67 -26.82 -19.44
C PHE D 124 -11.46 -27.41 -18.28
N HIS D 125 -12.55 -28.11 -18.55
CA HIS D 125 -13.24 -28.79 -17.47
C HIS D 125 -12.40 -29.93 -16.94
N ALA D 126 -12.00 -30.84 -17.82
CA ALA D 126 -11.15 -31.95 -17.38
C ALA D 126 -9.74 -31.50 -17.06
N LEU D 127 -9.32 -30.33 -17.57
CA LEU D 127 -8.01 -29.80 -17.16
C LEU D 127 -8.02 -29.40 -15.71
N ALA D 128 -9.16 -28.91 -15.21
CA ALA D 128 -9.26 -28.60 -13.79
C ALA D 128 -9.18 -29.87 -12.96
N ILE D 129 -9.95 -30.90 -13.35
CA ILE D 129 -10.12 -32.11 -12.58
C ILE D 129 -8.81 -32.86 -12.40
N THR D 130 -7.90 -32.76 -13.39
CA THR D 130 -6.55 -33.27 -13.20
C THR D 130 -5.85 -32.50 -12.08
N LYS D 131 -5.73 -31.19 -12.25
CA LYS D 131 -4.95 -30.39 -11.32
C LYS D 131 -5.63 -30.28 -9.96
N MET D 132 -6.95 -30.45 -9.91
CA MET D 132 -7.60 -30.55 -8.61
C MET D 132 -7.29 -31.89 -7.95
N ARG D 133 -7.16 -32.95 -8.74
CA ARG D 133 -6.71 -34.21 -8.18
C ARG D 133 -5.19 -34.26 -8.06
N ARG D 134 -4.48 -33.49 -8.88
CA ARG D 134 -3.03 -33.44 -8.76
C ARG D 134 -2.62 -32.70 -7.50
N LEU D 135 -3.39 -31.69 -7.10
CA LEU D 135 -3.08 -30.94 -5.89
C LEU D 135 -3.26 -31.80 -4.66
N LEU D 136 -4.35 -32.58 -4.61
CA LEU D 136 -4.61 -33.46 -3.48
C LEU D 136 -3.54 -34.52 -3.36
N PHE D 137 -3.02 -35.00 -4.49
CA PHE D 137 -1.97 -36.01 -4.42
C PHE D 137 -0.66 -35.37 -4.01
N CYS D 138 -0.51 -34.06 -4.20
CA CYS D 138 0.69 -33.40 -3.73
C CYS D 138 0.60 -33.06 -2.26
N VAL D 139 -0.52 -32.47 -1.83
CA VAL D 139 -0.59 -31.90 -0.49
C VAL D 139 -0.70 -33.00 0.55
N ALA D 140 -1.70 -33.87 0.40
CA ALA D 140 -1.92 -34.93 1.38
C ALA D 140 -0.78 -35.92 1.39
N GLY D 141 -0.10 -36.10 0.26
CA GLY D 141 1.13 -36.88 0.27
C GLY D 141 2.24 -36.19 1.02
N ALA D 142 2.31 -34.87 0.94
CA ALA D 142 3.32 -34.13 1.69
C ALA D 142 3.04 -34.17 3.19
N THR D 143 1.77 -34.26 3.57
CA THR D 143 1.45 -34.40 4.98
C THR D 143 1.86 -35.78 5.49
N ILE D 144 1.62 -36.82 4.69
CA ILE D 144 2.07 -38.16 5.05
C ILE D 144 3.59 -38.21 5.11
N PHE D 145 4.26 -37.44 4.26
CA PHE D 145 5.69 -37.23 4.43
C PHE D 145 5.97 -36.51 5.73
N SER D 146 5.18 -35.50 6.05
CA SER D 146 5.41 -34.80 7.29
C SER D 146 4.90 -35.59 8.49
N VAL D 147 4.03 -36.57 8.28
CA VAL D 147 3.72 -37.52 9.33
C VAL D 147 4.95 -38.35 9.67
N ILE D 148 5.60 -38.91 8.64
CA ILE D 148 6.84 -39.64 8.83
C ILE D 148 7.94 -38.71 9.34
N SER D 149 7.92 -37.46 8.92
CA SER D 149 8.96 -36.52 9.32
C SER D 149 8.84 -36.07 10.77
N TRP D 150 7.78 -36.42 11.48
CA TRP D 150 7.80 -36.26 12.92
C TRP D 150 7.98 -37.58 13.65
N THR D 151 7.76 -38.71 12.98
CA THR D 151 8.05 -40.00 13.61
C THR D 151 9.53 -40.31 13.61
N GLY D 152 10.21 -40.04 12.50
CA GLY D 152 11.63 -40.34 12.41
C GLY D 152 12.47 -39.52 13.34
N ILE D 153 12.03 -38.29 13.63
CA ILE D 153 12.77 -37.46 14.55
C ILE D 153 12.53 -37.89 15.98
N THR D 154 11.41 -38.56 16.25
CA THR D 154 11.12 -39.05 17.59
C THR D 154 12.12 -40.12 18.00
N PHE D 155 12.44 -41.04 17.11
CA PHE D 155 13.25 -42.18 17.46
C PHE D 155 14.75 -41.89 17.44
N ILE D 156 15.17 -40.66 17.17
CA ILE D 156 16.58 -40.37 17.06
C ILE D 156 17.04 -39.43 18.17
N GLU D 157 16.29 -39.33 19.26
CA GLU D 157 16.68 -38.46 20.35
C GLU D 157 16.05 -38.96 21.64
N ASP D 158 16.74 -38.73 22.75
CA ASP D 158 16.17 -38.96 24.07
C ASP D 158 16.79 -37.99 25.06
N SER D 159 16.12 -37.82 26.19
CA SER D 159 16.55 -36.87 27.21
C SER D 159 16.09 -37.30 28.60
N PRO D 175 15.37 -38.00 32.51
CA PRO D 175 14.83 -38.90 31.49
C PRO D 175 13.44 -38.47 31.04
N ILE D 176 13.13 -38.70 29.76
CA ILE D 176 11.85 -38.33 29.18
C ILE D 176 11.16 -39.59 28.67
N PRO D 177 9.84 -39.62 28.55
CA PRO D 177 9.20 -40.76 27.88
C PRO D 177 9.32 -40.64 26.38
N ARG D 178 9.64 -41.76 25.75
CA ARG D 178 9.81 -41.77 24.30
C ARG D 178 8.45 -41.64 23.64
N LEU D 179 8.07 -40.42 23.30
CA LEU D 179 6.74 -40.13 22.80
C LEU D 179 6.82 -39.33 21.53
N MET D 180 5.79 -39.49 20.70
CA MET D 180 5.69 -38.70 19.49
C MET D 180 5.40 -37.25 19.82
N ILE D 181 4.42 -37.01 20.68
CA ILE D 181 4.09 -35.70 21.18
C ILE D 181 4.18 -35.76 22.70
N ARG D 182 4.91 -34.82 23.28
CA ARG D 182 5.09 -34.82 24.73
C ARG D 182 3.79 -34.46 25.43
N THR D 183 3.24 -35.41 26.17
CA THR D 183 2.03 -35.18 26.95
C THR D 183 1.91 -36.16 28.09
N PHE D 184 1.22 -35.71 29.13
CA PHE D 184 0.97 -36.49 30.33
C PHE D 184 0.00 -37.61 30.03
N TYR D 185 0.11 -38.69 30.80
CA TYR D 185 -0.88 -39.75 30.74
C TYR D 185 -1.18 -40.25 32.15
N PRO D 186 -2.39 -40.74 32.38
CA PRO D 186 -2.69 -41.34 33.69
C PRO D 186 -1.91 -42.60 33.93
N PHE D 187 -1.59 -43.34 32.88
CA PHE D 187 -0.64 -44.43 32.96
C PHE D 187 0.75 -43.91 32.61
N ASN D 188 1.71 -44.81 32.61
CA ASN D 188 3.09 -44.42 32.40
C ASN D 188 3.59 -44.79 31.00
N ALA D 189 4.57 -44.04 30.52
CA ALA D 189 5.22 -44.32 29.25
C ALA D 189 6.72 -44.50 29.37
N MET D 190 7.39 -43.70 30.21
CA MET D 190 8.83 -43.87 30.39
C MET D 190 9.15 -45.13 31.18
N SER D 191 8.19 -45.63 31.95
CA SER D 191 8.36 -46.88 32.67
C SER D 191 7.44 -47.99 32.20
N GLY D 192 6.23 -47.68 31.74
CA GLY D 192 5.38 -48.71 31.17
C GLY D 192 5.78 -48.98 29.73
N ALA D 193 6.26 -50.20 29.47
CA ALA D 193 6.62 -50.62 28.13
C ALA D 193 5.41 -50.85 27.24
N GLY D 194 4.20 -50.84 27.80
CA GLY D 194 2.97 -50.82 27.04
C GLY D 194 2.61 -49.47 26.46
N HIS D 195 3.55 -48.52 26.40
CA HIS D 195 3.34 -47.23 25.76
C HIS D 195 3.36 -47.31 24.26
N VAL D 196 3.55 -48.50 23.69
CA VAL D 196 3.37 -48.71 22.26
C VAL D 196 1.92 -48.45 21.88
N PHE D 197 1.00 -48.69 22.81
CA PHE D 197 -0.38 -48.24 22.61
C PHE D 197 -0.46 -46.73 22.50
N ALA D 198 0.36 -46.00 23.26
CA ALA D 198 0.30 -44.56 23.19
C ALA D 198 0.89 -44.03 21.90
N LEU D 199 1.97 -44.66 21.42
CA LEU D 199 2.59 -44.20 20.18
C LEU D 199 1.69 -44.45 18.98
N ILE D 200 1.05 -45.62 18.94
CA ILE D 200 0.09 -45.88 17.87
C ILE D 200 -1.13 -44.98 18.02
N TYR D 201 -1.46 -44.60 19.25
CA TYR D 201 -2.50 -43.60 19.44
C TYR D 201 -2.06 -42.24 18.94
N GLN D 202 -0.84 -41.85 19.24
CA GLN D 202 -0.37 -40.55 18.79
C GLN D 202 -0.09 -40.54 17.30
N PHE D 203 0.38 -41.66 16.75
CA PHE D 203 0.57 -41.76 15.31
C PHE D 203 -0.75 -41.64 14.58
N TYR D 204 -1.81 -42.23 15.14
CA TYR D 204 -3.13 -42.02 14.59
C TYR D 204 -3.58 -40.59 14.78
N TYR D 205 -3.28 -40.01 15.94
CA TYR D 205 -3.63 -38.62 16.20
C TYR D 205 -2.93 -37.68 15.25
N LEU D 206 -1.63 -37.88 15.08
CA LEU D 206 -0.86 -37.00 14.24
C LEU D 206 -1.20 -37.21 12.76
N VAL D 207 -1.58 -38.42 12.37
CA VAL D 207 -1.96 -38.58 10.97
C VAL D 207 -3.39 -38.11 10.75
N ILE D 208 -4.21 -38.06 11.78
CA ILE D 208 -5.55 -37.59 11.53
C ILE D 208 -5.61 -36.09 11.64
N SER D 209 -4.76 -35.48 12.48
CA SER D 209 -4.80 -34.04 12.63
C SER D 209 -4.23 -33.36 11.41
N MET D 210 -3.07 -33.81 10.96
CA MET D 210 -2.43 -33.20 9.82
C MET D 210 -3.11 -33.55 8.51
N ALA D 211 -4.10 -34.44 8.53
CA ALA D 211 -4.92 -34.61 7.34
C ALA D 211 -6.22 -33.82 7.44
N VAL D 212 -6.88 -33.83 8.60
CA VAL D 212 -8.20 -33.20 8.70
C VAL D 212 -8.09 -31.69 8.62
N SER D 213 -6.92 -31.12 8.92
CA SER D 213 -6.68 -29.72 8.59
C SER D 213 -6.39 -29.56 7.12
N ASN D 214 -5.48 -30.37 6.61
CA ASN D 214 -5.05 -30.26 5.23
C ASN D 214 -6.07 -30.81 4.25
N SER D 215 -7.08 -31.53 4.71
CA SER D 215 -8.17 -31.88 3.81
C SER D 215 -9.03 -30.66 3.52
N LEU D 216 -9.39 -29.92 4.57
CA LEU D 216 -10.30 -28.79 4.39
C LEU D 216 -9.60 -27.64 3.70
N ASP D 217 -8.30 -27.48 3.92
CA ASP D 217 -7.55 -26.42 3.25
C ASP D 217 -7.52 -26.64 1.75
N VAL D 218 -7.35 -27.89 1.33
CA VAL D 218 -7.32 -28.21 -0.10
C VAL D 218 -8.69 -28.01 -0.73
N LEU D 219 -9.77 -28.26 0.03
CA LEU D 219 -11.13 -27.99 -0.47
C LEU D 219 -11.32 -26.53 -0.83
N PHE D 220 -10.87 -25.63 0.04
CA PHE D 220 -10.75 -24.24 -0.33
C PHE D 220 -9.81 -24.07 -1.50
N CYS D 221 -8.66 -24.73 -1.44
CA CYS D 221 -7.64 -24.41 -2.40
C CYS D 221 -7.84 -25.14 -3.72
N SER D 222 -8.81 -26.04 -3.80
CA SER D 222 -9.22 -26.62 -5.07
C SER D 222 -10.36 -25.86 -5.70
N TRP D 223 -11.16 -25.18 -4.89
CA TRP D 223 -12.19 -24.28 -5.42
C TRP D 223 -11.56 -23.18 -6.25
N LEU D 224 -10.54 -22.53 -5.71
CA LEU D 224 -9.87 -21.47 -6.44
C LEU D 224 -9.16 -22.00 -7.66
N LEU D 225 -8.68 -23.24 -7.59
CA LEU D 225 -8.09 -23.84 -8.76
C LEU D 225 -9.17 -24.17 -9.79
N PHE D 226 -10.40 -24.42 -9.35
CA PHE D 226 -11.45 -24.63 -10.32
C PHE D 226 -11.79 -23.34 -11.04
N ALA D 227 -11.97 -22.26 -10.30
CA ALA D 227 -12.32 -20.99 -10.91
C ALA D 227 -11.16 -20.40 -11.71
N CYS D 228 -9.92 -20.72 -11.36
CA CYS D 228 -8.79 -20.23 -12.13
C CYS D 228 -8.78 -20.83 -13.52
N GLU D 229 -8.85 -22.16 -13.61
CA GLU D 229 -9.03 -22.77 -14.91
C GLU D 229 -10.40 -22.52 -15.51
N GLN D 230 -11.37 -22.11 -14.72
CA GLN D 230 -12.60 -21.69 -15.35
C GLN D 230 -12.45 -20.32 -15.98
N LEU D 231 -11.66 -19.45 -15.35
CA LEU D 231 -11.30 -18.20 -16.00
C LEU D 231 -10.36 -18.44 -17.17
N GLN D 232 -9.47 -19.41 -17.05
CA GLN D 232 -8.54 -19.71 -18.14
C GLN D 232 -9.29 -20.23 -19.35
N HIS D 233 -10.39 -20.96 -19.12
CA HIS D 233 -11.36 -21.21 -20.17
C HIS D 233 -11.92 -19.93 -20.73
N LEU D 234 -12.36 -19.05 -19.85
CA LEU D 234 -13.02 -17.83 -20.25
C LEU D 234 -12.06 -16.82 -20.86
N LYS D 235 -10.75 -17.01 -20.71
CA LYS D 235 -9.80 -16.29 -21.55
C LYS D 235 -9.97 -16.71 -22.99
N ALA D 236 -9.84 -18.01 -23.26
CA ALA D 236 -9.65 -18.52 -24.60
C ALA D 236 -10.92 -18.52 -25.43
N ILE D 237 -12.06 -18.15 -24.86
CA ILE D 237 -13.24 -17.95 -25.69
C ILE D 237 -13.11 -16.65 -26.47
N MET D 238 -12.34 -15.71 -25.93
CA MET D 238 -12.41 -14.31 -26.35
C MET D 238 -11.93 -14.11 -27.78
N LYS D 239 -10.96 -14.88 -28.22
CA LYS D 239 -10.56 -14.76 -29.61
C LYS D 239 -11.57 -15.42 -30.55
N PRO D 240 -12.07 -16.65 -30.32
CA PRO D 240 -13.14 -17.13 -31.21
C PRO D 240 -14.46 -16.42 -31.05
N LEU D 241 -14.72 -15.79 -29.90
CA LEU D 241 -15.92 -15.00 -29.79
C LEU D 241 -15.85 -13.78 -30.69
N MET D 242 -14.72 -13.13 -30.71
CA MET D 242 -14.62 -11.87 -31.41
C MET D 242 -14.56 -12.06 -32.91
N GLU D 243 -14.14 -13.23 -33.38
CA GLU D 243 -14.20 -13.51 -34.81
C GLU D 243 -15.63 -13.69 -35.28
N LEU D 244 -16.58 -13.93 -34.38
CA LEU D 244 -17.97 -14.05 -34.79
C LEU D 244 -18.54 -12.71 -35.20
N SER D 245 -18.12 -11.65 -34.53
CA SER D 245 -18.71 -10.34 -34.77
C SER D 245 -18.04 -9.57 -35.88
N ALA D 246 -17.03 -10.13 -36.52
CA ALA D 246 -16.33 -9.41 -37.57
C ALA D 246 -17.13 -9.43 -38.86
N THR D 247 -16.50 -8.92 -39.92
CA THR D 247 -17.14 -8.90 -41.23
C THR D 247 -16.28 -9.58 -42.28
N GLY D 317 -22.87 -4.58 -41.79
CA GLY D 317 -22.64 -5.66 -42.73
C GLY D 317 -22.75 -7.03 -42.09
N LEU D 318 -23.68 -7.16 -41.15
CA LEU D 318 -23.89 -8.41 -40.45
C LEU D 318 -25.37 -8.79 -40.55
N THR D 319 -25.63 -10.07 -40.74
CA THR D 319 -27.02 -10.48 -40.76
C THR D 319 -27.54 -10.59 -39.35
N LYS D 320 -28.86 -10.73 -39.24
CA LYS D 320 -29.49 -10.85 -37.93
C LYS D 320 -29.11 -12.14 -37.25
N LYS D 321 -28.87 -13.20 -38.04
CA LYS D 321 -28.43 -14.47 -37.46
C LYS D 321 -27.04 -14.38 -36.88
N GLN D 322 -26.22 -13.42 -37.32
CA GLN D 322 -24.96 -13.17 -36.63
C GLN D 322 -25.18 -12.41 -35.34
N GLU D 323 -25.99 -11.34 -35.40
CA GLU D 323 -26.24 -10.55 -34.21
C GLU D 323 -27.06 -11.32 -33.18
N MET D 324 -27.85 -12.28 -33.63
CA MET D 324 -28.45 -13.19 -32.67
C MET D 324 -27.40 -14.13 -32.12
N LEU D 325 -26.44 -14.53 -32.95
CA LEU D 325 -25.45 -15.48 -32.46
C LEU D 325 -24.39 -14.79 -31.62
N VAL D 326 -24.02 -13.57 -31.97
CA VAL D 326 -22.99 -12.94 -31.17
C VAL D 326 -23.57 -12.49 -29.83
N ARG D 327 -24.86 -12.17 -29.77
CA ARG D 327 -25.46 -11.84 -28.49
C ARG D 327 -25.58 -13.09 -27.64
N SER D 328 -25.89 -14.22 -28.26
CA SER D 328 -25.89 -15.47 -27.52
C SER D 328 -24.49 -15.93 -27.19
N ALA D 329 -23.47 -15.42 -27.90
CA ALA D 329 -22.11 -15.69 -27.48
C ALA D 329 -21.73 -14.84 -26.28
N ILE D 330 -22.14 -13.57 -26.28
CA ILE D 330 -21.89 -12.72 -25.13
C ILE D 330 -22.65 -13.21 -23.93
N LYS D 331 -23.91 -13.64 -24.13
CA LYS D 331 -24.75 -14.13 -23.04
C LYS D 331 -24.14 -15.36 -22.38
N TYR D 332 -23.47 -16.21 -23.15
CA TYR D 332 -22.71 -17.29 -22.52
C TYR D 332 -21.54 -16.73 -21.74
N TRP D 333 -20.83 -15.77 -22.31
CA TRP D 333 -19.57 -15.34 -21.73
C TRP D 333 -19.77 -14.61 -20.42
N VAL D 334 -20.75 -13.71 -20.38
CA VAL D 334 -20.96 -12.92 -19.18
C VAL D 334 -21.58 -13.76 -18.10
N GLU D 335 -22.58 -14.57 -18.44
CA GLU D 335 -23.21 -15.42 -17.45
C GLU D 335 -22.30 -16.52 -16.96
N ARG D 336 -21.28 -16.90 -17.73
CA ARG D 336 -20.22 -17.70 -17.15
C ARG D 336 -19.40 -16.86 -16.20
N HIS D 337 -19.09 -15.63 -16.59
CA HIS D 337 -18.26 -14.78 -15.77
C HIS D 337 -19.00 -14.28 -14.55
N LYS D 338 -20.30 -14.03 -14.68
CA LYS D 338 -21.12 -13.80 -13.49
C LYS D 338 -21.10 -15.01 -12.58
N HIS D 339 -21.03 -16.21 -13.15
CA HIS D 339 -21.14 -17.41 -12.35
C HIS D 339 -19.84 -17.71 -11.61
N VAL D 340 -18.70 -17.38 -12.20
CA VAL D 340 -17.44 -17.57 -11.50
C VAL D 340 -17.33 -16.58 -10.35
N VAL D 341 -17.78 -15.34 -10.57
CA VAL D 341 -17.88 -14.35 -9.50
C VAL D 341 -18.81 -14.85 -8.42
N ARG D 342 -19.89 -15.51 -8.82
CA ARG D 342 -20.82 -16.10 -7.86
C ARG D 342 -20.18 -17.21 -7.06
N LEU D 343 -19.20 -17.89 -7.64
CA LEU D 343 -18.48 -18.91 -6.89
C LEU D 343 -17.47 -18.28 -5.95
N VAL D 344 -16.69 -17.32 -6.46
CA VAL D 344 -15.55 -16.81 -5.71
C VAL D 344 -16.01 -15.90 -4.58
N THR D 345 -17.12 -15.19 -4.77
CA THR D 345 -17.71 -14.48 -3.64
C THR D 345 -18.37 -15.43 -2.66
N ALA D 346 -18.62 -16.68 -3.04
CA ALA D 346 -19.11 -17.64 -2.09
C ALA D 346 -17.98 -18.38 -1.38
N VAL D 347 -16.90 -18.71 -2.09
CA VAL D 347 -15.80 -19.39 -1.41
C VAL D 347 -15.02 -18.41 -0.55
N GLY D 348 -15.19 -17.11 -0.76
CA GLY D 348 -14.73 -16.14 0.20
C GLY D 348 -15.69 -15.95 1.34
N ASP D 349 -16.93 -16.36 1.15
CA ASP D 349 -17.93 -16.31 2.21
C ASP D 349 -17.96 -17.59 3.01
N ALA D 350 -17.73 -18.72 2.36
CA ALA D 350 -17.71 -19.98 3.07
C ALA D 350 -16.46 -20.12 3.93
N TYR D 351 -15.31 -20.10 3.29
CA TYR D 351 -14.06 -20.41 3.97
C TYR D 351 -13.44 -19.18 4.62
N GLY D 352 -14.02 -18.00 4.40
CA GLY D 352 -13.32 -16.76 4.70
C GLY D 352 -13.04 -16.52 6.16
N VAL D 353 -13.95 -16.92 7.04
CA VAL D 353 -13.74 -16.70 8.46
C VAL D 353 -12.73 -17.66 9.02
N ALA D 354 -12.76 -18.92 8.57
CA ALA D 354 -11.78 -19.90 9.02
C ALA D 354 -10.39 -19.59 8.52
N LEU D 355 -10.29 -18.88 7.40
CA LEU D 355 -8.99 -18.47 6.91
C LEU D 355 -8.39 -17.44 7.83
N LEU D 356 -9.22 -16.61 8.45
CA LEU D 356 -8.73 -15.69 9.46
C LEU D 356 -8.23 -16.43 10.68
N LEU D 357 -9.04 -17.37 11.19
CA LEU D 357 -8.66 -18.12 12.38
C LEU D 357 -7.44 -18.98 12.13
N HIS D 358 -7.25 -19.45 10.91
CA HIS D 358 -6.00 -20.11 10.55
C HIS D 358 -4.85 -19.11 10.59
N MET D 359 -5.04 -17.94 9.99
CA MET D 359 -3.95 -17.00 9.89
C MET D 359 -3.69 -16.30 11.21
N LEU D 360 -4.72 -16.18 12.05
CA LEU D 360 -4.53 -15.62 13.38
C LEU D 360 -3.76 -16.58 14.27
N THR D 361 -3.89 -17.88 14.03
CA THR D 361 -3.18 -18.85 14.84
C THR D 361 -1.70 -18.89 14.49
N THR D 362 -1.39 -18.87 13.19
CA THR D 362 0.00 -18.94 12.76
C THR D 362 0.79 -17.71 13.16
N THR D 363 0.13 -16.56 13.27
CA THR D 363 0.82 -15.35 13.70
C THR D 363 1.23 -15.47 15.15
N ILE D 364 0.38 -16.06 15.99
CA ILE D 364 0.77 -16.36 17.36
C ILE D 364 1.82 -17.45 17.36
N THR D 365 1.75 -18.36 16.39
CA THR D 365 2.71 -19.45 16.32
C THR D 365 4.08 -18.94 15.90
N LEU D 366 4.12 -18.10 14.86
CA LEU D 366 5.39 -17.63 14.34
C LEU D 366 6.09 -16.66 15.27
N THR D 367 5.37 -15.99 16.16
CA THR D 367 6.07 -15.20 17.16
C THR D 367 6.55 -16.03 18.34
N LEU D 368 6.42 -17.35 18.26
CA LEU D 368 7.05 -18.26 19.19
C LEU D 368 8.12 -19.11 18.53
N LEU D 369 7.93 -19.46 17.27
CA LEU D 369 8.99 -20.08 16.48
C LEU D 369 10.22 -19.22 16.43
N ALA D 370 10.03 -17.91 16.29
CA ALA D 370 11.16 -17.00 16.23
C ALA D 370 11.91 -16.95 17.54
N TYR D 371 11.23 -17.19 18.66
CA TYR D 371 11.97 -17.35 19.90
C TYR D 371 12.70 -18.68 19.93
N GLN D 372 12.08 -19.73 19.40
CA GLN D 372 12.77 -21.01 19.33
C GLN D 372 13.88 -20.96 18.31
N ALA D 373 13.73 -20.15 17.28
CA ALA D 373 14.78 -20.03 16.26
C ALA D 373 16.00 -19.30 16.77
N THR D 374 15.89 -18.58 17.89
CA THR D 374 17.07 -17.97 18.48
C THR D 374 17.99 -19.03 19.06
N LYS D 375 17.45 -19.95 19.85
CA LYS D 375 18.29 -20.86 20.61
C LYS D 375 18.65 -22.12 19.82
N VAL D 376 19.11 -21.92 18.60
CA VAL D 376 19.63 -22.98 17.76
C VAL D 376 21.13 -22.80 17.67
N ASN D 377 21.86 -23.63 18.39
CA ASN D 377 23.30 -23.52 18.48
C ASN D 377 24.02 -24.35 17.44
N GLY D 378 23.30 -25.05 16.59
CA GLY D 378 23.92 -25.86 15.57
C GLY D 378 22.92 -26.87 15.03
N VAL D 379 23.37 -27.60 14.01
CA VAL D 379 22.52 -28.58 13.35
C VAL D 379 22.32 -29.76 14.29
N ASN D 380 21.11 -29.90 14.82
CA ASN D 380 20.82 -30.88 15.84
C ASN D 380 19.51 -31.56 15.57
N VAL D 381 19.02 -32.31 16.56
CA VAL D 381 17.64 -32.74 16.53
C VAL D 381 16.73 -31.55 16.76
N TYR D 382 17.17 -30.62 17.60
CA TYR D 382 16.37 -29.45 17.95
C TYR D 382 16.12 -28.54 16.75
N ALA D 383 17.11 -28.39 15.89
CA ALA D 383 16.94 -27.53 14.72
C ALA D 383 15.91 -28.09 13.77
N ALA D 384 15.82 -29.41 13.66
CA ALA D 384 14.82 -30.01 12.80
C ALA D 384 13.43 -30.02 13.42
N THR D 385 13.27 -29.49 14.63
CA THR D 385 11.96 -29.23 15.18
C THR D 385 11.53 -27.79 15.00
N VAL D 386 12.47 -26.86 15.11
CA VAL D 386 12.15 -25.46 14.82
C VAL D 386 11.90 -25.28 13.34
N ILE D 387 12.81 -25.78 12.51
CA ILE D 387 12.59 -25.76 11.07
C ILE D 387 11.44 -26.69 10.72
N GLY D 388 11.26 -27.78 11.47
CA GLY D 388 10.21 -28.73 11.18
C GLY D 388 8.81 -28.19 11.38
N TYR D 389 8.67 -27.11 12.13
CA TYR D 389 7.39 -26.44 12.22
C TYR D 389 7.33 -25.27 11.27
N LEU D 390 8.41 -24.49 11.21
CA LEU D 390 8.42 -23.26 10.45
C LEU D 390 8.37 -23.53 8.96
N LEU D 391 8.91 -24.65 8.51
CA LEU D 391 8.76 -25.01 7.11
C LEU D 391 7.37 -25.52 6.83
N TYR D 392 6.64 -25.93 7.85
CA TYR D 392 5.27 -26.40 7.69
C TYR D 392 4.25 -25.32 8.03
N THR D 393 4.54 -24.47 9.00
CA THR D 393 3.56 -23.46 9.38
C THR D 393 3.57 -22.31 8.38
N LEU D 394 4.73 -21.98 7.82
CA LEU D 394 4.74 -21.17 6.62
C LEU D 394 4.13 -21.92 5.45
N GLY D 395 4.26 -23.26 5.45
CA GLY D 395 3.76 -24.05 4.34
C GLY D 395 2.25 -24.07 4.27
N GLN D 396 1.57 -23.93 5.40
CA GLN D 396 0.12 -23.78 5.36
C GLN D 396 -0.27 -22.43 4.78
N VAL D 397 0.46 -21.39 5.17
CA VAL D 397 0.20 -20.05 4.64
C VAL D 397 0.54 -19.99 3.17
N PHE D 398 1.65 -20.62 2.78
CA PHE D 398 2.08 -20.63 1.39
C PHE D 398 1.14 -21.41 0.50
N LEU D 399 0.39 -22.35 1.07
CA LEU D 399 -0.54 -23.11 0.26
C LEU D 399 -1.75 -22.29 -0.12
N PHE D 400 -2.21 -21.41 0.77
CA PHE D 400 -3.28 -20.48 0.45
C PHE D 400 -2.80 -19.41 -0.49
N CYS D 401 -1.65 -18.83 -0.19
CA CYS D 401 -1.18 -17.64 -0.87
C CYS D 401 -0.67 -17.92 -2.28
N ILE D 402 -0.49 -19.18 -2.68
CA ILE D 402 -0.23 -19.45 -4.09
C ILE D 402 -1.52 -19.35 -4.88
N PHE D 403 -2.49 -20.18 -4.54
CA PHE D 403 -3.72 -20.20 -5.30
C PHE D 403 -4.67 -19.08 -4.89
N GLY D 404 -4.31 -18.30 -3.89
CA GLY D 404 -4.95 -17.03 -3.70
C GLY D 404 -4.38 -16.03 -4.69
N ASN D 405 -3.05 -16.05 -4.85
CA ASN D 405 -2.41 -15.19 -5.83
C ASN D 405 -2.78 -15.59 -7.24
N ARG D 406 -2.87 -16.90 -7.49
CA ARG D 406 -3.18 -17.37 -8.83
C ARG D 406 -4.58 -16.98 -9.23
N LEU D 407 -5.47 -16.81 -8.26
CA LEU D 407 -6.77 -16.22 -8.56
C LEU D 407 -6.63 -14.78 -9.02
N ILE D 408 -5.87 -13.98 -8.28
CA ILE D 408 -5.75 -12.55 -8.61
C ILE D 408 -4.94 -12.36 -9.88
N GLU D 409 -3.91 -13.19 -10.07
CA GLU D 409 -3.14 -13.15 -11.30
C GLU D 409 -3.99 -13.58 -12.49
N GLU D 410 -4.93 -14.50 -12.28
CA GLU D 410 -5.77 -14.92 -13.38
C GLU D 410 -6.87 -13.91 -13.66
N SER D 411 -7.44 -13.33 -12.60
CA SER D 411 -8.61 -12.47 -12.76
C SER D 411 -8.25 -11.16 -13.44
N SER D 412 -7.10 -10.59 -13.10
CA SER D 412 -6.64 -9.40 -13.81
C SER D 412 -6.22 -9.74 -15.23
N SER D 413 -5.81 -10.97 -15.47
CA SER D 413 -5.35 -11.36 -16.79
C SER D 413 -6.46 -11.48 -17.80
N VAL D 414 -7.72 -11.46 -17.40
CA VAL D 414 -8.81 -11.47 -18.36
C VAL D 414 -8.82 -10.16 -19.12
N MET D 415 -8.49 -9.07 -18.44
CA MET D 415 -8.41 -7.77 -19.08
C MET D 415 -7.33 -7.74 -20.15
N GLU D 416 -6.19 -8.37 -19.88
CA GLU D 416 -5.18 -8.51 -20.91
C GLU D 416 -5.65 -9.44 -22.02
N ALA D 417 -6.43 -10.46 -21.70
CA ALA D 417 -6.86 -11.38 -22.73
C ALA D 417 -8.06 -10.88 -23.49
N ALA D 418 -8.87 -10.01 -22.87
CA ALA D 418 -9.93 -9.36 -23.62
C ALA D 418 -9.37 -8.37 -24.62
N TYR D 419 -8.16 -7.88 -24.37
CA TYR D 419 -7.48 -7.01 -25.32
C TYR D 419 -6.97 -7.80 -26.49
N SER D 420 -6.34 -8.93 -26.24
CA SER D 420 -5.70 -9.70 -27.29
C SER D 420 -6.67 -10.61 -28.02
N CYS D 421 -7.79 -10.02 -28.42
CA CYS D 421 -8.65 -10.53 -29.46
C CYS D 421 -8.74 -9.43 -30.48
N HIS D 422 -9.23 -9.73 -31.67
CA HIS D 422 -9.28 -8.68 -32.69
C HIS D 422 -10.57 -7.87 -32.51
N TRP D 423 -10.60 -7.10 -31.42
CA TRP D 423 -11.74 -6.24 -31.17
C TRP D 423 -11.78 -5.04 -32.09
N TYR D 424 -10.66 -4.72 -32.73
CA TYR D 424 -10.63 -3.54 -33.57
C TYR D 424 -11.36 -3.72 -34.88
N ASP D 425 -11.79 -4.93 -35.20
CA ASP D 425 -12.71 -5.13 -36.31
C ASP D 425 -13.88 -5.99 -35.88
N GLY D 426 -14.24 -5.95 -34.61
CA GLY D 426 -15.47 -6.55 -34.15
C GLY D 426 -16.65 -5.66 -34.46
N SER D 427 -17.83 -6.15 -34.10
CA SER D 427 -19.01 -5.32 -34.24
C SER D 427 -19.05 -4.31 -33.10
N GLU D 428 -19.95 -3.34 -33.23
CA GLU D 428 -20.07 -2.32 -32.21
C GLU D 428 -20.62 -2.90 -30.90
N GLU D 429 -21.54 -3.87 -30.98
CA GLU D 429 -21.99 -4.55 -29.78
C GLU D 429 -20.88 -5.41 -29.20
N ALA D 430 -19.91 -5.79 -30.01
CA ALA D 430 -18.76 -6.52 -29.48
C ALA D 430 -17.72 -5.58 -28.90
N LYS D 431 -17.58 -4.38 -29.45
CA LYS D 431 -16.62 -3.44 -28.88
C LYS D 431 -17.11 -2.91 -27.55
N THR D 432 -18.41 -2.67 -27.42
CA THR D 432 -18.95 -2.23 -26.14
C THR D 432 -18.98 -3.34 -25.12
N PHE D 433 -18.86 -4.58 -25.57
CA PHE D 433 -18.62 -5.69 -24.67
C PHE D 433 -17.26 -5.63 -24.01
N VAL D 434 -16.21 -5.37 -24.77
CA VAL D 434 -14.85 -5.37 -24.25
C VAL D 434 -14.62 -4.20 -23.31
N GLN D 435 -15.24 -3.06 -23.58
CA GLN D 435 -15.09 -1.89 -22.71
C GLN D 435 -15.66 -2.17 -21.34
N ILE D 436 -16.70 -2.98 -21.25
CA ILE D 436 -17.28 -3.29 -19.95
C ILE D 436 -16.46 -4.34 -19.24
N VAL D 437 -15.96 -5.33 -19.99
CA VAL D 437 -15.21 -6.44 -19.39
C VAL D 437 -13.91 -5.95 -18.79
N CYS D 438 -13.19 -5.10 -19.51
CA CYS D 438 -11.96 -4.55 -18.96
C CYS D 438 -12.21 -3.58 -17.82
N GLN D 439 -13.44 -3.11 -17.62
CA GLN D 439 -13.74 -2.36 -16.43
C GLN D 439 -14.02 -3.22 -15.22
N GLN D 440 -14.23 -4.52 -15.41
CA GLN D 440 -14.47 -5.38 -14.27
C GLN D 440 -13.55 -6.54 -14.19
N CYS D 441 -12.62 -6.68 -15.10
CA CYS D 441 -11.48 -7.52 -14.86
C CYS D 441 -10.33 -6.71 -14.32
N GLN D 442 -10.59 -5.46 -13.98
CA GLN D 442 -9.61 -4.51 -13.51
C GLN D 442 -9.55 -4.47 -12.00
N LYS D 443 -10.69 -4.65 -11.34
CA LYS D 443 -10.72 -4.88 -9.91
C LYS D 443 -10.79 -6.39 -9.72
N ALA D 444 -9.63 -6.99 -9.42
CA ALA D 444 -9.46 -8.43 -9.48
C ALA D 444 -10.24 -9.13 -8.38
N MET D 445 -10.56 -10.39 -8.63
CA MET D 445 -11.24 -11.21 -7.63
C MET D 445 -10.24 -11.70 -6.62
N SER D 446 -10.44 -11.32 -5.37
CA SER D 446 -9.55 -11.70 -4.29
C SER D 446 -10.35 -12.36 -3.18
N ILE D 447 -9.71 -13.27 -2.47
CA ILE D 447 -10.33 -13.97 -1.36
C ILE D 447 -10.07 -13.19 -0.09
N SER D 448 -11.09 -12.53 0.41
CA SER D 448 -10.95 -11.71 1.60
C SER D 448 -10.93 -12.62 2.82
N GLY D 449 -9.84 -12.56 3.58
CA GLY D 449 -9.73 -13.37 4.77
C GLY D 449 -10.50 -12.76 5.91
N ALA D 450 -11.83 -12.94 5.89
CA ALA D 450 -12.79 -12.27 6.76
C ALA D 450 -12.63 -10.76 6.68
N LYS D 451 -12.46 -10.27 5.45
CA LYS D 451 -12.45 -8.87 5.04
C LYS D 451 -11.27 -8.07 5.60
N PHE D 452 -10.41 -8.65 6.43
CA PHE D 452 -9.20 -7.95 6.83
C PHE D 452 -8.22 -7.89 5.66
N PHE D 453 -7.76 -9.04 5.22
CA PHE D 453 -6.70 -9.16 4.26
C PHE D 453 -7.14 -10.02 3.10
N THR D 454 -6.59 -9.73 1.93
CA THR D 454 -6.76 -10.59 0.78
C THR D 454 -5.65 -11.61 0.77
N VAL D 455 -5.96 -12.81 0.32
CA VAL D 455 -4.93 -13.85 0.33
C VAL D 455 -4.12 -13.66 -0.94
N SER D 456 -3.17 -12.75 -0.89
CA SER D 456 -2.27 -12.58 -2.00
C SER D 456 -0.99 -13.32 -1.68
N LEU D 457 -0.09 -13.35 -2.64
CA LEU D 457 1.24 -13.82 -2.30
C LEU D 457 2.06 -12.72 -1.65
N ASP D 458 1.62 -11.47 -1.79
CA ASP D 458 2.20 -10.37 -1.04
C ASP D 458 1.87 -10.49 0.44
N LEU D 459 0.76 -11.16 0.78
CA LEU D 459 0.49 -11.54 2.17
C LEU D 459 1.57 -12.46 2.70
N PHE D 460 1.88 -13.52 1.96
CA PHE D 460 2.96 -14.42 2.33
C PHE D 460 4.30 -13.71 2.31
N ALA D 461 4.47 -12.72 1.44
CA ALA D 461 5.66 -11.90 1.51
C ALA D 461 5.66 -11.04 2.75
N SER D 462 4.48 -10.67 3.24
CA SER D 462 4.42 -9.86 4.45
C SER D 462 4.63 -10.71 5.69
N VAL D 463 4.07 -11.92 5.71
CA VAL D 463 4.20 -12.77 6.88
C VAL D 463 5.63 -13.24 7.04
N LEU D 464 6.25 -13.68 5.94
CA LEU D 464 7.64 -14.09 5.96
C LEU D 464 8.57 -12.94 6.32
N GLY D 465 8.25 -11.73 5.85
CA GLY D 465 9.03 -10.58 6.24
C GLY D 465 8.82 -10.20 7.69
N ALA D 466 7.64 -10.46 8.23
CA ALA D 466 7.37 -10.11 9.62
C ALA D 466 8.08 -11.04 10.58
N VAL D 467 8.35 -12.28 10.18
CA VAL D 467 9.03 -13.22 11.05
C VAL D 467 10.49 -12.84 11.19
N VAL D 468 11.18 -12.70 10.05
CA VAL D 468 12.59 -12.36 10.00
C VAL D 468 12.85 -11.01 10.66
N THR D 469 11.94 -10.05 10.50
CA THR D 469 12.05 -8.80 11.22
C THR D 469 11.93 -9.00 12.71
N TYR D 470 10.95 -9.81 13.14
CA TYR D 470 10.86 -10.11 14.56
C TYR D 470 12.02 -10.98 15.02
N PHE D 471 12.50 -11.86 14.16
CA PHE D 471 13.64 -12.70 14.50
C PHE D 471 14.91 -11.87 14.66
N MET D 472 15.27 -11.12 13.62
CA MET D 472 16.54 -10.40 13.66
C MET D 472 16.47 -9.14 14.51
N VAL D 473 15.31 -8.83 15.09
CA VAL D 473 15.27 -7.97 16.27
C VAL D 473 15.52 -8.80 17.51
N LEU D 474 14.88 -9.96 17.62
CA LEU D 474 15.04 -10.79 18.81
C LEU D 474 16.43 -11.39 18.90
N VAL D 475 17.15 -11.51 17.78
CA VAL D 475 18.55 -11.90 17.83
C VAL D 475 19.37 -10.83 18.51
N GLN D 476 19.18 -9.58 18.11
CA GLN D 476 19.96 -8.50 18.70
C GLN D 476 19.47 -8.15 20.10
N LEU D 477 18.29 -8.59 20.49
CA LEU D 477 17.85 -8.46 21.87
C LEU D 477 18.12 -9.71 22.68
N LYS D 478 19.04 -10.55 22.22
CA LYS D 478 19.49 -11.68 23.00
C LYS D 478 20.99 -11.53 23.21
#